data_8Y3L
#
_entry.id   8Y3L
#
_cell.length_a   1.00
_cell.length_b   1.00
_cell.length_c   1.00
_cell.angle_alpha   90.00
_cell.angle_beta   90.00
_cell.angle_gamma   90.00
#
_symmetry.space_group_name_H-M   'P 1'
#
loop_
_entity.id
_entity.type
_entity.pdbx_description
1 polymer 'Envelope protein'
2 polymer 'Membrane polyprotein'
3 polymer 'Human antibody C10 Fab (heavy chain)'
4 polymer 'Human antibody C10 Fab (light chain)'
5 non-polymer 2-acetamido-2-deoxy-beta-D-glucopyranose
#
loop_
_entity_poly.entity_id
_entity_poly.type
_entity_poly.pdbx_seq_one_letter_code
_entity_poly.pdbx_strand_id
1 'polypeptide(L)'
;MRCIGISNRDFVEGVSGGSWVDIVLEHGSCVTTMAKNKPTLDFELIKTEAKHPATLRKYCIEAKLTNTTTASRCPTQGEP
SLNEEQDKRFVCKHSMVDRGWGNGCGLFGKGGIVTCAMFTCKKNMEGKIVQPENLEYTIVITPHSGEENAVGNDTGKHGK
EIKVTPQSSITEAELTGYGTVTMECSPRTGLDFNEMVLLQMENKAWLVHRQWFLDLPLPWLPGADTQGSNWIQKETLVTF
KNPHAKKQDVVVLGSQEGAMHTALTGATEIQMSSGNLLFTGHLKCRLRMDKLQLKGMSYSMCTGKFKVVKEIAETQHGTI
VIRVQYEGDGSPCKIPFEIMDLEKRHVLGRLITVNPIVTEKDSPVNIEAEPPFGDSYIIIGVEPGQLKLSWFKKGSSIGQ
MFETTMRGAKRMAILGDTAWDFGSLGGVFTSIGKALHQVFGAIYGAAFSGVSWTMKILIGVVITWIGMNSRSTSLSVSLV
LVGVVTLYLGVMVQA
;
A,C,E
2 'polypeptide(L)' SVALVPHVGMGLETRTETWMSSEGAWKHAQRIETWVLRHPGFTIMAAILAYTIGTTYFQRVLIFILLTAVAPSMT B,D,F
3 'polypeptide(L)'
;EVQLVESGAEVKKPGASVKVSCKASGYTFTSYAMHWVRQAPGQRLEWMGWINAGNGNTKYSQKFQDRVTITRDTSASTAY
MELSSLRSEDTAIYYCARDKVDDYGDYWFPTLWYFDYWGQGTLVTVS
;
G,K
4 'polypeptide(L)'
;SQSALTQPASVSGSPGQSITISCTGTSSDVGGFNYVSWFQQHPGKAPKLMLYDVTSRPSGVSSRFSGSKSGNTASLTISG
LQAEDEADYYCSSHTSRGTWVFGGGTKLTVL
;
H,L
#
# COMPACT_ATOMS: atom_id res chain seq x y z
N MET A 1 -40.66 -7.74 -36.11
CA MET A 1 -40.08 -9.08 -36.13
C MET A 1 -38.92 -9.17 -35.15
N ARG A 2 -39.08 -10.00 -34.12
CA ARG A 2 -38.14 -10.25 -33.02
C ARG A 2 -38.18 -9.14 -31.98
N CYS A 3 -39.00 -8.12 -32.14
CA CYS A 3 -38.98 -6.99 -31.23
C CYS A 3 -40.36 -6.65 -30.70
N ILE A 4 -41.38 -7.40 -31.09
CA ILE A 4 -42.75 -7.15 -30.66
C ILE A 4 -43.01 -7.97 -29.40
N GLY A 5 -43.55 -7.34 -28.38
CA GLY A 5 -43.83 -8.00 -27.12
C GLY A 5 -42.70 -7.96 -26.12
N ILE A 6 -41.63 -7.21 -26.39
CA ILE A 6 -40.56 -7.08 -25.41
C ILE A 6 -40.96 -6.12 -24.30
N SER A 7 -41.79 -5.13 -24.62
CA SER A 7 -42.31 -4.14 -23.68
C SER A 7 -41.26 -3.11 -23.30
N ASN A 8 -40.01 -3.28 -23.72
CA ASN A 8 -38.97 -2.28 -23.53
C ASN A 8 -38.45 -1.88 -24.91
N ARG A 9 -39.40 -1.75 -25.83
CA ARG A 9 -39.13 -1.51 -27.24
C ARG A 9 -39.27 -0.03 -27.53
N ASP A 10 -38.25 0.55 -28.16
CA ASP A 10 -38.26 1.95 -28.55
C ASP A 10 -38.29 2.05 -30.06
N PHE A 11 -38.89 3.13 -30.55
CA PHE A 11 -39.05 3.38 -31.98
C PHE A 11 -38.21 4.59 -32.36
N VAL A 12 -37.14 4.36 -33.11
CA VAL A 12 -36.31 5.43 -33.65
C VAL A 12 -36.77 5.73 -35.07
N GLU A 13 -37.23 6.95 -35.30
CA GLU A 13 -37.74 7.35 -36.60
C GLU A 13 -36.86 8.42 -37.21
N GLY A 14 -36.39 8.17 -38.43
CA GLY A 14 -35.69 9.19 -39.19
C GLY A 14 -34.18 9.11 -39.03
N VAL A 15 -33.48 9.50 -40.09
CA VAL A 15 -32.03 9.63 -40.10
C VAL A 15 -31.69 11.02 -40.61
N SER A 16 -30.53 11.51 -40.19
CA SER A 16 -30.08 12.85 -40.56
C SER A 16 -29.46 12.85 -41.95
N GLY A 17 -29.08 14.04 -42.39
CA GLY A 17 -28.25 14.15 -43.58
C GLY A 17 -26.99 13.33 -43.39
N GLY A 18 -26.78 12.34 -44.24
CA GLY A 18 -25.76 11.35 -44.02
C GLY A 18 -26.29 9.96 -43.73
N SER A 19 -27.59 9.83 -43.42
CA SER A 19 -28.24 8.55 -43.27
C SER A 19 -27.68 7.76 -42.09
N TRP A 20 -27.41 8.46 -40.99
CA TRP A 20 -27.00 7.83 -39.75
C TRP A 20 -27.90 8.31 -38.63
N VAL A 21 -28.10 7.45 -37.64
CA VAL A 21 -28.90 7.76 -36.46
C VAL A 21 -28.19 7.18 -35.25
N ASP A 22 -28.19 7.94 -34.15
CA ASP A 22 -27.57 7.51 -32.90
C ASP A 22 -28.59 6.74 -32.07
N ILE A 23 -28.29 5.48 -31.76
CA ILE A 23 -29.16 4.63 -30.96
C ILE A 23 -28.36 4.06 -29.80
N VAL A 24 -28.94 4.10 -28.61
CA VAL A 24 -28.38 3.44 -27.44
C VAL A 24 -29.08 2.10 -27.29
N LEU A 25 -28.30 1.03 -27.25
CA LEU A 25 -28.82 -0.32 -27.07
C LEU A 25 -28.61 -0.74 -25.62
N GLU A 26 -29.61 -1.39 -25.05
CA GLU A 26 -29.55 -1.89 -23.69
C GLU A 26 -29.86 -3.37 -23.66
N HIS A 27 -29.36 -4.04 -22.62
CA HIS A 27 -29.72 -5.43 -22.39
C HIS A 27 -31.16 -5.51 -21.90
N GLY A 28 -31.92 -6.43 -22.48
CA GLY A 28 -33.32 -6.58 -22.15
C GLY A 28 -34.25 -5.64 -22.87
N SER A 29 -33.73 -4.71 -23.66
CA SER A 29 -34.52 -3.83 -24.50
C SER A 29 -34.27 -4.15 -25.96
N CYS A 30 -35.07 -3.53 -26.82
CA CYS A 30 -34.92 -3.66 -28.25
C CYS A 30 -35.28 -2.33 -28.89
N VAL A 31 -34.59 -2.00 -29.98
CA VAL A 31 -34.83 -0.77 -30.72
C VAL A 31 -35.20 -1.14 -32.14
N THR A 32 -36.27 -0.54 -32.65
CA THR A 32 -36.70 -0.69 -34.03
C THR A 32 -36.58 0.66 -34.72
N THR A 33 -35.82 0.72 -35.80
CA THR A 33 -35.48 1.95 -36.49
C THR A 33 -36.20 2.01 -37.82
N MET A 34 -36.84 3.15 -38.09
CA MET A 34 -37.58 3.37 -39.33
C MET A 34 -37.12 4.67 -39.97
N ALA A 35 -36.93 4.64 -41.28
CA ALA A 35 -36.62 5.84 -42.04
C ALA A 35 -37.25 5.71 -43.42
N LYS A 36 -37.50 6.86 -44.04
CA LYS A 36 -38.11 6.89 -45.36
C LYS A 36 -37.30 6.06 -46.34
N ASN A 37 -38.00 5.19 -47.09
CA ASN A 37 -37.41 4.42 -48.16
C ASN A 37 -36.38 3.41 -47.68
N LYS A 38 -36.43 3.04 -46.40
CA LYS A 38 -35.50 2.07 -45.87
C LYS A 38 -36.24 1.02 -45.06
N PRO A 39 -35.76 -0.21 -45.05
CA PRO A 39 -36.45 -1.26 -44.29
C PRO A 39 -36.43 -0.98 -42.80
N THR A 40 -37.46 -1.43 -42.10
CA THR A 40 -37.49 -1.34 -40.65
C THR A 40 -36.68 -2.49 -40.08
N LEU A 41 -35.74 -2.16 -39.19
CA LEU A 41 -34.87 -3.15 -38.59
C LEU A 41 -35.07 -3.16 -37.08
N ASP A 42 -34.80 -4.32 -36.48
CA ASP A 42 -34.85 -4.49 -35.03
C ASP A 42 -33.44 -4.77 -34.53
N PHE A 43 -33.01 -3.99 -33.54
CA PHE A 43 -31.68 -4.10 -32.98
C PHE A 43 -31.80 -4.47 -31.50
N GLU A 44 -30.92 -5.36 -31.05
CA GLU A 44 -30.96 -5.79 -29.66
C GLU A 44 -29.57 -6.23 -29.22
N LEU A 45 -29.08 -5.61 -28.16
CA LEU A 45 -27.89 -6.08 -27.46
C LEU A 45 -28.28 -7.30 -26.65
N ILE A 46 -27.73 -8.46 -27.02
CA ILE A 46 -28.11 -9.72 -26.38
C ILE A 46 -26.97 -10.36 -25.61
N LYS A 47 -25.81 -9.74 -25.55
CA LYS A 47 -24.70 -10.34 -24.82
C LYS A 47 -23.56 -9.34 -24.69
N THR A 48 -23.00 -9.28 -23.49
CA THR A 48 -21.71 -8.63 -23.25
C THR A 48 -20.81 -9.68 -22.62
N GLU A 49 -19.71 -10.00 -23.27
CA GLU A 49 -18.80 -11.01 -22.79
C GLU A 49 -17.45 -10.39 -22.45
N ALA A 50 -17.01 -10.59 -21.22
CA ALA A 50 -15.68 -10.17 -20.79
C ALA A 50 -14.77 -11.39 -20.83
N LYS A 51 -13.66 -11.28 -21.55
CA LYS A 51 -12.80 -12.41 -21.83
C LYS A 51 -11.49 -12.27 -21.09
N HIS A 52 -10.95 -13.42 -20.68
CA HIS A 52 -9.65 -13.49 -20.01
C HIS A 52 -9.51 -12.44 -18.92
N PRO A 53 -10.39 -12.45 -17.92
CA PRO A 53 -10.24 -11.52 -16.80
C PRO A 53 -9.15 -11.98 -15.84
N ALA A 54 -8.46 -11.01 -15.25
CA ALA A 54 -7.43 -11.28 -14.26
C ALA A 54 -8.01 -11.11 -12.86
N THR A 55 -7.78 -12.09 -12.01
CA THR A 55 -8.27 -12.03 -10.64
C THR A 55 -7.53 -10.93 -9.88
N LEU A 56 -8.29 -10.06 -9.20
CA LEU A 56 -7.71 -8.94 -8.49
C LEU A 56 -7.49 -9.21 -7.01
N ARG A 57 -8.31 -10.04 -6.39
CA ARG A 57 -8.23 -10.26 -4.95
C ARG A 57 -9.14 -11.41 -4.57
N LYS A 58 -8.67 -12.25 -3.66
CA LYS A 58 -9.49 -13.31 -3.08
C LYS A 58 -9.92 -12.90 -1.68
N TYR A 59 -11.17 -13.22 -1.34
CA TYR A 59 -11.73 -12.89 -0.03
C TYR A 59 -12.17 -14.16 0.66
N CYS A 60 -11.93 -14.22 1.97
CA CYS A 60 -12.31 -15.39 2.76
C CYS A 60 -13.71 -15.18 3.32
N ILE A 61 -14.63 -16.07 2.98
CA ILE A 61 -15.97 -16.04 3.54
C ILE A 61 -16.21 -17.17 4.54
N GLU A 62 -15.41 -18.23 4.51
CA GLU A 62 -15.58 -19.35 5.42
C GLU A 62 -14.20 -19.89 5.77
N ALA A 63 -13.75 -19.63 6.99
CA ALA A 63 -12.46 -20.08 7.48
C ALA A 63 -12.65 -21.12 8.58
N LYS A 64 -11.53 -21.53 9.17
CA LYS A 64 -11.54 -22.36 10.36
C LYS A 64 -10.24 -22.14 11.12
N LEU A 65 -10.25 -22.50 12.40
CA LEU A 65 -9.08 -22.36 13.27
C LEU A 65 -8.63 -23.73 13.74
N THR A 66 -7.31 -23.91 13.80
CA THR A 66 -6.74 -25.16 14.26
C THR A 66 -5.40 -24.88 14.94
N ASN A 67 -4.90 -25.88 15.65
CA ASN A 67 -3.59 -25.80 16.31
C ASN A 67 -3.53 -24.62 17.27
N THR A 68 -4.62 -24.38 17.99
CA THR A 68 -4.65 -23.29 18.95
C THR A 68 -3.59 -23.49 20.01
N THR A 69 -2.85 -22.42 20.29
CA THR A 69 -1.82 -22.43 21.32
C THR A 69 -1.95 -21.16 22.15
N THR A 70 -1.45 -21.23 23.38
CA THR A 70 -1.51 -20.10 24.28
C THR A 70 -0.25 -20.09 25.14
N ALA A 71 0.14 -18.90 25.58
CA ALA A 71 1.28 -18.74 26.45
C ALA A 71 1.05 -17.53 27.35
N SER A 72 1.54 -17.60 28.57
CA SER A 72 1.35 -16.55 29.54
C SER A 72 2.69 -16.17 30.14
N ARG A 73 2.77 -14.94 30.62
CA ARG A 73 3.93 -14.47 31.36
C ARG A 73 3.46 -13.88 32.68
N CYS A 74 4.29 -14.06 33.71
CA CYS A 74 3.93 -13.57 35.02
C CYS A 74 3.82 -12.06 34.99
N PRO A 75 3.02 -11.48 35.89
CA PRO A 75 2.78 -10.03 35.83
C PRO A 75 4.08 -9.24 35.88
N THR A 76 4.09 -8.13 35.15
CA THR A 76 5.19 -7.17 35.08
C THR A 76 6.48 -7.78 34.53
N GLN A 77 6.41 -8.95 33.87
CA GLN A 77 7.57 -9.54 33.22
C GLN A 77 7.51 -9.41 31.70
N GLY A 78 6.62 -8.59 31.17
CA GLY A 78 6.58 -8.35 29.74
C GLY A 78 5.47 -9.07 29.02
N GLU A 79 5.78 -9.62 27.84
CA GLU A 79 4.80 -10.28 27.00
C GLU A 79 5.14 -11.75 26.83
N PRO A 80 4.14 -12.61 26.70
CA PRO A 80 4.41 -14.00 26.34
C PRO A 80 4.90 -14.08 24.91
N SER A 81 5.65 -15.14 24.62
CA SER A 81 6.19 -15.35 23.28
C SER A 81 5.80 -16.74 22.79
N LEU A 82 5.17 -16.78 21.62
CA LEU A 82 4.81 -18.03 20.96
C LEU A 82 5.58 -18.14 19.66
N ASN A 83 6.09 -19.34 19.37
CA ASN A 83 6.73 -19.58 18.08
C ASN A 83 5.73 -19.41 16.94
N GLU A 84 4.50 -19.85 17.14
CA GLU A 84 3.48 -19.76 16.10
C GLU A 84 3.23 -18.32 15.67
N GLU A 85 3.55 -17.36 16.53
CA GLU A 85 3.44 -15.96 16.19
C GLU A 85 4.42 -15.54 15.10
N GLN A 86 5.37 -16.42 14.76
CA GLN A 86 6.39 -16.10 13.77
C GLN A 86 5.85 -16.06 12.35
N ASP A 87 4.87 -16.90 12.02
CA ASP A 87 4.33 -16.94 10.67
C ASP A 87 2.89 -16.48 10.66
N LYS A 88 2.50 -15.86 9.56
CA LYS A 88 1.25 -15.13 9.46
C LYS A 88 0.05 -16.01 9.16
N ARG A 89 0.26 -17.32 8.99
CA ARG A 89 -0.87 -18.24 8.93
C ARG A 89 -1.64 -18.25 10.23
N PHE A 90 -0.93 -18.13 11.35
CA PHE A 90 -1.55 -18.14 12.68
C PHE A 90 -2.07 -16.75 13.01
N VAL A 91 -3.35 -16.68 13.37
CA VAL A 91 -3.95 -15.44 13.86
C VAL A 91 -3.76 -15.40 15.37
N CYS A 92 -3.22 -14.27 15.86
CA CYS A 92 -2.84 -14.16 17.26
C CYS A 92 -3.45 -12.90 17.87
N LYS A 93 -3.49 -12.88 19.20
CA LYS A 93 -3.86 -11.69 19.94
C LYS A 93 -3.25 -11.74 21.33
N HIS A 94 -2.91 -10.57 21.85
CA HIS A 94 -2.34 -10.43 23.18
C HIS A 94 -3.40 -9.88 24.12
N SER A 95 -3.37 -10.36 25.36
CA SER A 95 -4.35 -9.96 26.36
C SER A 95 -3.76 -10.19 27.74
N MET A 96 -4.42 -9.60 28.73
CA MET A 96 -3.99 -9.70 30.13
C MET A 96 -5.01 -10.49 30.94
N VAL A 97 -4.52 -11.49 31.66
CA VAL A 97 -5.32 -12.29 32.59
C VAL A 97 -4.66 -12.23 33.95
N ASP A 98 -5.44 -11.96 34.99
CA ASP A 98 -4.88 -11.87 36.33
C ASP A 98 -4.24 -13.19 36.73
N ARG A 99 -3.10 -13.09 37.41
CA ARG A 99 -2.35 -14.26 37.84
C ARG A 99 -1.84 -14.03 39.25
N GLY A 100 -1.61 -15.12 39.95
CA GLY A 100 -1.18 -15.07 41.33
C GLY A 100 -0.60 -16.38 41.75
N TRP A 101 -0.65 -16.66 43.06
CA TRP A 101 -0.06 -17.87 43.58
C TRP A 101 -0.79 -19.12 43.08
N GLY A 102 -2.10 -19.01 42.84
CA GLY A 102 -2.85 -20.17 42.38
C GLY A 102 -2.44 -20.64 40.99
N ASN A 103 -2.27 -19.69 40.06
CA ASN A 103 -1.88 -20.06 38.71
C ASN A 103 -0.49 -20.67 38.68
N GLY A 104 0.45 -20.13 39.46
CA GLY A 104 1.84 -20.52 39.41
C GLY A 104 2.80 -19.35 39.39
N CYS A 105 2.31 -18.12 39.38
CA CYS A 105 3.16 -16.94 39.38
C CYS A 105 3.44 -16.49 40.81
N GLY A 106 4.61 -15.89 41.01
CA GLY A 106 5.03 -15.50 42.34
C GLY A 106 4.45 -14.20 42.84
N LEU A 107 3.90 -13.38 41.95
CA LEU A 107 3.29 -12.12 42.34
C LEU A 107 1.94 -11.97 41.65
N PHE A 108 1.12 -11.08 42.20
CA PHE A 108 -0.27 -10.91 41.78
C PHE A 108 -0.41 -9.73 40.84
N GLY A 109 -1.23 -9.89 39.82
CA GLY A 109 -1.45 -8.84 38.85
C GLY A 109 -1.91 -9.43 37.52
N LYS A 110 -1.93 -8.57 36.51
CA LYS A 110 -2.38 -8.94 35.18
C LYS A 110 -1.20 -9.42 34.36
N GLY A 111 -1.09 -10.74 34.19
CA GLY A 111 -0.04 -11.32 33.39
C GLY A 111 -0.45 -11.39 31.93
N GLY A 112 0.51 -11.15 31.04
CA GLY A 112 0.22 -11.20 29.62
C GLY A 112 -0.08 -12.61 29.15
N ILE A 113 -0.90 -12.70 28.11
CA ILE A 113 -1.24 -13.97 27.48
C ILE A 113 -1.41 -13.73 26.00
N VAL A 114 -1.07 -14.75 25.21
CA VAL A 114 -1.19 -14.67 23.76
C VAL A 114 -1.75 -15.98 23.24
N THR A 115 -2.76 -15.90 22.38
CA THR A 115 -3.41 -17.06 21.80
C THR A 115 -3.16 -17.05 20.30
N CYS A 116 -2.79 -18.19 19.74
CA CYS A 116 -2.47 -18.31 18.32
C CYS A 116 -3.08 -19.59 17.78
N ALA A 117 -3.98 -19.46 16.81
CA ALA A 117 -4.57 -20.60 16.13
C ALA A 117 -4.32 -20.45 14.63
N MET A 118 -4.10 -21.58 13.96
CA MET A 118 -3.91 -21.54 12.52
C MET A 118 -5.21 -21.15 11.83
N PHE A 119 -5.10 -20.30 10.83
CA PHE A 119 -6.24 -19.77 10.09
C PHE A 119 -6.22 -20.37 8.69
N THR A 120 -7.30 -21.07 8.33
CA THR A 120 -7.45 -21.67 7.02
C THR A 120 -8.78 -21.26 6.41
N CYS A 121 -8.76 -20.93 5.12
CA CYS A 121 -9.96 -20.53 4.40
C CYS A 121 -10.61 -21.76 3.78
N LYS A 122 -11.88 -21.97 4.11
CA LYS A 122 -12.64 -23.06 3.52
C LYS A 122 -13.38 -22.65 2.25
N LYS A 123 -13.75 -21.37 2.15
CA LYS A 123 -14.47 -20.87 0.99
C LYS A 123 -14.08 -19.41 0.76
N ASN A 124 -13.79 -19.07 -0.49
CA ASN A 124 -13.40 -17.71 -0.83
C ASN A 124 -14.19 -17.25 -2.05
N MET A 125 -14.40 -15.94 -2.14
CA MET A 125 -15.04 -15.31 -3.27
C MET A 125 -14.00 -14.51 -4.04
N GLU A 126 -13.89 -14.78 -5.34
CA GLU A 126 -12.85 -14.22 -6.18
C GLU A 126 -13.40 -13.02 -6.93
N GLY A 127 -12.71 -11.89 -6.84
CA GLY A 127 -13.06 -10.71 -7.58
C GLY A 127 -12.10 -10.49 -8.74
N LYS A 128 -12.64 -10.47 -9.95
CA LYS A 128 -11.83 -10.39 -11.16
C LYS A 128 -12.00 -9.03 -11.82
N ILE A 129 -11.05 -8.72 -12.70
CA ILE A 129 -11.05 -7.48 -13.45
C ILE A 129 -10.88 -7.80 -14.92
N VAL A 130 -11.46 -6.96 -15.77
CA VAL A 130 -11.38 -7.16 -17.22
C VAL A 130 -11.07 -5.81 -17.86
N GLN A 131 -10.15 -5.83 -18.82
CA GLN A 131 -9.79 -4.61 -19.52
C GLN A 131 -10.90 -4.19 -20.48
N PRO A 132 -11.16 -2.89 -20.59
CA PRO A 132 -12.21 -2.44 -21.51
C PRO A 132 -11.97 -2.89 -22.94
N GLU A 133 -10.77 -3.34 -23.27
CA GLU A 133 -10.45 -3.84 -24.60
C GLU A 133 -10.67 -5.33 -24.75
N ASN A 134 -11.16 -6.01 -23.71
CA ASN A 134 -11.43 -7.44 -23.78
C ASN A 134 -12.91 -7.76 -23.69
N LEU A 135 -13.78 -6.77 -23.93
CA LEU A 135 -15.21 -6.99 -24.00
C LEU A 135 -15.61 -7.32 -25.44
N GLU A 136 -16.69 -8.09 -25.58
CA GLU A 136 -17.20 -8.47 -26.90
C GLU A 136 -18.73 -8.40 -26.84
N TYR A 137 -19.28 -7.26 -27.19
CA TYR A 137 -20.73 -7.11 -27.28
C TYR A 137 -21.25 -7.84 -28.51
N THR A 138 -22.40 -8.49 -28.34
CA THR A 138 -23.10 -9.13 -29.44
C THR A 138 -24.41 -8.41 -29.69
N ILE A 139 -24.71 -8.13 -30.95
CA ILE A 139 -25.94 -7.48 -31.36
C ILE A 139 -26.58 -8.29 -32.45
N VAL A 140 -27.88 -8.54 -32.32
CA VAL A 140 -28.67 -9.22 -33.34
C VAL A 140 -29.47 -8.15 -34.08
N ILE A 141 -29.32 -8.11 -35.41
CA ILE A 141 -30.05 -7.19 -36.25
C ILE A 141 -31.11 -7.98 -36.99
N THR A 142 -32.37 -7.64 -36.77
CA THR A 142 -33.49 -8.36 -37.36
C THR A 142 -34.27 -7.44 -38.28
N PRO A 143 -34.29 -7.69 -39.58
CA PRO A 143 -35.17 -6.92 -40.46
C PRO A 143 -36.62 -7.35 -40.30
N HIS A 144 -37.53 -6.38 -40.44
CA HIS A 144 -38.96 -6.67 -40.52
C HIS A 144 -39.31 -7.26 -41.89
N SER A 145 -38.78 -8.47 -42.13
CA SER A 145 -39.06 -9.17 -43.37
C SER A 145 -40.47 -9.72 -43.42
N GLY A 146 -41.20 -9.72 -42.31
CA GLY A 146 -42.51 -10.31 -42.26
C GLY A 146 -42.54 -11.81 -42.26
N GLU A 147 -41.39 -12.45 -42.05
CA GLU A 147 -41.35 -13.91 -42.01
C GLU A 147 -42.34 -14.44 -40.98
N GLU A 148 -42.75 -15.69 -41.17
CA GLU A 148 -43.78 -16.27 -40.31
C GLU A 148 -43.34 -16.31 -38.87
N ASN A 149 -42.14 -16.83 -38.62
CA ASN A 149 -41.65 -17.02 -37.26
C ASN A 149 -40.85 -15.82 -36.74
N ALA A 150 -40.73 -14.76 -37.53
CA ALA A 150 -39.91 -13.62 -37.15
C ALA A 150 -40.39 -12.96 -35.85
N VAL A 151 -41.65 -13.16 -35.48
CA VAL A 151 -42.15 -12.56 -34.24
C VAL A 151 -41.41 -13.12 -33.04
N GLY A 152 -41.19 -14.43 -33.01
CA GLY A 152 -40.44 -15.05 -31.94
C GLY A 152 -39.01 -14.54 -31.89
N ASN A 153 -38.71 -13.74 -30.87
CA ASN A 153 -37.44 -13.03 -30.84
C ASN A 153 -36.29 -13.91 -30.36
N ASP A 154 -36.56 -14.83 -29.44
CA ASP A 154 -35.49 -15.51 -28.72
C ASP A 154 -34.54 -16.24 -29.66
N THR A 155 -35.09 -16.90 -30.68
CA THR A 155 -34.25 -17.69 -31.57
C THR A 155 -33.25 -16.82 -32.31
N GLY A 156 -33.73 -15.76 -32.96
CA GLY A 156 -32.83 -14.90 -33.73
C GLY A 156 -32.06 -15.66 -34.78
N LYS A 157 -32.70 -16.62 -35.45
CA LYS A 157 -32.01 -17.44 -36.43
C LYS A 157 -31.72 -16.67 -37.71
N HIS A 158 -32.71 -15.94 -38.23
CA HIS A 158 -32.56 -15.22 -39.48
C HIS A 158 -32.10 -13.78 -39.28
N GLY A 159 -31.99 -13.32 -38.04
CA GLY A 159 -31.36 -12.06 -37.75
C GLY A 159 -29.85 -12.22 -37.73
N LYS A 160 -29.15 -11.28 -38.36
CA LYS A 160 -27.70 -11.31 -38.40
C LYS A 160 -27.15 -10.95 -37.02
N GLU A 161 -26.17 -11.74 -36.55
CA GLU A 161 -25.53 -11.48 -35.27
C GLU A 161 -24.12 -10.96 -35.52
N ILE A 162 -23.87 -9.73 -35.08
CA ILE A 162 -22.58 -9.07 -35.24
C ILE A 162 -21.94 -8.90 -33.87
N LYS A 163 -20.64 -9.13 -33.80
CA LYS A 163 -19.88 -9.00 -32.56
C LYS A 163 -19.13 -7.67 -32.59
N VAL A 164 -19.49 -6.76 -31.69
CA VAL A 164 -18.87 -5.46 -31.58
C VAL A 164 -17.73 -5.55 -30.56
N THR A 165 -16.55 -5.13 -30.97
CA THR A 165 -15.38 -5.12 -30.12
C THR A 165 -14.70 -3.77 -30.22
N PRO A 166 -13.99 -3.35 -29.16
CA PRO A 166 -13.25 -2.09 -29.24
C PRO A 166 -12.09 -2.11 -30.23
N GLN A 167 -11.74 -3.28 -30.78
CA GLN A 167 -10.64 -3.34 -31.74
C GLN A 167 -10.97 -2.54 -32.99
N SER A 168 -12.19 -2.64 -33.51
CA SER A 168 -12.61 -1.91 -34.69
C SER A 168 -13.88 -1.14 -34.39
N SER A 169 -13.88 0.14 -34.73
CA SER A 169 -15.03 0.99 -34.47
C SER A 169 -16.20 0.73 -35.40
N ILE A 170 -15.99 0.02 -36.50
CA ILE A 170 -16.99 -0.15 -37.54
C ILE A 170 -17.32 -1.62 -37.68
N THR A 171 -18.62 -1.94 -37.61
CA THR A 171 -19.13 -3.29 -37.82
C THR A 171 -20.11 -3.26 -38.97
N GLU A 172 -19.92 -4.15 -39.94
CA GLU A 172 -20.77 -4.20 -41.14
C GLU A 172 -21.50 -5.53 -41.17
N ALA A 173 -22.83 -5.47 -41.26
CA ALA A 173 -23.68 -6.64 -41.35
C ALA A 173 -24.37 -6.65 -42.69
N GLU A 174 -24.30 -7.77 -43.39
CA GLU A 174 -24.93 -7.92 -44.71
C GLU A 174 -26.24 -8.67 -44.53
N LEU A 175 -27.35 -7.93 -44.60
CA LEU A 175 -28.68 -8.52 -44.53
C LEU A 175 -29.11 -8.89 -45.94
N THR A 176 -29.32 -10.18 -46.18
CA THR A 176 -29.62 -10.63 -47.54
C THR A 176 -30.85 -9.93 -48.08
N GLY A 177 -30.76 -9.44 -49.31
CA GLY A 177 -31.84 -8.72 -49.94
C GLY A 177 -32.01 -7.29 -49.49
N TYR A 178 -31.43 -6.90 -48.35
CA TYR A 178 -31.56 -5.56 -47.81
C TYR A 178 -30.29 -4.73 -47.96
N GLY A 179 -29.22 -5.29 -48.50
CA GLY A 179 -27.96 -4.58 -48.57
C GLY A 179 -27.08 -4.88 -47.37
N THR A 180 -26.51 -3.83 -46.78
CA THR A 180 -25.70 -3.96 -45.59
C THR A 180 -26.03 -2.84 -44.62
N VAL A 181 -25.80 -3.09 -43.34
CA VAL A 181 -25.97 -2.09 -42.30
C VAL A 181 -24.62 -1.92 -41.60
N THR A 182 -24.23 -0.68 -41.37
CA THR A 182 -22.96 -0.37 -40.73
C THR A 182 -23.21 0.21 -39.35
N MET A 183 -22.58 -0.39 -38.35
CA MET A 183 -22.71 0.04 -36.95
C MET A 183 -21.36 0.54 -36.47
N GLU A 184 -21.34 1.74 -35.92
CA GLU A 184 -20.14 2.31 -35.32
C GLU A 184 -20.42 2.46 -33.83
N CYS A 185 -20.16 1.39 -33.09
CA CYS A 185 -20.48 1.33 -31.67
C CYS A 185 -19.29 1.77 -30.84
N SER A 186 -19.56 2.11 -29.57
CA SER A 186 -18.56 2.65 -28.67
C SER A 186 -18.54 1.81 -27.40
N PRO A 187 -17.89 0.65 -27.42
CA PRO A 187 -17.82 -0.18 -26.22
C PRO A 187 -17.05 0.45 -25.07
N ARG A 188 -16.20 1.44 -25.34
CA ARG A 188 -15.36 2.01 -24.31
C ARG A 188 -16.12 2.94 -23.37
N THR A 189 -17.13 3.64 -23.87
CA THR A 189 -17.91 4.57 -23.06
C THR A 189 -19.18 3.90 -22.54
N GLY A 190 -19.12 2.60 -22.27
CA GLY A 190 -20.27 1.86 -21.83
C GLY A 190 -20.36 1.74 -20.33
N LEU A 191 -19.98 0.58 -19.80
CA LEU A 191 -20.11 0.29 -18.38
C LEU A 191 -18.86 0.61 -17.57
N ASP A 192 -17.78 1.06 -18.22
CA ASP A 192 -16.54 1.49 -17.55
C ASP A 192 -15.96 0.35 -16.71
N PHE A 193 -15.53 -0.69 -17.41
CA PHE A 193 -15.00 -1.88 -16.74
C PHE A 193 -13.64 -1.66 -16.11
N ASN A 194 -13.03 -0.47 -16.26
CA ASN A 194 -11.84 -0.15 -15.50
C ASN A 194 -12.14 0.18 -14.05
N GLU A 195 -13.41 0.40 -13.70
CA GLU A 195 -13.82 0.81 -12.37
C GLU A 195 -14.75 -0.19 -11.71
N MET A 196 -14.80 -1.42 -12.22
CA MET A 196 -15.72 -2.42 -11.72
C MET A 196 -15.01 -3.75 -11.61
N VAL A 197 -15.52 -4.60 -10.72
CA VAL A 197 -14.98 -5.92 -10.48
C VAL A 197 -16.04 -6.95 -10.84
N LEU A 198 -15.60 -8.14 -11.24
CA LEU A 198 -16.48 -9.25 -11.52
C LEU A 198 -16.41 -10.21 -10.33
N LEU A 199 -17.18 -9.89 -9.30
CA LEU A 199 -17.17 -10.68 -8.07
C LEU A 199 -17.99 -11.94 -8.28
N GLN A 200 -17.36 -13.09 -8.11
CA GLN A 200 -18.04 -14.38 -8.21
C GLN A 200 -17.86 -15.13 -6.90
N MET A 201 -18.96 -15.68 -6.38
CA MET A 201 -18.96 -16.33 -5.07
C MET A 201 -19.92 -17.52 -5.13
N GLU A 202 -19.35 -18.73 -5.20
CA GLU A 202 -20.12 -19.96 -5.10
C GLU A 202 -21.20 -20.04 -6.18
N ASN A 203 -20.72 -20.12 -7.43
CA ASN A 203 -21.54 -20.29 -8.62
C ASN A 203 -22.55 -19.17 -8.83
N LYS A 204 -22.32 -18.01 -8.22
CA LYS A 204 -23.07 -16.80 -8.56
C LYS A 204 -22.08 -15.66 -8.69
N ALA A 205 -22.30 -14.79 -9.66
CA ALA A 205 -21.40 -13.69 -9.95
C ALA A 205 -22.15 -12.38 -9.89
N TRP A 206 -21.45 -11.32 -9.51
CA TRP A 206 -22.01 -9.98 -9.45
C TRP A 206 -21.05 -9.00 -10.11
N LEU A 207 -21.60 -7.93 -10.64
CA LEU A 207 -20.83 -6.82 -11.18
C LEU A 207 -20.86 -5.70 -10.16
N VAL A 208 -19.75 -5.52 -9.45
CA VAL A 208 -19.71 -4.65 -8.29
C VAL A 208 -18.81 -3.44 -8.59
N HIS A 209 -18.89 -2.45 -7.71
CA HIS A 209 -17.98 -1.32 -7.77
C HIS A 209 -16.61 -1.74 -7.25
N ARG A 210 -15.56 -1.29 -7.94
CA ARG A 210 -14.21 -1.74 -7.58
C ARG A 210 -13.80 -1.23 -6.21
N GLN A 211 -14.05 0.05 -5.91
CA GLN A 211 -13.67 0.57 -4.60
C GLN A 211 -14.47 -0.09 -3.49
N TRP A 212 -15.77 -0.29 -3.71
CA TRP A 212 -16.58 -1.02 -2.75
C TRP A 212 -16.01 -2.42 -2.52
N PHE A 213 -15.63 -3.10 -3.60
CA PHE A 213 -15.09 -4.44 -3.48
C PHE A 213 -13.78 -4.45 -2.69
N LEU A 214 -12.94 -3.43 -2.88
CA LEU A 214 -11.69 -3.34 -2.14
C LEU A 214 -11.88 -2.83 -0.73
N ASP A 215 -13.06 -2.34 -0.38
CA ASP A 215 -13.40 -1.93 0.97
C ASP A 215 -13.99 -3.05 1.82
N LEU A 216 -14.08 -4.26 1.28
CA LEU A 216 -14.80 -5.33 1.98
C LEU A 216 -14.05 -5.74 3.23
N PRO A 217 -14.71 -5.78 4.39
CA PRO A 217 -14.05 -6.20 5.64
C PRO A 217 -14.01 -7.72 5.80
N LEU A 218 -13.22 -8.37 4.95
CA LEU A 218 -12.99 -9.81 5.02
C LEU A 218 -11.50 -10.06 4.86
N PRO A 219 -11.00 -11.19 5.36
CA PRO A 219 -9.61 -11.55 5.05
C PRO A 219 -9.45 -11.81 3.57
N TRP A 220 -8.37 -11.30 3.00
CA TRP A 220 -8.18 -11.35 1.56
C TRP A 220 -6.79 -11.83 1.21
N LEU A 221 -6.66 -12.32 -0.02
CA LEU A 221 -5.41 -12.66 -0.64
C LEU A 221 -5.22 -11.81 -1.89
N PRO A 222 -3.98 -11.48 -2.25
CA PRO A 222 -3.75 -10.76 -3.50
C PRO A 222 -4.26 -11.55 -4.68
N GLY A 223 -4.46 -10.83 -5.80
CA GLY A 223 -4.96 -11.49 -6.99
C GLY A 223 -4.05 -12.60 -7.47
N ALA A 224 -2.74 -12.40 -7.35
CA ALA A 224 -1.75 -13.41 -7.73
C ALA A 224 -1.06 -13.88 -6.46
N ASP A 225 -1.65 -14.87 -5.80
CA ASP A 225 -1.09 -15.47 -4.60
C ASP A 225 -1.15 -16.98 -4.77
N THR A 226 0.01 -17.62 -4.84
CA THR A 226 0.03 -19.05 -5.14
C THR A 226 -0.22 -19.88 -3.89
N GLN A 227 0.39 -19.50 -2.76
CA GLN A 227 0.28 -20.32 -1.55
C GLN A 227 -1.15 -20.42 -1.07
N GLY A 228 -1.87 -19.30 -1.04
CA GLY A 228 -3.24 -19.30 -0.59
C GLY A 228 -3.43 -19.24 0.91
N SER A 229 -2.37 -18.95 1.68
CA SER A 229 -2.42 -19.05 3.13
C SER A 229 -2.09 -17.76 3.86
N ASN A 230 -1.59 -16.73 3.17
CA ASN A 230 -1.21 -15.48 3.84
C ASN A 230 -2.37 -14.48 3.76
N TRP A 231 -3.40 -14.75 4.54
CA TRP A 231 -4.58 -13.91 4.55
C TRP A 231 -4.32 -12.63 5.33
N ILE A 232 -4.82 -11.51 4.82
CA ILE A 232 -4.33 -10.22 5.27
C ILE A 232 -5.01 -9.76 6.55
N GLN A 233 -6.32 -9.54 6.51
CA GLN A 233 -7.04 -9.10 7.70
C GLN A 233 -7.88 -10.24 8.26
N LYS A 234 -7.17 -11.25 8.76
CA LYS A 234 -7.81 -12.43 9.33
C LYS A 234 -8.72 -12.06 10.51
N GLU A 235 -8.41 -10.98 11.21
CA GLU A 235 -9.14 -10.62 12.41
C GLU A 235 -10.60 -10.27 12.13
N THR A 236 -10.96 -10.03 10.88
CA THR A 236 -12.36 -9.81 10.53
C THR A 236 -13.19 -11.08 10.54
N LEU A 237 -12.55 -12.25 10.62
CA LEU A 237 -13.26 -13.52 10.58
C LEU A 237 -12.96 -14.38 11.80
N VAL A 238 -12.39 -13.81 12.86
CA VAL A 238 -12.19 -14.52 14.11
C VAL A 238 -12.54 -13.56 15.25
N THR A 239 -12.93 -14.13 16.38
CA THR A 239 -13.22 -13.36 17.58
C THR A 239 -12.44 -13.95 18.75
N PHE A 240 -11.88 -13.10 19.58
CA PHE A 240 -11.09 -13.51 20.73
C PHE A 240 -11.91 -13.26 21.99
N LYS A 241 -11.99 -14.26 22.85
CA LYS A 241 -12.87 -14.22 24.02
C LYS A 241 -12.02 -14.19 25.28
N ASN A 242 -12.23 -13.15 26.09
CA ASN A 242 -11.67 -13.07 27.44
C ASN A 242 -12.78 -12.59 28.37
N PRO A 243 -13.74 -13.46 28.67
CA PRO A 243 -14.94 -13.01 29.37
C PRO A 243 -14.69 -12.47 30.76
N HIS A 244 -13.98 -13.23 31.59
CA HIS A 244 -13.77 -12.89 32.99
C HIS A 244 -12.33 -12.53 33.30
N ALA A 245 -11.49 -12.33 32.29
CA ALA A 245 -10.07 -12.08 32.51
C ALA A 245 -9.42 -13.26 33.23
N LYS A 246 -9.78 -14.47 32.81
CA LYS A 246 -9.20 -15.69 33.33
C LYS A 246 -8.42 -16.46 32.27
N LYS A 247 -9.03 -16.65 31.10
CA LYS A 247 -8.36 -17.29 29.98
C LYS A 247 -8.90 -16.69 28.69
N GLN A 248 -8.12 -16.80 27.63
CA GLN A 248 -8.48 -16.25 26.33
C GLN A 248 -8.62 -17.38 25.31
N ASP A 249 -9.64 -17.26 24.46
CA ASP A 249 -9.90 -18.24 23.43
C ASP A 249 -10.16 -17.53 22.11
N VAL A 250 -9.92 -18.25 21.01
CA VAL A 250 -10.16 -17.75 19.67
C VAL A 250 -11.11 -18.72 18.97
N VAL A 251 -12.17 -18.18 18.37
CA VAL A 251 -13.13 -18.98 17.62
C VAL A 251 -13.36 -18.30 16.27
N VAL A 252 -13.80 -19.11 15.31
CA VAL A 252 -14.06 -18.63 13.96
C VAL A 252 -15.53 -18.24 13.86
N LEU A 253 -15.80 -17.15 13.15
CA LEU A 253 -17.08 -16.47 13.30
C LEU A 253 -18.23 -17.25 12.67
N GLY A 254 -18.05 -17.75 11.46
CA GLY A 254 -19.10 -18.46 10.76
C GLY A 254 -19.15 -18.04 9.31
N SER A 255 -19.69 -18.92 8.47
CA SER A 255 -19.67 -18.68 7.03
C SER A 255 -20.37 -17.36 6.71
N GLN A 256 -19.70 -16.56 5.88
CA GLN A 256 -20.18 -15.22 5.54
C GLN A 256 -20.85 -15.16 4.18
N GLU A 257 -21.31 -16.29 3.66
CA GLU A 257 -21.98 -16.28 2.36
C GLU A 257 -23.28 -15.49 2.42
N GLY A 258 -24.10 -15.73 3.44
CA GLY A 258 -25.34 -15.00 3.55
C GLY A 258 -25.13 -13.51 3.80
N ALA A 259 -24.15 -13.17 4.63
CA ALA A 259 -23.84 -11.76 4.84
C ALA A 259 -23.36 -11.12 3.55
N MET A 260 -22.60 -11.86 2.74
CA MET A 260 -22.17 -11.35 1.44
C MET A 260 -23.36 -11.14 0.51
N HIS A 261 -24.30 -12.07 0.52
CA HIS A 261 -25.52 -11.92 -0.25
C HIS A 261 -26.28 -10.65 0.15
N THR A 262 -26.36 -10.40 1.46
CA THR A 262 -27.00 -9.16 1.92
C THR A 262 -26.21 -7.93 1.48
N ALA A 263 -24.88 -8.02 1.53
CA ALA A 263 -24.04 -6.89 1.12
C ALA A 263 -24.21 -6.58 -0.36
N LEU A 264 -24.53 -7.59 -1.17
CA LEU A 264 -24.64 -7.43 -2.61
C LEU A 264 -26.02 -6.98 -3.06
N THR A 265 -26.75 -6.26 -2.20
CA THR A 265 -28.14 -5.94 -2.48
C THR A 265 -28.28 -5.09 -3.74
N GLY A 266 -27.45 -4.08 -3.89
CA GLY A 266 -27.58 -3.15 -5.00
C GLY A 266 -26.84 -3.53 -6.26
N ALA A 267 -26.15 -4.66 -6.27
CA ALA A 267 -25.38 -5.06 -7.44
C ALA A 267 -26.27 -5.74 -8.47
N THR A 268 -25.76 -5.81 -9.69
CA THR A 268 -26.42 -6.53 -10.77
C THR A 268 -25.77 -7.90 -10.90
N GLU A 269 -26.59 -8.95 -10.92
CA GLU A 269 -26.06 -10.29 -11.05
C GLU A 269 -25.62 -10.56 -12.48
N ILE A 270 -24.56 -11.34 -12.62
CA ILE A 270 -24.00 -11.69 -13.92
C ILE A 270 -23.70 -13.19 -13.91
N GLN A 271 -23.29 -13.69 -15.08
CA GLN A 271 -22.91 -15.08 -15.24
C GLN A 271 -21.40 -15.18 -15.26
N MET A 272 -20.88 -16.21 -14.60
CA MET A 272 -19.44 -16.41 -14.49
C MET A 272 -19.01 -17.85 -14.72
N SER A 273 -19.96 -18.79 -14.83
CA SER A 273 -19.60 -20.21 -14.93
C SER A 273 -19.02 -20.55 -16.30
N SER A 274 -19.80 -20.36 -17.36
CA SER A 274 -19.36 -20.69 -18.71
C SER A 274 -19.05 -19.37 -19.43
N GLY A 275 -17.85 -18.86 -19.20
CA GLY A 275 -17.46 -17.58 -19.75
C GLY A 275 -18.02 -16.44 -18.92
N ASN A 276 -17.36 -15.30 -18.95
CA ASN A 276 -17.75 -14.16 -18.13
C ASN A 276 -18.76 -13.28 -18.88
N LEU A 277 -19.82 -13.93 -19.35
CA LEU A 277 -20.86 -13.27 -20.12
C LEU A 277 -21.87 -12.66 -19.15
N LEU A 278 -22.11 -11.37 -19.28
CA LEU A 278 -22.95 -10.63 -18.35
C LEU A 278 -24.01 -9.86 -19.13
N PHE A 279 -25.28 -10.08 -18.78
CA PHE A 279 -26.41 -9.51 -19.49
C PHE A 279 -26.92 -8.28 -18.75
N THR A 280 -26.14 -7.21 -18.80
CA THR A 280 -26.55 -5.93 -18.24
C THR A 280 -25.75 -4.82 -18.89
N GLY A 281 -26.27 -3.60 -18.80
CA GLY A 281 -25.60 -2.45 -19.38
C GLY A 281 -26.10 -2.14 -20.78
N HIS A 282 -25.62 -1.00 -21.29
CA HIS A 282 -26.05 -0.48 -22.57
C HIS A 282 -24.88 -0.36 -23.52
N LEU A 283 -25.17 0.12 -24.73
CA LEU A 283 -24.17 0.29 -25.76
C LEU A 283 -24.66 1.33 -26.75
N LYS A 284 -23.98 2.47 -26.82
CA LYS A 284 -24.29 3.47 -27.82
C LYS A 284 -23.67 3.07 -29.16
N CYS A 285 -24.48 3.15 -30.22
CA CYS A 285 -24.03 2.84 -31.57
C CYS A 285 -24.50 3.92 -32.51
N ARG A 286 -23.83 4.02 -33.65
CA ARG A 286 -24.26 4.87 -34.76
C ARG A 286 -24.64 3.99 -35.93
N LEU A 287 -25.85 4.19 -36.45
CA LEU A 287 -26.40 3.33 -37.49
C LEU A 287 -26.24 4.01 -38.84
N ARG A 288 -25.49 3.38 -39.73
CA ARG A 288 -25.29 3.87 -41.10
C ARG A 288 -26.28 3.18 -42.01
N MET A 289 -27.27 3.93 -42.49
CA MET A 289 -28.31 3.40 -43.37
C MET A 289 -28.03 3.67 -44.84
N ASP A 290 -26.80 4.05 -45.18
CA ASP A 290 -26.47 4.42 -46.56
C ASP A 290 -26.67 3.26 -47.51
N LYS A 291 -26.12 2.09 -47.17
CA LYS A 291 -26.16 0.91 -48.02
C LYS A 291 -27.34 0.02 -47.72
N LEU A 292 -28.43 0.58 -47.20
CA LEU A 292 -29.59 -0.18 -46.76
C LEU A 292 -30.76 0.13 -47.68
N GLN A 293 -31.34 -0.91 -48.27
CA GLN A 293 -32.39 -0.75 -49.26
C GLN A 293 -33.53 -1.72 -48.99
N LEU A 294 -34.73 -1.33 -49.43
CA LEU A 294 -35.90 -2.16 -49.24
C LEU A 294 -35.82 -3.40 -50.12
N LYS A 295 -36.44 -4.49 -49.64
CA LYS A 295 -36.40 -5.78 -50.30
C LYS A 295 -37.68 -6.03 -51.07
N GLY A 296 -37.53 -6.60 -52.26
CA GLY A 296 -38.69 -6.92 -53.08
C GLY A 296 -39.45 -5.71 -53.57
N MET A 297 -38.78 -4.57 -53.72
CA MET A 297 -39.41 -3.38 -54.26
C MET A 297 -39.67 -3.49 -55.75
N SER A 298 -39.09 -4.47 -56.43
CA SER A 298 -39.31 -4.70 -57.84
C SER A 298 -40.45 -5.66 -58.12
N TYR A 299 -41.07 -6.21 -57.09
CA TYR A 299 -42.21 -7.10 -57.27
C TYR A 299 -43.46 -6.28 -57.59
N SER A 300 -44.43 -6.97 -58.19
CA SER A 300 -45.73 -6.36 -58.45
C SER A 300 -46.71 -6.74 -57.36
N MET A 301 -47.77 -5.94 -57.23
CA MET A 301 -48.74 -6.16 -56.17
C MET A 301 -49.43 -7.50 -56.35
N CYS A 302 -49.84 -8.09 -55.23
CA CYS A 302 -50.57 -9.35 -55.27
C CYS A 302 -51.97 -9.13 -55.83
N THR A 303 -52.37 -9.98 -56.77
CA THR A 303 -53.71 -9.97 -57.33
C THR A 303 -54.37 -11.28 -56.91
N GLY A 304 -54.96 -11.28 -55.73
CA GLY A 304 -55.54 -12.48 -55.18
C GLY A 304 -56.02 -12.22 -53.77
N LYS A 305 -56.69 -13.23 -53.22
CA LYS A 305 -57.30 -13.10 -51.91
C LYS A 305 -56.32 -13.45 -50.81
N PHE A 306 -56.47 -12.76 -49.68
CA PHE A 306 -55.70 -13.03 -48.48
C PHE A 306 -56.65 -13.55 -47.40
N LYS A 307 -56.19 -14.53 -46.63
CA LYS A 307 -56.93 -15.01 -45.47
C LYS A 307 -56.09 -14.77 -44.22
N VAL A 308 -56.76 -14.35 -43.15
CA VAL A 308 -56.10 -14.12 -41.88
C VAL A 308 -55.88 -15.46 -41.20
N VAL A 309 -54.63 -15.77 -40.84
CA VAL A 309 -54.32 -17.02 -40.16
C VAL A 309 -54.07 -16.82 -38.68
N LYS A 310 -53.69 -15.62 -38.25
CA LYS A 310 -53.69 -15.25 -36.85
C LYS A 310 -54.40 -13.91 -36.73
N GLU A 311 -55.37 -13.83 -35.83
CA GLU A 311 -56.19 -12.62 -35.72
C GLU A 311 -55.34 -11.43 -35.32
N ILE A 312 -55.83 -10.24 -35.65
CA ILE A 312 -55.10 -9.01 -35.33
C ILE A 312 -54.91 -8.91 -33.83
N ALA A 313 -53.69 -8.61 -33.42
CA ALA A 313 -53.34 -8.43 -32.01
C ALA A 313 -52.72 -7.07 -31.79
N GLU A 314 -52.97 -6.48 -30.63
CA GLU A 314 -52.38 -5.21 -30.26
C GLU A 314 -51.11 -5.46 -29.45
N THR A 315 -49.99 -4.97 -29.95
CA THR A 315 -48.74 -5.05 -29.22
C THR A 315 -48.77 -4.12 -28.02
N GLN A 316 -47.83 -4.31 -27.10
CA GLN A 316 -47.79 -3.49 -25.90
C GLN A 316 -47.40 -2.05 -26.20
N HIS A 317 -47.04 -1.75 -27.44
CA HIS A 317 -46.51 -0.43 -27.81
C HIS A 317 -47.48 0.37 -28.66
N GLY A 318 -48.74 -0.06 -28.76
CA GLY A 318 -49.69 0.66 -29.60
C GLY A 318 -49.63 0.30 -31.06
N THR A 319 -49.03 -0.83 -31.40
CA THR A 319 -48.99 -1.31 -32.76
C THR A 319 -49.77 -2.62 -32.86
N ILE A 320 -50.20 -2.94 -34.07
CA ILE A 320 -50.96 -4.15 -34.33
C ILE A 320 -50.14 -5.03 -35.26
N VAL A 321 -50.22 -6.34 -35.04
CA VAL A 321 -49.56 -7.31 -35.89
C VAL A 321 -50.61 -8.30 -36.36
N ILE A 322 -50.42 -8.85 -37.55
CA ILE A 322 -51.37 -9.79 -38.13
C ILE A 322 -50.62 -10.67 -39.13
N ARG A 323 -50.99 -11.96 -39.16
CA ARG A 323 -50.42 -12.90 -40.10
C ARG A 323 -51.48 -13.20 -41.17
N VAL A 324 -51.08 -13.13 -42.43
CA VAL A 324 -51.99 -13.32 -43.55
C VAL A 324 -51.41 -14.37 -44.49
N GLN A 325 -52.21 -15.38 -44.79
CA GLN A 325 -51.90 -16.36 -45.82
C GLN A 325 -52.30 -15.79 -47.18
N TYR A 326 -51.55 -16.14 -48.20
CA TYR A 326 -51.84 -15.70 -49.56
C TYR A 326 -52.40 -16.85 -50.37
N GLU A 327 -53.36 -16.53 -51.25
CA GLU A 327 -54.07 -17.55 -52.01
C GLU A 327 -54.08 -17.33 -53.50
N GLY A 328 -53.58 -16.19 -53.99
CA GLY A 328 -53.57 -15.89 -55.41
C GLY A 328 -52.35 -16.45 -56.11
N ASP A 329 -52.19 -16.01 -57.36
CA ASP A 329 -51.06 -16.43 -58.18
C ASP A 329 -49.95 -15.39 -58.08
N GLY A 330 -48.92 -15.51 -58.91
CA GLY A 330 -47.79 -14.61 -58.84
C GLY A 330 -47.12 -14.68 -57.49
N SER A 331 -46.56 -15.85 -57.17
CA SER A 331 -46.13 -16.13 -55.81
C SER A 331 -45.29 -15.03 -55.19
N PRO A 332 -44.21 -14.56 -55.82
CA PRO A 332 -43.47 -13.42 -55.26
C PRO A 332 -44.12 -12.10 -55.59
N CYS A 333 -45.12 -11.70 -54.81
CA CYS A 333 -45.82 -10.45 -55.05
C CYS A 333 -45.80 -9.61 -53.79
N LYS A 334 -46.24 -8.36 -53.91
CA LYS A 334 -46.31 -7.43 -52.80
C LYS A 334 -47.73 -7.40 -52.23
N ILE A 335 -47.82 -7.43 -50.90
CA ILE A 335 -49.11 -7.45 -50.23
C ILE A 335 -49.69 -6.04 -50.20
N PRO A 336 -50.83 -5.79 -50.83
CA PRO A 336 -51.46 -4.47 -50.71
C PRO A 336 -52.07 -4.26 -49.34
N PHE A 337 -51.43 -3.42 -48.53
CA PHE A 337 -51.80 -3.23 -47.14
C PHE A 337 -51.93 -1.73 -46.86
N GLU A 338 -53.01 -1.33 -46.21
CA GLU A 338 -53.16 0.06 -45.82
C GLU A 338 -54.15 0.16 -44.67
N ILE A 339 -53.97 1.18 -43.84
CA ILE A 339 -54.85 1.45 -42.71
C ILE A 339 -55.63 2.70 -43.07
N MET A 340 -56.88 2.52 -43.47
CA MET A 340 -57.73 3.61 -43.95
C MET A 340 -58.69 4.04 -42.85
N ASP A 341 -59.51 5.02 -43.17
CA ASP A 341 -60.66 5.35 -42.34
C ASP A 341 -61.87 4.58 -42.85
N LEU A 342 -63.02 4.78 -42.20
CA LEU A 342 -64.18 3.95 -42.52
C LEU A 342 -64.58 4.11 -43.98
N GLU A 343 -64.58 5.32 -44.49
CA GLU A 343 -64.94 5.59 -45.87
C GLU A 343 -63.78 5.39 -46.84
N LYS A 344 -62.60 5.04 -46.34
CA LYS A 344 -61.42 4.84 -47.18
C LYS A 344 -61.09 6.09 -47.97
N ARG A 345 -61.38 7.25 -47.37
CA ARG A 345 -61.08 8.53 -48.00
C ARG A 345 -59.59 8.85 -47.93
N HIS A 346 -58.92 8.42 -46.87
CA HIS A 346 -57.51 8.73 -46.68
C HIS A 346 -56.88 7.73 -45.73
N VAL A 347 -55.55 7.65 -45.80
CA VAL A 347 -54.80 6.67 -45.04
C VAL A 347 -54.50 7.24 -43.66
N LEU A 348 -54.82 6.46 -42.62
CA LEU A 348 -54.68 6.89 -41.24
C LEU A 348 -53.48 6.29 -40.52
N GLY A 349 -53.26 4.99 -40.67
CA GLY A 349 -52.18 4.34 -39.98
C GLY A 349 -50.87 4.48 -40.72
N ARG A 350 -49.85 3.83 -40.16
CA ARG A 350 -48.50 3.86 -40.72
C ARG A 350 -47.92 2.47 -40.61
N LEU A 351 -47.67 1.83 -41.75
CA LEU A 351 -47.10 0.50 -41.74
C LEU A 351 -45.72 0.52 -41.10
N ILE A 352 -45.48 -0.42 -40.19
CA ILE A 352 -44.16 -0.56 -39.59
C ILE A 352 -43.33 -1.60 -40.32
N THR A 353 -43.96 -2.71 -40.73
CA THR A 353 -43.32 -3.66 -41.64
C THR A 353 -43.45 -3.10 -43.04
N VAL A 354 -42.52 -2.21 -43.38
CA VAL A 354 -42.58 -1.53 -44.67
C VAL A 354 -42.34 -2.52 -45.80
N ASN A 355 -43.14 -2.41 -46.85
CA ASN A 355 -43.03 -3.26 -48.03
C ASN A 355 -43.24 -4.73 -47.69
N PRO A 356 -44.37 -5.09 -47.10
CA PRO A 356 -44.66 -6.52 -46.90
C PRO A 356 -44.79 -7.23 -48.25
N ILE A 357 -44.27 -8.45 -48.32
CA ILE A 357 -44.35 -9.26 -49.52
C ILE A 357 -44.53 -10.71 -49.13
N VAL A 358 -45.25 -11.44 -49.97
CA VAL A 358 -45.38 -12.89 -49.84
C VAL A 358 -44.38 -13.52 -50.79
N THR A 359 -43.28 -14.04 -50.24
CA THR A 359 -42.26 -14.65 -51.09
C THR A 359 -42.72 -16.01 -51.60
N GLU A 360 -43.32 -16.81 -50.74
CA GLU A 360 -43.87 -18.11 -51.12
C GLU A 360 -45.36 -18.12 -50.79
N LYS A 361 -46.14 -18.71 -51.69
CA LYS A 361 -47.59 -18.70 -51.52
C LYS A 361 -48.00 -19.40 -50.24
N ASP A 362 -47.40 -20.56 -49.95
CA ASP A 362 -47.81 -21.34 -48.78
C ASP A 362 -47.40 -20.66 -47.48
N SER A 363 -46.26 -20.01 -47.46
CA SER A 363 -45.75 -19.44 -46.22
C SER A 363 -46.54 -18.19 -45.85
N PRO A 364 -47.12 -18.13 -44.65
CA PRO A 364 -47.83 -16.92 -44.24
C PRO A 364 -46.85 -15.80 -43.93
N VAL A 365 -47.41 -14.61 -43.73
CA VAL A 365 -46.62 -13.39 -43.54
C VAL A 365 -47.17 -12.62 -42.36
N ASN A 366 -46.26 -12.14 -41.51
CA ASN A 366 -46.62 -11.31 -40.37
C ASN A 366 -46.34 -9.85 -40.73
N ILE A 367 -47.38 -9.03 -40.67
CA ILE A 367 -47.28 -7.60 -40.96
C ILE A 367 -47.63 -6.84 -39.70
N GLU A 368 -46.78 -5.90 -39.32
CA GLU A 368 -47.06 -5.00 -38.21
C GLU A 368 -47.26 -3.58 -38.72
N ALA A 369 -48.26 -2.91 -38.16
CA ALA A 369 -48.57 -1.54 -38.52
C ALA A 369 -48.94 -0.78 -37.25
N GLU A 370 -48.99 0.55 -37.35
CA GLU A 370 -49.29 1.41 -36.21
C GLU A 370 -50.57 2.19 -36.50
N PRO A 371 -51.73 1.68 -36.09
CA PRO A 371 -52.97 2.37 -36.38
C PRO A 371 -53.10 3.64 -35.56
N PRO A 372 -53.97 4.55 -35.96
CA PRO A 372 -54.19 5.77 -35.17
C PRO A 372 -55.12 5.52 -34.00
N PHE A 373 -55.13 6.46 -33.07
CA PHE A 373 -56.05 6.39 -31.95
C PHE A 373 -57.49 6.49 -32.44
N GLY A 374 -58.34 5.60 -31.92
CA GLY A 374 -59.73 5.59 -32.31
C GLY A 374 -60.07 4.44 -33.24
N ASP A 375 -60.89 4.71 -34.25
CA ASP A 375 -61.34 3.71 -35.20
C ASP A 375 -60.47 3.75 -36.45
N SER A 376 -60.02 2.57 -36.89
CA SER A 376 -59.25 2.45 -38.11
C SER A 376 -59.60 1.12 -38.76
N TYR A 377 -59.33 1.03 -40.06
CA TYR A 377 -59.64 -0.17 -40.81
C TYR A 377 -58.40 -0.63 -41.56
N ILE A 378 -58.07 -1.91 -41.42
CA ILE A 378 -56.92 -2.52 -42.07
C ILE A 378 -57.42 -3.21 -43.33
N ILE A 379 -57.12 -2.62 -44.48
CA ILE A 379 -57.53 -3.14 -45.78
C ILE A 379 -56.36 -3.92 -46.37
N ILE A 380 -56.63 -5.13 -46.86
CA ILE A 380 -55.59 -6.06 -47.28
C ILE A 380 -56.04 -6.75 -48.56
N GLY A 381 -55.34 -6.51 -49.65
CA GLY A 381 -55.63 -7.13 -50.92
C GLY A 381 -56.42 -6.22 -51.85
N VAL A 382 -56.61 -6.71 -53.06
CA VAL A 382 -57.41 -6.01 -54.07
C VAL A 382 -58.88 -6.30 -53.83
N GLU A 383 -59.76 -5.57 -54.50
CA GLU A 383 -61.19 -5.58 -54.16
C GLU A 383 -61.82 -6.96 -54.13
N PRO A 384 -61.59 -7.84 -55.10
CA PRO A 384 -62.25 -9.15 -55.04
C PRO A 384 -61.68 -10.00 -53.92
N GLY A 385 -62.46 -10.16 -52.84
CA GLY A 385 -61.96 -10.82 -51.65
C GLY A 385 -61.12 -9.95 -50.74
N GLN A 386 -61.25 -8.63 -50.86
CA GLN A 386 -60.47 -7.72 -50.05
C GLN A 386 -60.87 -7.83 -48.58
N LEU A 387 -59.89 -7.78 -47.70
CA LEU A 387 -60.12 -7.87 -46.26
C LEU A 387 -60.19 -6.47 -45.67
N LYS A 388 -61.23 -6.22 -44.88
CA LYS A 388 -61.41 -4.95 -44.19
C LYS A 388 -61.65 -5.28 -42.72
N LEU A 389 -60.65 -5.00 -41.89
CA LEU A 389 -60.63 -5.44 -40.49
C LEU A 389 -60.66 -4.21 -39.59
N SER A 390 -61.78 -3.99 -38.93
CA SER A 390 -61.92 -2.84 -38.05
C SER A 390 -60.99 -2.98 -36.84
N TRP A 391 -60.57 -1.84 -36.30
CA TRP A 391 -59.72 -1.84 -35.13
C TRP A 391 -59.99 -0.58 -34.31
N PHE A 392 -59.89 -0.73 -33.00
CA PHE A 392 -59.93 0.39 -32.07
C PHE A 392 -58.67 0.38 -31.23
N LYS A 393 -58.21 1.57 -30.82
CA LYS A 393 -56.93 1.69 -30.14
C LYS A 393 -57.06 2.00 -28.65
N LYS A 394 -58.09 2.73 -28.24
CA LYS A 394 -58.32 3.06 -26.84
C LYS A 394 -57.14 3.81 -26.24
N GLY A 395 -56.92 5.02 -26.74
CA GLY A 395 -55.92 5.89 -26.17
C GLY A 395 -56.12 7.32 -26.65
N SER A 396 -55.21 8.18 -26.22
CA SER A 396 -55.23 9.58 -26.63
C SER A 396 -53.82 10.00 -27.01
N SER A 397 -53.72 11.01 -27.88
CA SER A 397 -52.42 11.55 -28.24
C SER A 397 -51.77 12.27 -27.06
N ILE A 398 -52.59 12.91 -26.22
CA ILE A 398 -52.05 13.50 -24.99
C ILE A 398 -51.53 12.41 -24.07
N GLY A 399 -52.26 11.30 -23.97
CA GLY A 399 -51.77 10.17 -23.18
C GLY A 399 -50.49 9.60 -23.75
N GLN A 400 -50.40 9.51 -25.08
CA GLN A 400 -49.16 9.03 -25.69
C GLN A 400 -48.01 9.98 -25.42
N MET A 401 -48.28 11.28 -25.45
CA MET A 401 -47.24 12.26 -25.14
C MET A 401 -46.77 12.10 -23.69
N PHE A 402 -47.70 11.90 -22.76
CA PHE A 402 -47.31 11.69 -21.37
C PHE A 402 -46.48 10.42 -21.22
N GLU A 403 -46.90 9.34 -21.89
CA GLU A 403 -46.16 8.09 -21.80
C GLU A 403 -44.75 8.24 -22.37
N THR A 404 -44.64 8.93 -23.50
CA THR A 404 -43.33 9.14 -24.13
C THR A 404 -42.46 10.02 -23.27
N THR A 405 -43.03 11.07 -22.68
CA THR A 405 -42.26 11.94 -21.80
C THR A 405 -41.75 11.18 -20.59
N MET A 406 -42.59 10.33 -19.98
CA MET A 406 -42.17 9.53 -18.85
C MET A 406 -41.12 8.49 -19.23
N ARG A 407 -41.25 7.85 -20.39
CA ARG A 407 -40.23 6.92 -20.85
C ARG A 407 -38.90 7.60 -21.13
N GLY A 408 -38.91 8.79 -21.72
CA GLY A 408 -37.68 9.53 -21.90
C GLY A 408 -37.07 9.98 -20.59
N ALA A 409 -37.90 10.39 -19.63
CA ALA A 409 -37.40 10.74 -18.32
C ALA A 409 -36.75 9.55 -17.65
N LYS A 410 -37.37 8.37 -17.75
CA LYS A 410 -36.76 7.18 -17.18
C LYS A 410 -35.43 6.87 -17.87
N ARG A 411 -35.38 7.01 -19.19
CA ARG A 411 -34.13 6.78 -19.90
C ARG A 411 -33.04 7.72 -19.41
N MET A 412 -33.39 8.99 -19.19
CA MET A 412 -32.43 9.94 -18.62
C MET A 412 -32.00 9.51 -17.22
N ALA A 413 -32.94 8.98 -16.43
CA ALA A 413 -32.60 8.54 -15.08
C ALA A 413 -31.73 7.29 -15.07
N ILE A 414 -31.71 6.53 -16.17
CA ILE A 414 -30.92 5.31 -16.26
C ILE A 414 -29.60 5.57 -16.96
N LEU A 415 -29.63 6.21 -18.12
CA LEU A 415 -28.43 6.45 -18.91
C LEU A 415 -27.79 7.80 -18.64
N GLY A 416 -28.42 8.66 -17.86
CA GLY A 416 -27.82 9.96 -17.60
C GLY A 416 -27.72 10.77 -18.88
N ASP A 417 -26.51 11.23 -19.19
CA ASP A 417 -26.29 12.03 -20.40
C ASP A 417 -26.29 11.18 -21.66
N THR A 418 -26.08 9.86 -21.53
CA THR A 418 -26.17 8.99 -22.70
C THR A 418 -27.59 8.93 -23.26
N ALA A 419 -28.58 9.41 -22.49
CA ALA A 419 -29.94 9.46 -22.99
C ALA A 419 -30.05 10.38 -24.20
N TRP A 420 -29.32 11.49 -24.19
CA TRP A 420 -29.37 12.43 -25.31
C TRP A 420 -28.81 11.83 -26.58
N ASP A 421 -28.11 10.70 -26.49
CA ASP A 421 -27.62 10.01 -27.67
C ASP A 421 -28.67 9.14 -28.34
N PHE A 422 -29.78 8.85 -27.66
CA PHE A 422 -30.77 7.93 -28.19
C PHE A 422 -31.57 8.60 -29.30
N GLY A 423 -31.54 7.99 -30.48
CA GLY A 423 -32.22 8.57 -31.61
C GLY A 423 -31.80 9.98 -31.94
N SER A 424 -30.58 10.35 -31.59
CA SER A 424 -30.10 11.70 -31.87
C SER A 424 -29.58 11.78 -33.29
N LEU A 425 -29.79 12.92 -33.93
CA LEU A 425 -29.30 13.18 -35.28
C LEU A 425 -28.22 14.26 -35.28
N GLY A 426 -27.53 14.44 -34.15
CA GLY A 426 -26.49 15.44 -34.05
C GLY A 426 -26.98 16.87 -34.10
N GLY A 427 -28.13 17.15 -33.50
CA GLY A 427 -28.63 18.52 -33.45
C GLY A 427 -27.84 19.38 -32.49
N VAL A 428 -27.89 20.69 -32.74
CA VAL A 428 -27.21 21.63 -31.86
C VAL A 428 -27.85 21.62 -30.48
N PHE A 429 -29.19 21.65 -30.43
CA PHE A 429 -29.86 21.54 -29.14
C PHE A 429 -29.51 20.23 -28.44
N THR A 430 -29.41 19.14 -29.20
CA THR A 430 -29.03 17.88 -28.59
C THR A 430 -27.66 17.97 -27.94
N SER A 431 -26.69 18.57 -28.63
CA SER A 431 -25.36 18.69 -28.08
C SER A 431 -25.36 19.56 -26.82
N ILE A 432 -26.04 20.70 -26.88
CA ILE A 432 -26.03 21.59 -25.72
C ILE A 432 -26.73 20.94 -24.54
N GLY A 433 -27.86 20.27 -24.79
CA GLY A 433 -28.54 19.56 -23.73
C GLY A 433 -27.69 18.46 -23.13
N LYS A 434 -26.96 17.73 -23.96
CA LYS A 434 -26.11 16.66 -23.45
C LYS A 434 -24.96 17.22 -22.63
N ALA A 435 -24.38 18.34 -23.06
CA ALA A 435 -23.29 18.93 -22.28
C ALA A 435 -23.78 19.46 -20.94
N LEU A 436 -24.93 20.15 -20.95
CA LEU A 436 -25.52 20.60 -19.69
C LEU A 436 -25.85 19.42 -18.78
N HIS A 437 -26.37 18.35 -19.37
CA HIS A 437 -26.67 17.15 -18.59
C HIS A 437 -25.41 16.55 -18.01
N GLN A 438 -24.31 16.55 -18.77
CA GLN A 438 -23.05 16.04 -18.23
C GLN A 438 -22.60 16.85 -17.02
N VAL A 439 -22.68 18.18 -17.13
CA VAL A 439 -22.26 19.03 -16.02
C VAL A 439 -23.12 18.76 -14.78
N PHE A 440 -24.44 18.82 -14.97
CA PHE A 440 -25.35 18.64 -13.83
C PHE A 440 -25.26 17.23 -13.27
N GLY A 441 -25.06 16.24 -14.13
CA GLY A 441 -24.94 14.87 -13.66
C GLY A 441 -23.66 14.63 -12.88
N ALA A 442 -22.57 15.26 -13.29
CA ALA A 442 -21.34 15.17 -12.51
C ALA A 442 -21.55 15.79 -11.13
N ILE A 443 -22.15 16.97 -11.08
CA ILE A 443 -22.40 17.61 -9.79
C ILE A 443 -23.31 16.75 -8.93
N TYR A 444 -24.39 16.23 -9.53
CA TYR A 444 -25.34 15.41 -8.78
C TYR A 444 -24.72 14.11 -8.30
N GLY A 445 -23.92 13.46 -9.14
CA GLY A 445 -23.28 12.23 -8.71
C GLY A 445 -22.27 12.46 -7.61
N ALA A 446 -21.58 13.60 -7.63
CA ALA A 446 -20.74 13.95 -6.51
C ALA A 446 -21.56 14.12 -5.25
N ALA A 447 -22.69 14.84 -5.34
CA ALA A 447 -23.45 15.19 -4.16
C ALA A 447 -24.32 14.07 -3.62
N PHE A 448 -24.56 13.00 -4.39
CA PHE A 448 -25.55 12.01 -4.02
C PHE A 448 -25.02 10.59 -4.12
N SER A 449 -23.71 10.42 -4.21
CA SER A 449 -23.13 9.09 -4.33
C SER A 449 -23.14 8.37 -2.99
N GLY A 450 -23.51 7.10 -3.01
CA GLY A 450 -23.44 6.25 -1.85
C GLY A 450 -24.67 6.25 -0.97
N VAL A 451 -25.65 7.12 -1.22
CA VAL A 451 -26.84 7.18 -0.41
C VAL A 451 -27.89 6.24 -0.99
N SER A 452 -28.89 5.90 -0.17
CA SER A 452 -29.98 5.05 -0.60
C SER A 452 -31.16 5.89 -1.10
N TRP A 453 -32.14 5.21 -1.69
CA TRP A 453 -33.28 5.91 -2.25
C TRP A 453 -34.08 6.62 -1.17
N THR A 454 -34.14 6.08 0.04
CA THR A 454 -34.82 6.76 1.13
C THR A 454 -34.10 8.04 1.52
N MET A 455 -32.77 8.01 1.55
CA MET A 455 -32.01 9.24 1.80
C MET A 455 -32.21 10.23 0.67
N LYS A 456 -32.30 9.74 -0.57
CA LYS A 456 -32.59 10.63 -1.70
C LYS A 456 -33.96 11.28 -1.53
N ILE A 457 -34.95 10.51 -1.09
CA ILE A 457 -36.28 11.07 -0.87
C ILE A 457 -36.23 12.13 0.22
N LEU A 458 -35.54 11.84 1.32
CA LEU A 458 -35.46 12.80 2.41
C LEU A 458 -34.76 14.09 1.96
N ILE A 459 -33.65 13.94 1.25
CA ILE A 459 -32.91 15.11 0.78
C ILE A 459 -33.75 15.91 -0.20
N GLY A 460 -34.46 15.24 -1.09
CA GLY A 460 -35.31 15.93 -2.03
C GLY A 460 -36.42 16.70 -1.34
N VAL A 461 -37.05 16.08 -0.34
CA VAL A 461 -38.08 16.78 0.43
C VAL A 461 -37.51 18.00 1.11
N VAL A 462 -36.34 17.85 1.73
CA VAL A 462 -35.73 18.98 2.44
C VAL A 462 -35.39 20.11 1.47
N ILE A 463 -34.81 19.77 0.32
CA ILE A 463 -34.44 20.78 -0.66
C ILE A 463 -35.67 21.47 -1.22
N THR A 464 -36.73 20.70 -1.50
CA THR A 464 -37.96 21.32 -1.98
C THR A 464 -38.53 22.28 -0.96
N TRP A 465 -38.52 21.89 0.32
CA TRP A 465 -39.03 22.78 1.35
C TRP A 465 -38.17 24.04 1.46
N ILE A 466 -36.85 23.90 1.39
CA ILE A 466 -35.98 25.05 1.49
C ILE A 466 -36.24 26.00 0.32
N GLY A 467 -36.37 25.44 -0.89
CA GLY A 467 -36.67 26.27 -2.04
C GLY A 467 -38.01 26.99 -1.91
N MET A 468 -39.02 26.28 -1.42
CA MET A 468 -40.33 26.91 -1.23
C MET A 468 -40.25 28.05 -0.22
N ASN A 469 -39.51 27.86 0.86
CA ASN A 469 -39.33 28.90 1.87
C ASN A 469 -38.10 29.75 1.60
N SER A 470 -38.00 30.29 0.39
CA SER A 470 -36.86 31.10 -0.02
C SER A 470 -37.35 32.43 -0.57
N ARG A 471 -36.74 33.53 -0.11
CA ARG A 471 -37.17 34.84 -0.57
C ARG A 471 -36.93 35.02 -2.06
N SER A 472 -35.79 34.56 -2.56
CA SER A 472 -35.47 34.74 -3.97
C SER A 472 -36.38 33.88 -4.84
N THR A 473 -37.02 34.50 -5.82
CA THR A 473 -37.80 33.74 -6.79
C THR A 473 -36.90 32.82 -7.61
N SER A 474 -35.73 33.32 -8.00
CA SER A 474 -34.81 32.49 -8.78
C SER A 474 -34.28 31.33 -7.97
N LEU A 475 -33.78 31.60 -6.77
CA LEU A 475 -33.27 30.52 -5.91
C LEU A 475 -34.39 29.57 -5.52
N SER A 476 -35.57 30.11 -5.23
CA SER A 476 -36.71 29.25 -4.91
C SER A 476 -37.00 28.28 -6.04
N VAL A 477 -37.06 28.78 -7.27
CA VAL A 477 -37.38 27.93 -8.41
C VAL A 477 -36.28 26.90 -8.63
N SER A 478 -35.02 27.33 -8.56
CA SER A 478 -33.92 26.38 -8.79
C SER A 478 -33.91 25.29 -7.73
N LEU A 479 -34.08 25.66 -6.47
CA LEU A 479 -34.09 24.67 -5.40
C LEU A 479 -35.27 23.72 -5.54
N VAL A 480 -36.44 24.23 -5.89
CA VAL A 480 -37.61 23.37 -6.05
C VAL A 480 -37.39 22.41 -7.21
N LEU A 481 -36.80 22.88 -8.31
CA LEU A 481 -36.52 21.99 -9.44
C LEU A 481 -35.54 20.90 -9.04
N VAL A 482 -34.47 21.28 -8.32
CA VAL A 482 -33.50 20.29 -7.87
C VAL A 482 -34.16 19.28 -6.96
N GLY A 483 -35.00 19.73 -6.04
CA GLY A 483 -35.68 18.82 -5.14
C GLY A 483 -36.62 17.89 -5.86
N VAL A 484 -37.35 18.39 -6.85
CA VAL A 484 -38.29 17.55 -7.58
C VAL A 484 -37.55 16.51 -8.41
N VAL A 485 -36.44 16.90 -9.04
CA VAL A 485 -35.64 15.92 -9.79
C VAL A 485 -35.05 14.89 -8.84
N THR A 486 -34.59 15.32 -7.67
CA THR A 486 -34.03 14.38 -6.70
C THR A 486 -35.09 13.42 -6.20
N LEU A 487 -36.31 13.90 -5.96
CA LEU A 487 -37.40 13.02 -5.55
C LEU A 487 -37.71 12.02 -6.64
N TYR A 488 -37.75 12.46 -7.89
CA TYR A 488 -38.01 11.54 -8.99
C TYR A 488 -36.92 10.46 -9.06
N LEU A 489 -35.66 10.87 -8.91
CA LEU A 489 -34.57 9.90 -9.00
C LEU A 489 -34.59 8.93 -7.83
N GLY A 490 -34.97 9.41 -6.64
CA GLY A 490 -35.11 8.51 -5.51
C GLY A 490 -36.25 7.54 -5.68
N VAL A 491 -37.33 7.97 -6.31
CA VAL A 491 -38.46 7.07 -6.56
C VAL A 491 -38.09 6.04 -7.62
N MET A 492 -37.32 6.43 -8.62
CA MET A 492 -37.01 5.59 -9.77
C MET A 492 -35.71 4.82 -9.63
N VAL A 493 -35.17 4.72 -8.42
CA VAL A 493 -33.84 4.14 -8.22
C VAL A 493 -33.97 2.80 -7.51
N GLN A 494 -32.86 2.09 -7.37
CA GLN A 494 -32.83 0.76 -6.75
C GLN A 494 -33.55 -0.25 -7.64
N ALA A 495 -33.16 -0.28 -8.92
CA ALA A 495 -33.80 -1.16 -9.88
C ALA A 495 -32.83 -1.64 -10.94
N SER B 1 -19.45 -6.01 9.82
CA SER B 1 -19.92 -7.04 8.90
C SER B 1 -19.99 -6.51 7.48
N VAL B 2 -19.86 -7.42 6.51
CA VAL B 2 -20.03 -7.03 5.11
C VAL B 2 -21.48 -6.64 4.84
N ALA B 3 -22.43 -7.24 5.56
CA ALA B 3 -23.83 -6.92 5.34
C ALA B 3 -24.16 -5.48 5.73
N LEU B 4 -23.29 -4.83 6.49
CA LEU B 4 -23.53 -3.47 6.94
C LEU B 4 -23.09 -2.41 5.93
N VAL B 5 -22.49 -2.82 4.82
CA VAL B 5 -22.09 -1.90 3.77
C VAL B 5 -22.57 -2.44 2.43
N PRO B 6 -23.86 -2.31 2.12
CA PRO B 6 -24.37 -2.89 0.88
C PRO B 6 -23.90 -2.12 -0.35
N HIS B 7 -24.01 -2.78 -1.49
CA HIS B 7 -23.63 -2.19 -2.77
C HIS B 7 -24.73 -1.28 -3.30
N VAL B 8 -25.05 -0.26 -2.51
CA VAL B 8 -26.16 0.64 -2.78
C VAL B 8 -25.61 2.06 -2.98
N GLY B 9 -26.20 2.78 -3.92
CA GLY B 9 -25.76 4.12 -4.25
C GLY B 9 -24.41 4.18 -4.90
N MET B 10 -24.10 3.23 -5.78
CA MET B 10 -22.81 3.16 -6.44
C MET B 10 -22.83 3.64 -7.88
N GLY B 11 -23.99 3.99 -8.41
CA GLY B 11 -24.09 4.52 -9.76
C GLY B 11 -23.88 3.52 -10.88
N LEU B 12 -23.96 2.22 -10.59
CA LEU B 12 -23.78 1.19 -11.60
C LEU B 12 -25.09 0.59 -12.08
N GLU B 13 -26.22 1.18 -11.69
CA GLU B 13 -27.52 0.57 -11.97
C GLU B 13 -27.89 0.69 -13.44
N THR B 14 -28.61 -0.33 -13.91
CA THR B 14 -29.11 -0.38 -15.27
C THR B 14 -30.61 -0.64 -15.24
N ARG B 15 -31.22 -0.96 -16.39
CA ARG B 15 -32.62 -1.35 -16.38
C ARG B 15 -32.82 -2.69 -15.69
N THR B 16 -31.89 -3.62 -15.89
CA THR B 16 -32.03 -4.94 -15.29
C THR B 16 -32.11 -4.83 -13.78
N GLU B 17 -32.92 -5.69 -13.18
CA GLU B 17 -33.07 -5.71 -11.73
C GLU B 17 -31.73 -6.03 -11.05
N THR B 18 -31.51 -5.36 -9.93
CA THR B 18 -30.34 -5.64 -9.11
C THR B 18 -30.59 -6.87 -8.25
N TRP B 19 -29.60 -7.22 -7.42
CA TRP B 19 -29.60 -8.52 -6.77
C TRP B 19 -30.84 -8.73 -5.91
N MET B 20 -31.13 -7.81 -5.01
CA MET B 20 -32.25 -7.96 -4.09
C MET B 20 -33.02 -6.66 -3.98
N SER B 21 -33.23 -6.00 -5.11
CA SER B 21 -33.86 -4.68 -5.10
C SER B 21 -35.27 -4.75 -4.52
N SER B 22 -36.11 -5.64 -5.06
CA SER B 22 -37.48 -5.71 -4.60
C SER B 22 -37.55 -6.00 -3.11
N GLU B 23 -36.82 -7.02 -2.65
CA GLU B 23 -36.86 -7.39 -1.24
C GLU B 23 -36.30 -6.27 -0.36
N GLY B 24 -35.13 -5.74 -0.72
CA GLY B 24 -34.43 -4.81 0.13
C GLY B 24 -34.82 -3.35 -0.02
N ALA B 25 -35.81 -3.04 -0.85
CA ALA B 25 -36.22 -1.64 -0.99
C ALA B 25 -36.76 -1.09 0.32
N TRP B 26 -37.60 -1.86 1.01
CA TRP B 26 -38.29 -1.40 2.21
C TRP B 26 -37.79 -2.07 3.48
N LYS B 27 -36.68 -2.80 3.41
CA LYS B 27 -36.15 -3.46 4.61
C LYS B 27 -35.80 -2.45 5.69
N HIS B 28 -35.17 -1.33 5.31
CA HIS B 28 -34.78 -0.33 6.29
C HIS B 28 -36.00 0.29 6.96
N ALA B 29 -37.03 0.60 6.19
CA ALA B 29 -38.25 1.15 6.76
C ALA B 29 -38.92 0.16 7.70
N GLN B 30 -38.98 -1.11 7.29
CA GLN B 30 -39.56 -2.12 8.17
C GLN B 30 -38.79 -2.22 9.47
N ARG B 31 -37.45 -2.21 9.38
CA ARG B 31 -36.62 -2.33 10.57
C ARG B 31 -36.81 -1.14 11.50
N ILE B 32 -36.85 0.07 10.95
CA ILE B 32 -37.03 1.25 11.79
C ILE B 32 -38.41 1.23 12.44
N GLU B 33 -39.43 0.83 11.69
CA GLU B 33 -40.77 0.73 12.26
C GLU B 33 -40.82 -0.29 13.39
N THR B 34 -40.22 -1.46 13.19
CA THR B 34 -40.21 -2.47 14.25
C THR B 34 -39.45 -1.98 15.47
N TRP B 35 -38.33 -1.29 15.27
CA TRP B 35 -37.57 -0.77 16.39
C TRP B 35 -38.37 0.29 17.14
N VAL B 36 -39.07 1.16 16.42
CA VAL B 36 -39.89 2.16 17.07
C VAL B 36 -41.00 1.51 17.88
N LEU B 37 -41.64 0.48 17.33
CA LEU B 37 -42.67 -0.24 18.07
C LEU B 37 -42.10 -0.87 19.33
N ARG B 38 -41.00 -1.63 19.20
CA ARG B 38 -40.45 -2.32 20.35
C ARG B 38 -39.89 -1.37 21.40
N HIS B 39 -39.48 -0.17 21.00
CA HIS B 39 -38.80 0.76 21.91
C HIS B 39 -39.51 2.11 21.86
N PRO B 40 -40.77 2.16 22.29
CA PRO B 40 -41.49 3.44 22.31
C PRO B 40 -40.88 4.44 23.27
N GLY B 41 -40.12 3.99 24.26
CA GLY B 41 -39.53 4.92 25.21
C GLY B 41 -38.57 5.89 24.57
N PHE B 42 -37.67 5.38 23.72
CA PHE B 42 -36.70 6.26 23.08
C PHE B 42 -37.36 7.21 22.11
N THR B 43 -38.45 6.80 21.46
CA THR B 43 -39.12 7.68 20.51
C THR B 43 -39.68 8.91 21.21
N ILE B 44 -40.25 8.74 22.40
CA ILE B 44 -40.77 9.88 23.15
C ILE B 44 -39.64 10.82 23.54
N MET B 45 -38.51 10.27 24.00
CA MET B 45 -37.37 11.11 24.33
C MET B 45 -36.85 11.85 23.10
N ALA B 46 -36.82 11.17 21.96
CA ALA B 46 -36.38 11.83 20.72
C ALA B 46 -37.32 12.95 20.34
N ALA B 47 -38.63 12.75 20.48
CA ALA B 47 -39.58 13.81 20.18
C ALA B 47 -39.37 15.00 21.12
N ILE B 48 -39.18 14.73 22.41
CA ILE B 48 -38.96 15.81 23.37
C ILE B 48 -37.69 16.57 23.04
N LEU B 49 -36.61 15.85 22.72
CA LEU B 49 -35.34 16.51 22.39
C LEU B 49 -35.47 17.33 21.11
N ALA B 50 -36.17 16.80 20.11
CA ALA B 50 -36.38 17.54 18.87
C ALA B 50 -37.16 18.82 19.13
N TYR B 51 -38.21 18.73 19.97
CA TYR B 51 -38.97 19.92 20.30
C TYR B 51 -38.11 20.93 21.03
N THR B 52 -37.26 20.46 21.96
CA THR B 52 -36.40 21.37 22.70
C THR B 52 -35.40 22.06 21.77
N ILE B 53 -34.81 21.33 20.84
CA ILE B 53 -33.96 21.92 19.80
C ILE B 53 -34.90 22.29 18.66
N GLY B 54 -35.63 23.37 18.85
CA GLY B 54 -36.69 23.72 17.93
C GLY B 54 -36.50 25.03 17.20
N THR B 55 -37.39 25.99 17.50
CA THR B 55 -37.48 27.28 16.81
C THR B 55 -38.21 27.16 15.48
N THR B 56 -38.53 25.96 15.03
CA THR B 56 -39.23 25.74 13.78
C THR B 56 -39.70 24.29 13.72
N TYR B 57 -40.94 24.09 13.27
CA TYR B 57 -41.45 22.73 13.18
C TYR B 57 -40.69 21.91 12.14
N PHE B 58 -40.23 22.55 11.06
CA PHE B 58 -39.39 21.86 10.10
C PHE B 58 -38.12 21.34 10.78
N GLN B 59 -37.46 22.20 11.55
CA GLN B 59 -36.28 21.78 12.29
C GLN B 59 -36.60 20.65 13.26
N ARG B 60 -37.68 20.81 14.03
CA ARG B 60 -38.01 19.81 15.03
C ARG B 60 -38.35 18.47 14.39
N VAL B 61 -39.18 18.48 13.34
CA VAL B 61 -39.56 17.24 12.68
C VAL B 61 -38.34 16.58 12.05
N LEU B 62 -37.50 17.37 11.38
CA LEU B 62 -36.31 16.81 10.77
C LEU B 62 -35.39 16.18 11.81
N ILE B 63 -35.17 16.86 12.92
CA ILE B 63 -34.28 16.34 13.96
C ILE B 63 -34.86 15.07 14.57
N PHE B 64 -36.16 15.05 14.84
CA PHE B 64 -36.78 13.87 15.41
C PHE B 64 -36.69 12.69 14.46
N ILE B 65 -36.93 12.94 13.17
CA ILE B 65 -36.85 11.87 12.17
C ILE B 65 -35.43 11.34 12.09
N LEU B 66 -34.44 12.23 12.10
CA LEU B 66 -33.05 11.79 12.03
C LEU B 66 -32.66 10.97 13.25
N LEU B 67 -33.08 11.41 14.44
CA LEU B 67 -32.76 10.65 15.65
C LEU B 67 -33.41 9.28 15.62
N THR B 68 -34.67 9.21 15.19
CA THR B 68 -35.35 7.93 15.14
C THR B 68 -34.73 7.01 14.09
N ALA B 69 -34.26 7.57 12.98
CA ALA B 69 -33.62 6.76 11.95
C ALA B 69 -32.24 6.29 12.38
N VAL B 70 -31.55 7.07 13.20
CA VAL B 70 -30.19 6.73 13.62
C VAL B 70 -30.15 5.84 14.85
N ALA B 71 -31.21 5.84 15.66
CA ALA B 71 -31.22 4.99 16.85
C ALA B 71 -30.97 3.51 16.52
N PRO B 72 -31.68 2.90 15.57
CA PRO B 72 -31.37 1.49 15.25
C PRO B 72 -30.08 1.36 14.45
N SER B 73 -29.81 2.35 13.59
CA SER B 73 -28.65 2.29 12.72
C SER B 73 -27.35 2.27 13.52
N MET B 74 -27.25 3.12 14.55
CA MET B 74 -26.04 3.19 15.35
C MET B 74 -25.66 1.84 15.93
N THR B 75 -26.64 1.00 16.21
CA THR B 75 -26.40 -0.32 16.81
C THR B 75 -25.39 -1.12 16.00
N MET C 1 36.10 6.58 61.36
CA MET C 1 37.35 7.08 60.80
C MET C 1 37.38 7.01 59.27
N ARG C 2 36.46 6.22 58.70
CA ARG C 2 36.43 6.06 57.26
C ARG C 2 35.86 7.29 56.55
N CYS C 3 35.03 8.08 57.24
CA CYS C 3 34.45 9.26 56.62
C CYS C 3 35.45 10.41 56.50
N ILE C 4 36.49 10.41 57.32
CA ILE C 4 37.49 11.46 57.22
C ILE C 4 38.17 11.36 55.87
N GLY C 5 38.13 12.44 55.10
CA GLY C 5 38.68 12.48 53.77
C GLY C 5 37.66 12.45 52.65
N ILE C 6 36.40 12.16 52.95
CA ILE C 6 35.35 12.10 51.95
C ILE C 6 34.67 13.46 51.86
N SER C 7 34.51 13.97 50.63
CA SER C 7 33.91 15.28 50.45
C SER C 7 32.43 15.29 50.80
N ASN C 8 31.70 14.26 50.40
CA ASN C 8 30.26 14.17 50.70
C ASN C 8 30.10 13.46 52.03
N ARG C 9 30.37 14.19 53.11
CA ARG C 9 30.31 13.67 54.46
C ARG C 9 29.31 14.48 55.25
N ASP C 10 28.50 13.80 56.07
CA ASP C 10 27.44 14.43 56.83
C ASP C 10 27.61 14.11 58.31
N PHE C 11 27.48 15.12 59.14
CA PHE C 11 27.54 14.97 60.60
C PHE C 11 26.13 14.98 61.15
N VAL C 12 25.75 13.90 61.82
CA VAL C 12 24.45 13.80 62.47
C VAL C 12 24.70 13.73 63.97
N GLU C 13 24.03 14.60 64.71
CA GLU C 13 24.26 14.75 66.15
C GLU C 13 22.96 14.53 66.90
N GLY C 14 23.00 13.64 67.88
CA GLY C 14 21.88 13.44 68.77
C GLY C 14 21.04 12.23 68.38
N VAL C 15 20.36 11.67 69.38
CA VAL C 15 19.41 10.58 69.17
C VAL C 15 18.11 10.94 69.89
N SER C 16 17.00 10.52 69.30
CA SER C 16 15.70 10.79 69.87
C SER C 16 15.56 10.11 71.24
N GLY C 17 14.51 10.50 71.97
CA GLY C 17 14.13 9.75 73.13
C GLY C 17 13.89 8.31 72.75
N GLY C 18 14.54 7.39 73.44
CA GLY C 18 14.66 6.03 72.95
C GLY C 18 15.95 5.76 72.21
N SER C 19 16.77 6.78 71.99
CA SER C 19 18.12 6.64 71.46
C SER C 19 18.14 5.94 70.10
N TRP C 20 17.41 6.53 69.16
CA TRP C 20 17.56 6.18 67.75
C TRP C 20 17.63 7.45 66.93
N VAL C 21 18.38 7.39 65.84
CA VAL C 21 18.48 8.50 64.90
C VAL C 21 18.21 7.95 63.50
N ASP C 22 17.46 8.70 62.71
CA ASP C 22 17.10 8.29 61.36
C ASP C 22 18.04 8.96 60.38
N ILE C 23 18.76 8.17 59.59
CA ILE C 23 19.75 8.69 58.65
C ILE C 23 19.53 8.05 57.28
N VAL C 24 19.89 8.78 56.23
CA VAL C 24 19.81 8.29 54.86
C VAL C 24 21.22 8.03 54.35
N LEU C 25 21.46 6.85 53.81
CA LEU C 25 22.79 6.40 53.42
C LEU C 25 22.90 6.42 51.90
N GLU C 26 23.33 7.54 51.34
CA GLU C 26 23.56 7.64 49.91
C GLU C 26 24.85 6.94 49.50
N HIS C 27 24.88 6.50 48.25
CA HIS C 27 26.11 5.98 47.67
C HIS C 27 27.08 7.11 47.38
N GLY C 28 28.36 6.86 47.62
CA GLY C 28 29.39 7.85 47.38
C GLY C 28 29.61 8.82 48.51
N SER C 29 28.69 8.90 49.47
CA SER C 29 28.83 9.71 50.66
C SER C 29 28.89 8.79 51.88
N CYS C 30 28.95 9.39 53.05
CA CYS C 30 28.89 8.64 54.30
C CYS C 30 28.45 9.58 55.41
N VAL C 31 28.00 8.99 56.51
CA VAL C 31 27.41 9.72 57.61
C VAL C 31 28.17 9.40 58.88
N THR C 32 28.60 10.43 59.60
CA THR C 32 29.15 10.30 60.94
C THR C 32 28.10 10.74 61.94
N THR C 33 27.82 9.89 62.92
CA THR C 33 26.77 10.12 63.90
C THR C 33 27.39 10.24 65.29
N MET C 34 27.01 11.29 66.00
CA MET C 34 27.51 11.57 67.34
C MET C 34 26.35 11.77 68.29
N ALA C 35 26.46 11.19 69.49
CA ALA C 35 25.45 11.37 70.52
C ALA C 35 26.13 11.37 71.87
N LYS C 36 25.60 12.16 72.80
CA LYS C 36 26.18 12.26 74.13
C LYS C 36 26.39 10.88 74.72
N ASN C 37 27.61 10.61 75.19
CA ASN C 37 27.97 9.36 75.85
C ASN C 37 27.89 8.16 74.92
N LYS C 38 27.61 8.38 73.64
CA LYS C 38 27.62 7.34 72.63
C LYS C 38 28.87 7.47 71.78
N PRO C 39 29.43 6.36 71.30
CA PRO C 39 30.58 6.46 70.40
C PRO C 39 30.21 7.12 69.08
N THR C 40 31.21 7.73 68.45
CA THR C 40 31.03 8.28 67.12
C THR C 40 31.20 7.19 66.09
N LEU C 41 30.22 7.04 65.21
CA LEU C 41 30.19 5.98 64.22
C LEU C 41 30.24 6.56 62.82
N ASP C 42 30.83 5.80 61.90
CA ASP C 42 30.90 6.17 60.49
C ASP C 42 30.08 5.16 59.70
N PHE C 43 29.07 5.65 58.99
CA PHE C 43 28.16 4.80 58.21
C PHE C 43 28.31 5.14 56.74
N GLU C 44 28.55 4.11 55.93
CA GLU C 44 28.66 4.29 54.49
C GLU C 44 27.94 3.15 53.79
N LEU C 45 27.06 3.48 52.86
CA LEU C 45 26.50 2.51 51.93
C LEU C 45 27.49 2.30 50.81
N ILE C 46 28.06 1.10 50.72
CA ILE C 46 29.16 0.82 49.81
C ILE C 46 28.77 -0.11 48.69
N LYS C 47 27.57 -0.68 48.73
CA LYS C 47 27.19 -1.65 47.71
C LYS C 47 25.69 -1.84 47.73
N THR C 48 25.08 -1.79 46.55
CA THR C 48 23.72 -2.24 46.33
C THR C 48 23.79 -3.37 45.30
N GLU C 49 23.04 -4.42 45.54
CA GLU C 49 23.04 -5.56 44.64
C GLU C 49 21.62 -5.99 44.33
N ALA C 50 21.36 -6.29 43.06
CA ALA C 50 20.09 -6.85 42.62
C ALA C 50 20.34 -8.28 42.20
N LYS C 51 19.55 -9.20 42.73
CA LYS C 51 19.74 -10.63 42.54
C LYS C 51 18.65 -11.18 41.63
N HIS C 52 19.04 -12.12 40.77
CA HIS C 52 18.11 -12.83 39.91
C HIS C 52 17.20 -11.88 39.12
N PRO C 53 17.76 -11.01 38.29
CA PRO C 53 16.93 -10.15 37.46
C PRO C 53 16.26 -10.95 36.36
N ALA C 54 15.09 -10.50 35.95
CA ALA C 54 14.31 -11.13 34.89
C ALA C 54 14.35 -10.27 33.64
N THR C 55 14.58 -10.91 32.50
CA THR C 55 14.64 -10.19 31.23
C THR C 55 13.25 -9.70 30.86
N LEU C 56 13.12 -8.39 30.63
CA LEU C 56 11.85 -7.80 30.24
C LEU C 56 11.73 -7.58 28.75
N ARG C 57 12.83 -7.34 28.04
CA ARG C 57 12.80 -7.09 26.61
C ARG C 57 14.22 -7.06 26.08
N LYS C 58 14.40 -7.58 24.87
CA LYS C 58 15.67 -7.50 24.16
C LYS C 58 15.49 -6.60 22.95
N TYR C 59 16.24 -5.50 22.93
CA TYR C 59 16.27 -4.60 21.79
C TYR C 59 17.40 -5.00 20.84
N CYS C 60 17.18 -4.80 19.55
CA CYS C 60 18.21 -5.01 18.55
C CYS C 60 18.86 -3.66 18.24
N ILE C 61 20.18 -3.63 18.33
CA ILE C 61 20.94 -2.42 18.03
C ILE C 61 21.79 -2.57 16.78
N GLU C 62 21.98 -3.78 16.28
CA GLU C 62 22.72 -4.02 15.05
C GLU C 62 22.15 -5.25 14.37
N ALA C 63 21.68 -5.09 13.14
CA ALA C 63 21.01 -6.15 12.40
C ALA C 63 21.76 -6.43 11.11
N LYS C 64 21.18 -7.29 10.28
CA LYS C 64 21.66 -7.52 8.93
C LYS C 64 20.51 -8.05 8.09
N LEU C 65 20.52 -7.69 6.81
CA LEU C 65 19.47 -8.09 5.87
C LEU C 65 20.06 -9.03 4.83
N THR C 66 19.33 -10.10 4.53
CA THR C 66 19.76 -11.08 3.57
C THR C 66 18.55 -11.65 2.85
N ASN C 67 18.80 -12.41 1.79
CA ASN C 67 17.73 -13.07 1.05
C ASN C 67 16.70 -12.07 0.55
N THR C 68 17.17 -10.91 0.09
CA THR C 68 16.25 -9.91 -0.45
C THR C 68 15.59 -10.45 -1.70
N THR C 69 14.29 -10.17 -1.84
CA THR C 69 13.51 -10.61 -2.98
C THR C 69 12.45 -9.56 -3.28
N THR C 70 12.00 -9.52 -4.53
CA THR C 70 11.01 -8.56 -4.96
C THR C 70 10.01 -9.23 -5.89
N ALA C 71 8.79 -8.70 -5.91
CA ALA C 71 7.75 -9.16 -6.80
C ALA C 71 7.01 -7.96 -7.35
N SER C 72 6.65 -8.03 -8.63
CA SER C 72 5.99 -6.93 -9.31
C SER C 72 4.69 -7.42 -9.94
N ARG C 73 3.76 -6.49 -10.11
CA ARG C 73 2.51 -6.77 -10.81
C ARG C 73 2.19 -5.59 -11.72
N CYS C 74 1.48 -5.87 -12.80
CA CYS C 74 1.16 -4.82 -13.74
C CYS C 74 0.13 -3.87 -13.15
N PRO C 75 0.02 -2.66 -13.68
CA PRO C 75 -0.89 -1.68 -13.10
C PRO C 75 -2.33 -2.18 -13.06
N THR C 76 -3.04 -1.82 -11.99
CA THR C 76 -4.45 -2.11 -11.76
C THR C 76 -4.73 -3.58 -11.46
N GLN C 77 -3.70 -4.44 -11.45
CA GLN C 77 -3.89 -5.85 -11.22
C GLN C 77 -3.73 -6.24 -9.76
N GLY C 78 -3.63 -5.26 -8.86
CA GLY C 78 -3.58 -5.54 -7.44
C GLY C 78 -2.19 -5.46 -6.85
N GLU C 79 -1.95 -6.24 -5.80
CA GLU C 79 -0.66 -6.29 -5.12
C GLU C 79 0.12 -7.52 -5.55
N PRO C 80 1.45 -7.44 -5.61
CA PRO C 80 2.25 -8.64 -5.80
C PRO C 80 2.29 -9.46 -4.52
N SER C 81 2.65 -10.73 -4.68
CA SER C 81 2.70 -11.67 -3.58
C SER C 81 4.11 -12.23 -3.45
N LEU C 82 4.58 -12.35 -2.21
CA LEU C 82 5.87 -12.96 -1.91
C LEU C 82 5.67 -14.01 -0.83
N ASN C 83 6.18 -15.22 -1.08
CA ASN C 83 6.09 -16.26 -0.06
C ASN C 83 6.73 -15.83 1.24
N GLU C 84 7.74 -14.97 1.18
CA GLU C 84 8.43 -14.53 2.39
C GLU C 84 7.60 -13.56 3.21
N GLU C 85 6.56 -12.97 2.62
CA GLU C 85 5.69 -12.10 3.39
C GLU C 85 5.02 -12.84 4.54
N GLN C 86 4.77 -14.14 4.36
CA GLN C 86 4.17 -14.93 5.43
C GLN C 86 5.08 -14.96 6.65
N ASP C 87 6.38 -15.14 6.45
CA ASP C 87 7.33 -15.18 7.55
C ASP C 87 7.51 -13.80 8.16
N LYS C 88 7.59 -13.76 9.49
CA LYS C 88 7.82 -12.51 10.20
C LYS C 88 9.30 -12.20 10.39
N ARG C 89 10.20 -13.13 10.07
CA ARG C 89 11.62 -12.82 10.00
C ARG C 89 11.96 -11.94 8.82
N PHE C 90 11.04 -11.78 7.88
CA PHE C 90 11.25 -10.96 6.70
C PHE C 90 10.55 -9.63 6.89
N VAL C 91 11.29 -8.54 6.74
CA VAL C 91 10.70 -7.22 6.70
C VAL C 91 10.36 -6.90 5.24
N CYS C 92 9.13 -6.44 5.01
CA CYS C 92 8.61 -6.29 3.67
C CYS C 92 7.94 -4.93 3.54
N LYS C 93 7.86 -4.45 2.30
CA LYS C 93 7.21 -3.18 2.02
C LYS C 93 6.60 -3.22 0.63
N HIS C 94 5.43 -2.60 0.50
CA HIS C 94 4.73 -2.47 -0.76
C HIS C 94 4.91 -1.06 -1.30
N SER C 95 5.07 -0.94 -2.61
CA SER C 95 5.26 0.36 -3.24
C SER C 95 4.89 0.25 -4.71
N MET C 96 4.94 1.39 -5.40
CA MET C 96 4.56 1.48 -6.80
C MET C 96 5.77 1.88 -7.64
N VAL C 97 5.92 1.22 -8.79
CA VAL C 97 6.93 1.58 -9.77
C VAL C 97 6.24 1.87 -11.09
N ASP C 98 6.93 2.62 -11.94
CA ASP C 98 6.44 2.85 -13.29
C ASP C 98 6.53 1.57 -14.11
N ARG C 99 5.42 1.20 -14.74
CA ARG C 99 5.38 0.03 -15.60
C ARG C 99 4.85 0.43 -16.97
N GLY C 100 5.16 -0.39 -17.96
CA GLY C 100 4.74 -0.10 -19.32
C GLY C 100 5.22 -1.18 -20.26
N TRP C 101 5.13 -0.87 -21.55
CA TRP C 101 5.59 -1.82 -22.57
C TRP C 101 7.06 -2.16 -22.37
N GLY C 102 7.86 -1.17 -21.98
CA GLY C 102 9.29 -1.39 -21.89
C GLY C 102 9.67 -2.50 -20.93
N ASN C 103 8.97 -2.59 -19.81
CA ASN C 103 9.23 -3.62 -18.80
C ASN C 103 8.14 -4.67 -18.74
N GLY C 104 7.51 -4.96 -19.88
CA GLY C 104 6.71 -6.17 -20.03
C GLY C 104 5.26 -6.08 -19.62
N CYS C 105 4.72 -4.88 -19.40
CA CYS C 105 3.32 -4.72 -19.06
C CYS C 105 2.55 -4.16 -20.24
N GLY C 106 1.30 -4.61 -20.40
CA GLY C 106 0.44 -4.06 -21.41
C GLY C 106 -0.15 -2.70 -21.06
N LEU C 107 -0.13 -2.35 -19.78
CA LEU C 107 -0.66 -1.08 -19.30
C LEU C 107 0.49 -0.14 -18.93
N PHE C 108 0.14 1.12 -18.74
CA PHE C 108 1.10 2.19 -18.51
C PHE C 108 0.76 2.97 -17.26
N GLY C 109 0.57 2.25 -16.15
CA GLY C 109 0.29 2.87 -14.89
C GLY C 109 1.40 2.65 -13.87
N LYS C 110 1.04 2.81 -12.60
CA LYS C 110 1.94 2.53 -11.48
C LYS C 110 1.72 1.10 -11.02
N GLY C 111 2.66 0.22 -11.33
CA GLY C 111 2.55 -1.16 -10.92
C GLY C 111 3.00 -1.34 -9.49
N GLY C 112 2.29 -2.19 -8.76
CA GLY C 112 2.65 -2.48 -7.39
C GLY C 112 3.87 -3.38 -7.31
N ILE C 113 4.66 -3.19 -6.26
CA ILE C 113 5.89 -3.95 -6.05
C ILE C 113 6.08 -4.20 -4.57
N VAL C 114 6.62 -5.37 -4.23
CA VAL C 114 6.87 -5.75 -2.85
C VAL C 114 8.31 -6.23 -2.73
N THR C 115 9.05 -5.68 -1.78
CA THR C 115 10.43 -6.03 -1.51
C THR C 115 10.51 -6.67 -0.13
N CYS C 116 11.09 -7.87 -0.06
CA CYS C 116 11.22 -8.61 1.20
C CYS C 116 12.66 -9.00 1.44
N ALA C 117 13.16 -8.72 2.64
CA ALA C 117 14.49 -9.14 3.05
C ALA C 117 14.43 -9.76 4.43
N MET C 118 15.32 -10.70 4.69
CA MET C 118 15.35 -11.37 5.99
C MET C 118 16.11 -10.53 7.00
N PHE C 119 15.50 -10.31 8.15
CA PHE C 119 16.07 -9.50 9.22
C PHE C 119 16.71 -10.43 10.24
N THR C 120 17.99 -10.23 10.49
CA THR C 120 18.74 -11.00 11.46
C THR C 120 19.43 -10.04 12.42
N CYS C 121 19.34 -10.33 13.72
CA CYS C 121 19.89 -9.43 14.72
C CYS C 121 21.26 -9.91 15.14
N LYS C 122 22.22 -8.98 15.21
CA LYS C 122 23.60 -9.31 15.52
C LYS C 122 24.02 -8.88 16.93
N LYS C 123 23.44 -7.82 17.47
CA LYS C 123 23.76 -7.36 18.81
C LYS C 123 22.48 -7.01 19.54
N ASN C 124 22.48 -7.22 20.86
CA ASN C 124 21.31 -7.04 21.69
C ASN C 124 21.53 -5.96 22.74
N MET C 125 20.42 -5.47 23.27
CA MET C 125 20.39 -4.47 24.34
C MET C 125 19.42 -4.91 25.42
N GLU C 126 19.63 -6.14 25.91
CA GLU C 126 18.75 -6.74 26.90
C GLU C 126 18.48 -5.82 28.08
N GLY C 127 17.22 -5.78 28.50
CA GLY C 127 16.83 -5.00 29.67
C GLY C 127 16.15 -5.85 30.72
N LYS C 128 16.77 -5.96 31.88
CA LYS C 128 16.31 -6.86 32.93
C LYS C 128 15.65 -6.09 34.07
N ILE C 129 14.86 -6.81 34.87
CA ILE C 129 14.13 -6.23 35.98
C ILE C 129 14.43 -7.04 37.24
N VAL C 130 14.29 -6.38 38.39
CA VAL C 130 14.55 -7.00 39.69
C VAL C 130 13.37 -6.73 40.61
N GLN C 131 12.93 -7.75 41.32
CA GLN C 131 11.95 -7.54 42.37
C GLN C 131 12.62 -6.94 43.60
N PRO C 132 12.00 -5.98 44.26
CA PRO C 132 12.64 -5.34 45.42
C PRO C 132 13.04 -6.31 46.52
N GLU C 133 12.54 -7.54 46.50
CA GLU C 133 12.89 -8.48 47.55
C GLU C 133 14.32 -8.96 47.44
N ASN C 134 14.85 -9.07 46.22
CA ASN C 134 16.23 -9.51 45.99
C ASN C 134 17.10 -8.29 45.80
N LEU C 135 17.30 -7.54 46.87
CA LEU C 135 17.89 -6.21 46.81
C LEU C 135 18.92 -6.02 47.94
N GLU C 136 19.86 -6.96 48.05
CA GLU C 136 20.85 -6.91 49.10
C GLU C 136 21.62 -5.59 49.12
N TYR C 137 21.45 -4.83 50.20
CA TYR C 137 22.25 -3.64 50.47
C TYR C 137 23.39 -4.00 51.40
N THR C 138 24.54 -3.34 51.22
CA THR C 138 25.71 -3.57 52.06
C THR C 138 26.14 -2.28 52.71
N ILE C 139 26.29 -2.29 54.03
CA ILE C 139 26.71 -1.14 54.81
C ILE C 139 27.93 -1.52 55.62
N VAL C 140 28.85 -0.57 55.78
CA VAL C 140 30.04 -0.75 56.59
C VAL C 140 29.98 0.26 57.74
N ILE C 141 30.02 -0.25 58.96
CA ILE C 141 30.05 0.58 60.17
C ILE C 141 31.45 0.54 60.73
N THR C 142 32.10 1.70 60.83
CA THR C 142 33.41 1.81 61.43
C THR C 142 33.32 2.79 62.59
N PRO C 143 33.62 2.38 63.82
CA PRO C 143 33.65 3.34 64.91
C PRO C 143 34.87 4.25 64.80
N HIS C 144 34.77 5.41 65.46
CA HIS C 144 35.92 6.29 65.60
C HIS C 144 36.83 5.75 66.70
N SER C 145 37.39 4.57 66.44
CA SER C 145 38.25 3.91 67.42
C SER C 145 39.58 4.61 67.59
N GLY C 146 39.98 5.44 66.64
CA GLY C 146 41.26 6.12 66.72
C GLY C 146 42.44 5.28 66.31
N GLU C 147 42.23 4.05 65.84
CA GLU C 147 43.33 3.18 65.44
C GLU C 147 44.23 3.89 64.44
N GLU C 148 45.47 3.43 64.32
CA GLU C 148 46.46 4.17 63.54
C GLU C 148 46.06 4.26 62.07
N ASN C 149 45.57 3.17 61.50
CA ASN C 149 45.23 3.11 60.09
C ASN C 149 43.73 3.28 59.82
N ALA C 150 42.96 3.65 60.84
CA ALA C 150 41.51 3.73 60.70
C ALA C 150 41.05 4.91 59.86
N VAL C 151 41.85 5.97 59.78
CA VAL C 151 41.40 7.23 59.23
C VAL C 151 41.34 7.13 57.70
N GLY C 152 40.15 7.32 57.14
CA GLY C 152 39.98 7.36 55.70
C GLY C 152 40.33 6.07 55.00
N ASN C 153 40.41 4.96 55.73
CA ASN C 153 40.85 3.69 55.17
C ASN C 153 39.64 2.93 54.64
N ASP C 154 39.54 2.82 53.32
CA ASP C 154 38.44 2.11 52.68
C ASP C 154 38.66 0.61 52.59
N THR C 155 39.83 0.12 52.97
CA THR C 155 40.09 -1.31 52.92
C THR C 155 39.04 -2.07 53.73
N GLY C 156 38.50 -1.43 54.76
CA GLY C 156 37.43 -2.01 55.54
C GLY C 156 37.84 -3.20 56.38
N LYS C 157 39.13 -3.38 56.62
CA LYS C 157 39.56 -4.49 57.47
C LYS C 157 39.16 -4.24 58.92
N HIS C 158 38.96 -2.99 59.30
CA HIS C 158 38.63 -2.61 60.67
C HIS C 158 37.23 -2.01 60.79
N GLY C 159 36.35 -2.28 59.83
CA GLY C 159 34.98 -1.82 59.91
C GLY C 159 33.99 -2.95 59.70
N LYS C 160 32.94 -3.01 60.53
CA LYS C 160 31.98 -4.09 60.42
C LYS C 160 31.09 -3.90 59.20
N GLU C 161 30.76 -5.01 58.54
CA GLU C 161 29.94 -5.01 57.33
C GLU C 161 28.62 -5.70 57.62
N ILE C 162 27.52 -5.04 57.28
CA ILE C 162 26.18 -5.55 57.50
C ILE C 162 25.42 -5.52 56.18
N LYS C 163 24.74 -6.61 55.86
CA LYS C 163 23.94 -6.71 54.64
C LYS C 163 22.48 -6.50 54.96
N VAL C 164 21.85 -5.54 54.30
CA VAL C 164 20.47 -5.18 54.54
C VAL C 164 19.63 -5.71 53.38
N THR C 165 18.64 -6.53 53.70
CA THR C 165 17.72 -7.06 52.72
C THR C 165 16.30 -6.91 53.23
N PRO C 166 15.31 -6.86 52.33
CA PRO C 166 13.92 -6.73 52.79
C PRO C 166 13.44 -7.92 53.61
N GLN C 167 14.12 -9.06 53.52
CA GLN C 167 13.69 -10.23 54.28
C GLN C 167 13.76 -9.99 55.78
N SER C 168 14.81 -9.33 56.26
CA SER C 168 14.99 -9.04 57.67
C SER C 168 15.04 -7.52 57.85
N SER C 169 14.10 -6.99 58.63
CA SER C 169 14.01 -5.54 58.80
C SER C 169 15.09 -5.01 59.74
N ILE C 170 15.59 -5.86 60.64
CA ILE C 170 16.52 -5.43 61.68
C ILE C 170 17.86 -6.10 61.44
N THR C 171 18.92 -5.30 61.43
CA THR C 171 20.27 -5.78 61.23
C THR C 171 21.10 -5.45 62.46
N GLU C 172 21.86 -6.42 62.94
CA GLU C 172 22.67 -6.29 64.14
C GLU C 172 24.15 -6.47 63.78
N ALA C 173 24.97 -5.51 64.14
CA ALA C 173 26.41 -5.60 63.98
C ALA C 173 27.06 -5.41 65.35
N GLU C 174 27.87 -6.39 65.76
CA GLU C 174 28.64 -6.29 66.99
C GLU C 174 29.95 -5.57 66.67
N LEU C 175 30.12 -4.38 67.23
CA LEU C 175 31.38 -3.66 67.13
C LEU C 175 32.24 -4.02 68.33
N THR C 176 33.36 -4.70 68.08
CA THR C 176 34.19 -5.20 69.16
C THR C 176 34.60 -4.07 70.08
N GLY C 177 34.11 -4.11 71.32
CA GLY C 177 34.39 -3.08 72.29
C GLY C 177 33.39 -1.94 72.34
N TYR C 178 32.45 -1.88 71.39
CA TYR C 178 31.45 -0.83 71.35
C TYR C 178 30.03 -1.35 71.47
N GLY C 179 29.86 -2.60 71.90
CA GLY C 179 28.53 -3.17 71.98
C GLY C 179 27.99 -3.53 70.61
N THR C 180 26.68 -3.51 70.46
CA THR C 180 26.03 -3.86 69.20
C THR C 180 25.25 -2.66 68.68
N VAL C 181 25.38 -2.40 67.38
CA VAL C 181 24.63 -1.35 66.70
C VAL C 181 23.47 -2.00 65.95
N THR C 182 22.30 -1.37 66.00
CA THR C 182 21.10 -1.89 65.36
C THR C 182 20.63 -0.89 64.31
N MET C 183 20.57 -1.33 63.07
CA MET C 183 20.03 -0.54 61.96
C MET C 183 18.73 -1.18 61.51
N GLU C 184 17.69 -0.36 61.38
CA GLU C 184 16.41 -0.80 60.82
C GLU C 184 16.21 -0.02 59.52
N CYS C 185 16.67 -0.62 58.43
CA CYS C 185 16.68 0.06 57.14
C CYS C 185 15.41 -0.23 56.37
N SER C 186 15.20 0.53 55.30
CA SER C 186 14.03 0.39 54.44
C SER C 186 14.50 0.15 53.01
N PRO C 187 14.96 -1.07 52.71
CA PRO C 187 15.42 -1.36 51.35
C PRO C 187 14.33 -1.28 50.31
N ARG C 188 13.06 -1.33 50.71
CA ARG C 188 11.96 -1.27 49.76
C ARG C 188 11.62 0.15 49.33
N THR C 189 11.99 1.16 50.12
CA THR C 189 11.57 2.53 49.89
C THR C 189 12.66 3.39 49.26
N GLY C 190 13.75 2.79 48.79
CA GLY C 190 14.83 3.55 48.20
C GLY C 190 14.60 3.77 46.73
N LEU C 191 15.45 3.22 45.88
CA LEU C 191 15.16 3.21 44.45
C LEU C 191 13.97 2.31 44.17
N ASP C 192 13.01 2.83 43.41
CA ASP C 192 11.78 2.09 43.09
C ASP C 192 12.09 1.09 41.99
N PHE C 193 12.56 -0.09 42.39
CA PHE C 193 13.07 -1.06 41.44
C PHE C 193 11.99 -1.72 40.61
N ASN C 194 10.72 -1.56 40.95
CA ASN C 194 9.63 -2.06 40.13
C ASN C 194 9.20 -1.04 39.09
N GLU C 195 9.93 0.07 38.96
CA GLU C 195 9.71 1.06 37.92
C GLU C 195 10.99 1.41 37.19
N MET C 196 11.98 0.52 37.21
CA MET C 196 13.27 0.76 36.60
C MET C 196 13.73 -0.51 35.92
N VAL C 197 14.69 -0.36 35.00
CA VAL C 197 15.23 -1.47 34.23
C VAL C 197 16.74 -1.48 34.35
N LEU C 198 17.31 -2.67 34.42
CA LEU C 198 18.76 -2.85 34.41
C LEU C 198 19.17 -3.10 32.97
N LEU C 199 19.45 -2.03 32.24
CA LEU C 199 19.71 -2.10 30.81
C LEU C 199 21.16 -2.46 30.55
N GLN C 200 21.39 -3.62 29.92
CA GLN C 200 22.73 -4.13 29.66
C GLN C 200 22.97 -4.18 28.16
N MET C 201 24.05 -3.52 27.72
CA MET C 201 24.39 -3.45 26.30
C MET C 201 25.89 -3.52 26.15
N GLU C 202 26.40 -4.64 25.67
CA GLU C 202 27.81 -4.77 25.30
C GLU C 202 28.73 -4.35 26.45
N ASN C 203 28.68 -5.13 27.51
CA ASN C 203 29.56 -5.00 28.68
C ASN C 203 29.42 -3.63 29.36
N LYS C 204 28.23 -3.03 29.28
CA LYS C 204 27.89 -1.87 30.08
C LYS C 204 26.45 -1.99 30.53
N ALA C 205 26.12 -1.31 31.63
CA ALA C 205 24.78 -1.33 32.17
C ALA C 205 24.36 0.08 32.57
N TRP C 206 23.05 0.32 32.53
CA TRP C 206 22.47 1.57 32.98
C TRP C 206 21.16 1.29 33.70
N LEU C 207 20.91 2.08 34.73
CA LEU C 207 19.66 1.99 35.48
C LEU C 207 18.71 3.02 34.87
N VAL C 208 17.78 2.55 34.05
CA VAL C 208 16.92 3.41 33.28
C VAL C 208 15.50 3.31 33.79
N HIS C 209 14.63 4.14 33.23
CA HIS C 209 13.22 4.18 33.59
C HIS C 209 12.45 3.16 32.76
N ARG C 210 11.57 2.41 33.44
CA ARG C 210 10.85 1.35 32.77
C ARG C 210 10.09 1.85 31.55
N GLN C 211 9.34 2.93 31.70
CA GLN C 211 8.57 3.46 30.58
C GLN C 211 9.48 3.97 29.48
N TRP C 212 10.52 4.72 29.84
CA TRP C 212 11.49 5.18 28.85
C TRP C 212 12.06 4.00 28.07
N PHE C 213 12.39 2.91 28.77
CA PHE C 213 12.94 1.74 28.11
C PHE C 213 11.93 1.12 27.15
N LEU C 214 10.69 0.95 27.60
CA LEU C 214 9.67 0.36 26.75
C LEU C 214 9.31 1.26 25.57
N ASP C 215 9.69 2.53 25.63
CA ASP C 215 9.43 3.48 24.56
C ASP C 215 10.57 3.59 23.55
N LEU C 216 11.63 2.79 23.70
CA LEU C 216 12.77 2.88 22.80
C LEU C 216 12.36 2.47 21.40
N PRO C 217 12.66 3.26 20.37
CA PRO C 217 12.34 2.90 18.98
C PRO C 217 13.38 2.01 18.31
N LEU C 218 13.32 0.72 18.59
CA LEU C 218 14.19 -0.26 17.95
C LEU C 218 13.42 -1.57 17.82
N PRO C 219 13.88 -2.48 16.96
CA PRO C 219 13.34 -3.84 16.99
C PRO C 219 13.58 -4.46 18.36
N TRP C 220 12.59 -5.21 18.83
CA TRP C 220 12.69 -5.82 20.15
C TRP C 220 12.06 -7.20 20.15
N LEU C 221 12.30 -7.91 21.24
CA LEU C 221 11.72 -9.20 21.53
C LEU C 221 11.07 -9.16 22.91
N PRO C 222 10.05 -9.97 23.16
CA PRO C 222 9.28 -9.82 24.41
C PRO C 222 10.09 -10.07 25.67
N GLY C 223 11.21 -10.80 25.58
CA GLY C 223 12.05 -11.12 26.71
C GLY C 223 11.99 -12.57 27.12
N ALA C 224 10.82 -13.19 26.99
CA ALA C 224 10.68 -14.63 27.14
C ALA C 224 10.97 -15.38 25.85
N ASP C 225 11.28 -14.66 24.78
CA ASP C 225 11.53 -15.29 23.49
C ASP C 225 12.73 -16.24 23.58
N THR C 226 12.64 -17.35 22.87
CA THR C 226 13.71 -18.34 22.82
C THR C 226 14.31 -18.51 21.44
N GLN C 227 13.48 -18.55 20.40
CA GLN C 227 14.00 -18.57 19.04
C GLN C 227 14.72 -17.28 18.71
N GLY C 228 14.24 -16.15 19.22
CA GLY C 228 14.92 -14.89 19.03
C GLY C 228 14.98 -14.40 17.61
N SER C 229 13.92 -14.62 16.83
CA SER C 229 13.87 -14.17 15.44
C SER C 229 12.64 -13.37 15.09
N ASN C 230 11.62 -13.31 15.94
CA ASN C 230 10.40 -12.59 15.64
C ASN C 230 10.46 -11.15 16.16
N TRP C 231 11.49 -10.44 15.71
CA TRP C 231 11.63 -9.05 16.08
C TRP C 231 10.42 -8.26 15.61
N ILE C 232 9.98 -7.33 16.44
CA ILE C 232 8.65 -6.73 16.28
C ILE C 232 8.71 -5.41 15.52
N GLN C 233 9.46 -4.46 16.04
CA GLN C 233 9.51 -3.12 15.45
C GLN C 233 10.66 -3.02 14.45
N LYS C 234 10.73 -3.96 13.51
CA LYS C 234 11.88 -4.08 12.63
C LYS C 234 12.01 -2.89 11.69
N GLU C 235 10.91 -2.23 11.37
CA GLU C 235 10.95 -1.11 10.44
C GLU C 235 11.75 0.06 10.96
N THR C 236 12.09 0.06 12.26
CA THR C 236 12.93 1.11 12.82
C THR C 236 14.41 0.88 12.57
N LEU C 237 14.80 -0.25 12.01
CA LEU C 237 16.21 -0.58 11.77
C LEU C 237 16.44 -0.99 10.32
N VAL C 238 15.63 -0.46 9.41
CA VAL C 238 15.71 -0.82 8.00
C VAL C 238 15.25 0.38 7.18
N THR C 239 15.82 0.53 5.99
CA THR C 239 15.43 1.58 5.06
C THR C 239 14.92 0.95 3.78
N PHE C 240 13.74 1.38 3.34
CA PHE C 240 13.21 1.03 2.03
C PHE C 240 13.36 2.23 1.12
N LYS C 241 14.09 2.07 0.02
CA LYS C 241 14.40 3.16 -0.88
C LYS C 241 13.78 2.89 -2.23
N ASN C 242 13.08 3.89 -2.76
CA ASN C 242 12.53 3.87 -4.12
C ASN C 242 12.95 5.18 -4.78
N PRO C 243 14.22 5.27 -5.21
CA PRO C 243 14.79 6.60 -5.50
C PRO C 243 14.03 7.39 -6.55
N HIS C 244 13.83 6.81 -7.74
CA HIS C 244 13.22 7.52 -8.86
C HIS C 244 11.87 6.92 -9.26
N ALA C 245 11.18 6.28 -8.31
CA ALA C 245 9.93 5.58 -8.62
C ALA C 245 10.18 4.49 -9.65
N LYS C 246 11.39 3.94 -9.66
CA LYS C 246 11.77 2.90 -10.59
C LYS C 246 12.03 1.58 -9.90
N LYS C 247 12.98 1.51 -8.95
CA LYS C 247 13.36 0.28 -8.29
C LYS C 247 13.36 0.48 -6.78
N GLN C 248 12.89 -0.53 -6.05
CA GLN C 248 12.85 -0.47 -4.59
C GLN C 248 13.91 -1.39 -3.99
N ASP C 249 14.63 -0.90 -2.99
CA ASP C 249 15.69 -1.65 -2.33
C ASP C 249 15.60 -1.43 -0.83
N VAL C 250 16.26 -2.30 -0.07
CA VAL C 250 16.20 -2.31 1.38
C VAL C 250 17.62 -2.32 1.93
N VAL C 251 17.91 -1.43 2.88
CA VAL C 251 19.19 -1.38 3.56
C VAL C 251 18.98 -1.46 5.05
N VAL C 252 20.00 -1.95 5.76
CA VAL C 252 19.85 -2.34 7.15
C VAL C 252 20.02 -1.21 8.16
N LEU C 253 20.43 -0.03 7.74
CA LEU C 253 20.40 1.16 8.58
C LEU C 253 21.30 1.03 9.81
N GLY C 254 22.56 0.66 9.58
CA GLY C 254 23.64 0.84 10.53
C GLY C 254 23.47 0.21 11.92
N SER C 255 24.43 0.54 12.78
CA SER C 255 24.51 0.02 14.14
C SER C 255 24.25 1.14 15.14
N GLN C 256 23.39 0.86 16.12
CA GLN C 256 22.86 1.88 17.02
C GLN C 256 23.52 1.90 18.39
N GLU C 257 24.72 1.34 18.52
CA GLU C 257 25.40 1.36 19.81
C GLU C 257 25.68 2.79 20.25
N GLY C 258 26.28 3.60 19.36
CA GLY C 258 26.59 4.97 19.72
C GLY C 258 25.34 5.80 19.91
N ALA C 259 24.32 5.58 19.09
CA ALA C 259 23.06 6.28 19.27
C ALA C 259 22.45 5.97 20.63
N MET C 260 22.48 4.71 21.05
CA MET C 260 22.01 4.38 22.39
C MET C 260 22.87 5.03 23.47
N HIS C 261 24.19 5.02 23.28
CA HIS C 261 25.05 5.66 24.27
C HIS C 261 24.69 7.13 24.44
N THR C 262 24.35 7.80 23.33
CA THR C 262 23.88 9.18 23.43
C THR C 262 22.51 9.26 24.07
N ALA C 263 21.64 8.29 23.78
CA ALA C 263 20.29 8.29 24.35
C ALA C 263 20.31 8.08 25.85
N LEU C 264 21.30 7.36 26.36
CA LEU C 264 21.43 7.07 27.78
C LEU C 264 22.00 8.23 28.57
N THR C 265 22.17 9.39 27.94
CA THR C 265 22.55 10.59 28.68
C THR C 265 21.52 10.86 29.77
N GLY C 266 22.00 11.14 30.98
CA GLY C 266 21.12 11.33 32.10
C GLY C 266 20.78 10.06 32.86
N ALA C 267 21.30 8.92 32.45
CA ALA C 267 21.08 7.65 33.15
C ALA C 267 22.38 7.24 33.83
N THR C 268 22.29 6.86 35.10
CA THR C 268 23.47 6.48 35.86
C THR C 268 23.91 5.07 35.48
N GLU C 269 25.20 4.92 35.24
CA GLU C 269 25.76 3.63 34.87
C GLU C 269 25.85 2.70 36.08
N ILE C 270 25.75 1.41 35.81
CA ILE C 270 25.80 0.37 36.84
C ILE C 270 26.67 -0.77 36.32
N GLN C 271 26.90 -1.76 37.16
CA GLN C 271 27.76 -2.90 36.84
C GLN C 271 26.90 -4.16 36.82
N MET C 272 26.57 -4.62 35.62
CA MET C 272 25.85 -5.89 35.44
C MET C 272 26.74 -6.96 34.84
N SER C 273 28.05 -6.74 34.76
CA SER C 273 28.94 -7.74 34.19
C SER C 273 28.91 -9.02 35.00
N SER C 274 28.93 -8.90 36.33
CA SER C 274 28.87 -10.07 37.20
C SER C 274 28.19 -9.64 38.50
N GLY C 275 26.89 -9.88 38.61
CA GLY C 275 26.15 -9.68 39.84
C GLY C 275 25.09 -8.60 39.81
N ASN C 276 25.11 -7.71 38.82
CA ASN C 276 24.15 -6.62 38.75
C ASN C 276 24.30 -5.67 39.94
N LEU C 277 25.54 -5.24 40.15
CA LEU C 277 25.86 -4.34 41.25
C LEU C 277 25.46 -2.90 40.91
N LEU C 278 24.94 -2.20 41.90
CA LEU C 278 24.59 -0.80 41.78
C LEU C 278 25.37 -0.01 42.81
N PHE C 279 25.98 1.08 42.37
CA PHE C 279 26.73 1.99 43.23
C PHE C 279 26.12 3.37 43.18
N THR C 280 24.78 3.42 43.17
CA THR C 280 24.04 4.66 43.12
C THR C 280 22.76 4.47 43.92
N GLY C 281 22.17 5.59 44.34
CA GLY C 281 20.97 5.56 45.15
C GLY C 281 21.28 5.71 46.62
N HIS C 282 20.22 5.70 47.42
CA HIS C 282 20.30 5.92 48.85
C HIS C 282 19.64 4.76 49.60
N LEU C 283 19.68 4.85 50.93
CA LEU C 283 19.02 3.88 51.80
C LEU C 283 18.75 4.56 53.12
N LYS C 284 17.48 4.72 53.47
CA LYS C 284 17.10 5.33 54.73
C LYS C 284 17.07 4.28 55.83
N CYS C 285 17.82 4.52 56.90
CA CYS C 285 17.92 3.59 58.01
C CYS C 285 17.61 4.32 59.31
N ARG C 286 17.08 3.58 60.27
CA ARG C 286 16.92 4.07 61.63
C ARG C 286 18.00 3.45 62.48
N LEU C 287 18.78 4.29 63.14
CA LEU C 287 19.93 3.85 63.91
C LEU C 287 19.55 3.69 65.37
N ARG C 288 19.92 2.55 65.95
CA ARG C 288 19.63 2.24 67.35
C ARG C 288 20.91 2.38 68.15
N MET C 289 20.94 3.36 69.05
CA MET C 289 22.10 3.61 69.90
C MET C 289 22.00 2.94 71.26
N ASP C 290 20.96 2.16 71.50
CA ASP C 290 20.68 1.66 72.84
C ASP C 290 21.85 0.83 73.37
N LYS C 291 22.36 -0.08 72.57
CA LYS C 291 23.38 -1.03 72.99
C LYS C 291 24.78 -0.56 72.66
N LEU C 292 24.94 0.68 72.23
CA LEU C 292 26.26 1.25 71.95
C LEU C 292 26.84 1.80 73.24
N GLN C 293 28.01 1.30 73.63
CA GLN C 293 28.71 1.76 74.81
C GLN C 293 30.12 2.17 74.42
N LEU C 294 30.56 3.31 74.93
CA LEU C 294 31.88 3.82 74.59
C LEU C 294 32.95 2.80 74.93
N LYS C 295 33.88 2.58 74.01
CA LYS C 295 35.03 1.76 74.29
C LYS C 295 36.05 2.55 75.09
N GLY C 296 36.72 1.88 76.01
CA GLY C 296 37.70 2.55 76.84
C GLY C 296 37.13 3.33 77.98
N MET C 297 35.81 3.39 78.11
CA MET C 297 35.21 3.88 79.34
C MET C 297 35.54 2.92 80.48
N SER C 298 35.60 3.47 81.69
CA SER C 298 36.11 2.73 82.83
C SER C 298 37.63 2.59 82.74
N TYR C 299 38.26 3.56 82.11
CA TYR C 299 39.70 3.66 82.01
C TYR C 299 40.18 4.86 82.82
N SER C 300 41.40 4.75 83.34
CA SER C 300 42.04 5.89 83.98
C SER C 300 42.60 6.83 82.93
N MET C 301 42.63 8.11 83.26
CA MET C 301 43.20 9.09 82.36
C MET C 301 44.70 8.84 82.19
N CYS C 302 45.22 9.21 81.03
CA CYS C 302 46.64 9.07 80.73
C CYS C 302 47.39 10.22 81.37
N THR C 303 48.26 9.91 82.33
CA THR C 303 49.02 10.93 83.02
C THR C 303 50.38 11.19 82.40
N GLY C 304 50.85 10.30 81.54
CA GLY C 304 52.16 10.43 80.94
C GLY C 304 52.20 11.44 79.81
N LYS C 305 53.30 11.43 79.09
CA LYS C 305 53.57 12.41 78.05
C LYS C 305 53.15 11.89 76.69
N PHE C 306 52.54 12.75 75.89
CA PHE C 306 52.14 12.44 74.53
C PHE C 306 53.05 13.17 73.55
N LYS C 307 53.22 12.57 72.38
CA LYS C 307 53.94 13.19 71.27
C LYS C 307 53.08 13.12 70.02
N VAL C 308 53.24 14.14 69.17
CA VAL C 308 52.51 14.23 67.91
C VAL C 308 53.30 13.46 66.85
N VAL C 309 52.72 12.37 66.35
CA VAL C 309 53.37 11.57 65.33
C VAL C 309 52.90 11.90 63.92
N LYS C 310 51.90 12.77 63.77
CA LYS C 310 51.49 13.24 62.46
C LYS C 310 50.79 14.57 62.65
N GLU C 311 51.35 15.64 62.10
CA GLU C 311 50.87 16.98 62.40
C GLU C 311 49.37 17.11 62.14
N ILE C 312 48.77 18.11 62.78
CA ILE C 312 47.34 18.36 62.62
C ILE C 312 47.05 18.66 61.16
N ALA C 313 46.08 17.94 60.60
CA ALA C 313 45.57 18.19 59.27
C ALA C 313 44.10 18.56 59.36
N GLU C 314 43.69 19.56 58.59
CA GLU C 314 42.30 19.99 58.56
C GLU C 314 41.58 19.31 57.41
N THR C 315 40.44 18.69 57.71
CA THR C 315 39.63 18.06 56.68
C THR C 315 38.79 19.11 55.96
N GLN C 316 38.00 18.65 55.00
CA GLN C 316 37.22 19.56 54.17
C GLN C 316 36.03 20.18 54.90
N HIS C 317 35.68 19.67 56.08
CA HIS C 317 34.48 20.08 56.79
C HIS C 317 34.79 20.83 58.08
N GLY C 318 35.98 21.42 58.18
CA GLY C 318 36.33 22.19 59.36
C GLY C 318 36.69 21.39 60.57
N THR C 319 36.93 20.09 60.43
CA THR C 319 37.37 19.27 61.55
C THR C 319 38.81 18.84 61.33
N ILE C 320 39.64 19.07 62.33
CA ILE C 320 41.04 18.71 62.27
C ILE C 320 41.21 17.28 62.76
N VAL C 321 42.26 16.63 62.28
CA VAL C 321 42.64 15.30 62.75
C VAL C 321 44.12 15.30 63.02
N ILE C 322 44.51 14.83 64.20
CA ILE C 322 45.90 14.76 64.62
C ILE C 322 46.16 13.36 65.15
N ARG C 323 47.39 12.88 64.99
CA ARG C 323 47.79 11.58 65.47
C ARG C 323 48.85 11.77 66.56
N VAL C 324 48.59 11.20 67.74
CA VAL C 324 49.47 11.34 68.88
C VAL C 324 49.83 9.95 69.38
N GLN C 325 51.04 9.83 69.92
CA GLN C 325 51.48 8.61 70.56
C GLN C 325 51.69 8.86 72.05
N TYR C 326 51.60 7.78 72.82
CA TYR C 326 51.68 7.84 74.27
C TYR C 326 52.97 7.19 74.75
N GLU C 327 53.56 7.76 75.79
CA GLU C 327 54.70 7.18 76.49
C GLU C 327 54.46 7.34 77.98
N GLY C 328 53.80 6.35 78.58
CA GLY C 328 53.44 6.38 79.98
C GLY C 328 53.20 4.97 80.48
N ASP C 329 52.93 4.87 81.78
CA ASP C 329 52.83 3.55 82.41
C ASP C 329 51.46 2.92 82.20
N GLY C 330 50.39 3.69 82.36
CA GLY C 330 49.05 3.14 82.27
C GLY C 330 48.59 2.99 80.84
N SER C 331 49.15 2.02 80.12
CA SER C 331 48.97 1.89 78.68
C SER C 331 47.50 2.06 78.30
N PRO C 332 46.60 1.18 78.75
CA PRO C 332 45.17 1.33 78.41
C PRO C 332 44.49 2.42 79.22
N CYS C 333 44.61 3.66 78.74
CA CYS C 333 44.10 4.83 79.42
C CYS C 333 43.42 5.74 78.40
N LYS C 334 42.77 6.79 78.89
CA LYS C 334 42.04 7.71 78.04
C LYS C 334 42.79 9.03 77.92
N ILE C 335 42.86 9.54 76.69
CA ILE C 335 43.74 10.66 76.37
C ILE C 335 43.08 11.96 76.83
N PRO C 336 43.78 12.79 77.60
CA PRO C 336 43.29 14.12 78.00
C PRO C 336 43.37 15.15 76.86
N PHE C 337 42.33 15.17 76.02
CA PHE C 337 42.28 16.03 74.86
C PHE C 337 41.28 17.16 75.11
N GLU C 338 41.68 18.39 74.82
CA GLU C 338 40.82 19.55 74.97
C GLU C 338 41.17 20.61 73.94
N ILE C 339 40.16 21.36 73.53
CA ILE C 339 40.34 22.49 72.60
C ILE C 339 39.90 23.73 73.38
N MET C 340 40.86 24.52 73.83
CA MET C 340 40.59 25.71 74.62
C MET C 340 40.72 26.96 73.75
N ASP C 341 40.36 28.09 74.34
CA ASP C 341 40.64 29.38 73.71
C ASP C 341 42.09 29.77 74.01
N LEU C 342 42.49 30.94 73.51
CA LEU C 342 43.88 31.34 73.67
C LEU C 342 44.25 31.57 75.12
N GLU C 343 43.29 31.97 75.96
CA GLU C 343 43.54 32.14 77.38
C GLU C 343 43.52 30.82 78.15
N LYS C 344 42.98 29.76 77.57
CA LYS C 344 42.87 28.46 78.25
C LYS C 344 41.91 28.53 79.42
N ARG C 345 40.80 29.25 79.25
CA ARG C 345 39.76 29.33 80.25
C ARG C 345 38.40 28.88 79.75
N HIS C 346 38.25 28.65 78.45
CA HIS C 346 37.01 28.18 77.86
C HIS C 346 37.31 27.00 76.95
N VAL C 347 36.47 25.99 77.00
CA VAL C 347 36.58 24.84 76.10
C VAL C 347 35.72 25.14 74.88
N LEU C 348 36.37 25.37 73.74
CA LEU C 348 35.66 25.85 72.56
C LEU C 348 35.33 24.73 71.58
N GLY C 349 36.27 23.82 71.36
CA GLY C 349 36.09 22.80 70.35
C GLY C 349 35.53 21.50 70.92
N ARG C 350 34.67 20.87 70.13
CA ARG C 350 34.11 19.56 70.46
C ARG C 350 34.93 18.47 69.80
N LEU C 351 35.00 17.33 70.46
CA LEU C 351 35.74 16.18 69.95
C LEU C 351 34.81 15.31 69.14
N ILE C 352 35.17 15.08 67.87
CA ILE C 352 34.44 14.09 67.08
C ILE C 352 34.79 12.68 67.53
N THR C 353 36.08 12.41 67.74
CA THR C 353 36.55 11.13 68.27
C THR C 353 36.35 11.15 69.78
N VAL C 354 35.08 11.08 70.18
CA VAL C 354 34.73 11.20 71.59
C VAL C 354 35.38 10.07 72.37
N ASN C 355 35.98 10.41 73.50
CA ASN C 355 36.62 9.43 74.38
C ASN C 355 37.77 8.73 73.68
N PRO C 356 38.79 9.45 73.24
CA PRO C 356 39.99 8.78 72.73
C PRO C 356 40.69 8.01 73.83
N ILE C 357 41.30 6.89 73.47
CA ILE C 357 41.97 6.02 74.43
C ILE C 357 43.26 5.47 73.82
N VAL C 358 44.26 5.28 74.68
CA VAL C 358 45.53 4.68 74.27
C VAL C 358 45.41 3.19 74.56
N THR C 359 45.01 2.43 73.53
CA THR C 359 44.94 0.98 73.69
C THR C 359 46.32 0.39 73.92
N GLU C 360 47.29 0.82 73.13
CA GLU C 360 48.66 0.32 73.24
C GLU C 360 49.61 1.49 73.38
N LYS C 361 50.67 1.28 74.17
CA LYS C 361 51.68 2.31 74.35
C LYS C 361 52.34 2.66 73.02
N ASP C 362 52.65 1.66 72.20
CA ASP C 362 53.35 1.84 70.95
C ASP C 362 52.43 2.13 69.77
N SER C 363 51.12 2.10 69.97
CA SER C 363 50.17 2.31 68.87
C SER C 363 49.74 3.76 68.83
N PRO C 364 49.95 4.49 67.74
CA PRO C 364 49.63 5.92 67.63
C PRO C 364 48.15 6.21 67.36
N VAL C 365 47.36 6.26 68.42
CA VAL C 365 45.96 6.65 68.29
C VAL C 365 45.86 7.97 67.55
N ASN C 366 44.96 8.03 66.57
CA ASN C 366 44.63 9.27 65.87
C ASN C 366 43.19 9.65 66.19
N ILE C 367 42.94 10.95 66.28
CA ILE C 367 41.66 11.45 66.78
C ILE C 367 41.28 12.72 66.03
N GLU C 368 39.98 12.91 65.86
CA GLU C 368 39.43 14.04 65.13
C GLU C 368 38.63 14.93 66.07
N ALA C 369 38.66 16.23 65.79
CA ALA C 369 37.92 17.21 66.58
C ALA C 369 37.37 18.27 65.63
N GLU C 370 36.50 19.12 66.16
CA GLU C 370 35.96 20.26 65.42
C GLU C 370 36.34 21.54 66.16
N PRO C 371 37.45 22.17 65.79
CA PRO C 371 37.88 23.38 66.47
C PRO C 371 36.96 24.54 66.15
N PRO C 372 36.93 25.56 67.00
CA PRO C 372 36.15 26.76 66.69
C PRO C 372 36.85 27.61 65.65
N PHE C 373 36.07 28.48 65.01
CA PHE C 373 36.64 29.41 64.04
C PHE C 373 37.62 30.35 64.75
N GLY C 374 38.74 30.62 64.09
CA GLY C 374 39.77 31.46 64.67
C GLY C 374 40.78 30.68 65.48
N ASP C 375 41.52 31.41 66.30
CA ASP C 375 42.62 30.83 67.05
C ASP C 375 42.12 29.96 68.19
N SER C 376 42.85 28.90 68.48
CA SER C 376 42.55 28.00 69.58
C SER C 376 43.78 27.16 69.86
N TYR C 377 43.75 26.48 71.02
CA TYR C 377 44.82 25.59 71.44
C TYR C 377 44.29 24.18 71.55
N ILE C 378 45.03 23.22 70.99
CA ILE C 378 44.75 21.80 71.16
C ILE C 378 45.67 21.31 72.27
N ILE C 379 45.12 21.12 73.46
CA ILE C 379 45.87 20.63 74.60
C ILE C 379 45.70 19.12 74.69
N ILE C 380 46.82 18.40 74.69
CA ILE C 380 46.82 16.95 74.77
C ILE C 380 47.72 16.54 75.92
N GLY C 381 47.16 15.87 76.91
CA GLY C 381 47.91 15.41 78.07
C GLY C 381 47.65 16.25 79.29
N VAL C 382 48.18 15.77 80.42
CA VAL C 382 48.04 16.43 81.70
C VAL C 382 49.20 17.39 81.94
N GLU C 383 49.04 18.27 82.92
CA GLU C 383 49.91 19.43 83.08
C GLU C 383 51.40 19.14 83.15
N PRO C 384 51.89 18.11 83.89
CA PRO C 384 53.34 18.00 84.08
C PRO C 384 54.14 18.19 82.80
N GLY C 385 53.85 17.40 81.77
CA GLY C 385 54.31 17.74 80.44
C GLY C 385 53.24 17.50 79.41
N GLN C 386 52.72 18.55 78.78
CA GLN C 386 51.53 18.42 77.95
C GLN C 386 51.69 19.22 76.67
N LEU C 387 51.14 18.68 75.58
CA LEU C 387 51.20 19.34 74.29
C LEU C 387 50.22 20.49 74.24
N LYS C 388 50.66 21.63 73.70
CA LYS C 388 49.81 22.81 73.55
C LYS C 388 50.00 23.30 72.11
N LEU C 389 49.13 22.85 71.21
CA LEU C 389 49.24 23.13 69.79
C LEU C 389 48.27 24.23 69.40
N SER C 390 48.76 25.21 68.66
CA SER C 390 47.92 26.32 68.21
C SER C 390 47.30 25.99 66.86
N TRP C 391 46.04 26.35 66.71
CA TRP C 391 45.33 26.13 65.46
C TRP C 391 44.53 27.37 65.09
N PHE C 392 44.39 27.61 63.80
CA PHE C 392 43.51 28.65 63.28
C PHE C 392 42.58 28.01 62.25
N LYS C 393 41.29 28.16 62.48
CA LYS C 393 40.27 27.65 61.56
C LYS C 393 39.73 28.82 60.74
N LYS C 394 39.88 28.73 59.42
CA LYS C 394 39.38 29.77 58.54
C LYS C 394 37.88 29.61 58.31
N GLY C 395 37.19 30.73 58.20
CA GLY C 395 35.77 30.73 57.92
C GLY C 395 35.03 31.64 58.87
N SER C 396 33.80 31.27 59.17
CA SER C 396 32.91 32.09 59.99
C SER C 396 31.71 31.25 60.39
N SER C 397 30.96 31.76 61.37
CA SER C 397 29.70 31.11 61.71
C SER C 397 28.64 31.41 60.66
N ILE C 398 28.62 32.63 60.12
CA ILE C 398 27.69 32.96 59.05
C ILE C 398 27.98 32.14 57.81
N GLY C 399 29.26 32.00 57.45
CA GLY C 399 29.61 31.17 56.30
C GLY C 399 29.25 29.73 56.50
N GLN C 400 29.48 29.20 57.70
CA GLN C 400 29.08 27.82 57.99
C GLN C 400 27.58 27.65 57.90
N MET C 401 26.80 28.62 58.40
CA MET C 401 25.36 28.54 58.30
C MET C 401 24.91 28.53 56.84
N PHE C 402 25.51 29.40 56.03
CA PHE C 402 25.17 29.42 54.61
C PHE C 402 25.50 28.09 53.95
N GLU C 403 26.66 27.52 54.26
CA GLU C 403 27.05 26.25 53.67
C GLU C 403 26.12 25.13 54.12
N THR C 404 25.71 25.14 55.38
CA THR C 404 24.76 24.16 55.87
C THR C 404 23.43 24.28 55.16
N THR C 405 22.97 25.51 54.93
CA THR C 405 21.71 25.71 54.21
C THR C 405 21.82 25.20 52.77
N MET C 406 22.94 25.50 52.12
CA MET C 406 23.13 25.03 50.74
C MET C 406 23.19 23.51 50.69
N ARG C 407 23.85 22.88 51.66
CA ARG C 407 23.92 21.43 51.68
C ARG C 407 22.55 20.81 51.93
N GLY C 408 21.76 21.42 52.81
CA GLY C 408 20.41 20.93 53.03
C GLY C 408 19.54 21.07 51.79
N ALA C 409 19.67 22.18 51.09
CA ALA C 409 18.93 22.37 49.84
C ALA C 409 19.35 21.33 48.82
N LYS C 410 20.64 21.06 48.70
CA LYS C 410 21.09 20.06 47.75
C LYS C 410 20.58 18.67 48.13
N ARG C 411 20.55 18.36 49.42
CA ARG C 411 20.00 17.09 49.85
C ARG C 411 18.52 16.98 49.52
N MET C 412 17.79 18.08 49.67
CA MET C 412 16.39 18.10 49.24
C MET C 412 16.25 18.06 47.73
N ALA C 413 17.31 18.34 46.98
CA ALA C 413 17.24 18.27 45.52
C ALA C 413 17.48 16.84 45.02
N ILE C 414 18.50 16.16 45.54
CA ILE C 414 18.73 14.78 45.15
C ILE C 414 17.66 13.87 45.73
N LEU C 415 17.29 14.09 46.99
CA LEU C 415 16.23 13.33 47.63
C LEU C 415 14.96 14.18 47.67
N GLY C 416 13.83 13.52 47.77
CA GLY C 416 12.58 14.24 47.79
C GLY C 416 12.16 14.55 49.21
N ASP C 417 11.07 13.95 49.66
CA ASP C 417 10.72 14.01 51.07
C ASP C 417 11.68 13.21 51.94
N THR C 418 12.51 12.36 51.32
CA THR C 418 13.45 11.56 52.10
C THR C 418 14.52 12.40 52.76
N ALA C 419 14.68 13.65 52.35
CA ALA C 419 15.60 14.54 53.03
C ALA C 419 15.13 14.89 54.43
N TRP C 420 13.83 14.74 54.70
CA TRP C 420 13.28 15.01 56.03
C TRP C 420 13.52 13.87 56.99
N ASP C 421 14.10 12.76 56.54
CA ASP C 421 14.45 11.65 57.40
C ASP C 421 15.93 11.58 57.72
N PHE C 422 16.75 12.47 57.13
CA PHE C 422 18.19 12.31 57.23
C PHE C 422 18.67 12.43 58.67
N GLY C 423 18.14 13.39 59.41
CA GLY C 423 18.56 13.57 60.79
C GLY C 423 17.40 13.74 61.73
N SER C 424 16.22 13.32 61.31
CA SER C 424 15.03 13.50 62.10
C SER C 424 15.04 12.62 63.34
N LEU C 425 14.54 13.17 64.45
CA LEU C 425 14.35 12.43 65.70
C LEU C 425 12.89 12.65 66.06
N GLY C 426 12.02 11.83 65.48
CA GLY C 426 10.59 12.12 65.58
C GLY C 426 10.35 13.54 65.11
N GLY C 427 9.52 14.26 65.84
CA GLY C 427 9.32 15.67 65.56
C GLY C 427 8.08 15.97 64.75
N VAL C 428 7.18 16.77 65.32
CA VAL C 428 5.97 17.15 64.61
C VAL C 428 6.30 18.08 63.44
N PHE C 429 7.25 18.99 63.63
CA PHE C 429 7.66 19.87 62.54
C PHE C 429 8.25 19.07 61.40
N THR C 430 9.08 18.08 61.71
CA THR C 430 9.66 17.24 60.66
C THR C 430 8.57 16.51 59.88
N SER C 431 7.60 15.92 60.58
CA SER C 431 6.54 15.19 59.90
C SER C 431 5.69 16.10 59.03
N ILE C 432 5.33 17.27 59.55
CA ILE C 432 4.53 18.21 58.76
C ILE C 432 5.32 18.67 57.54
N GLY C 433 6.60 18.98 57.72
CA GLY C 433 7.41 19.39 56.58
C GLY C 433 7.53 18.30 55.55
N LYS C 434 7.69 17.04 55.99
CA LYS C 434 7.78 15.94 55.06
C LYS C 434 6.47 15.75 54.30
N ALA C 435 5.33 15.94 54.97
CA ALA C 435 4.05 15.81 54.28
C ALA C 435 3.86 16.90 53.24
N LEU C 436 4.11 18.16 53.63
CA LEU C 436 4.04 19.25 52.66
C LEU C 436 5.00 19.02 51.51
N HIS C 437 6.21 18.52 51.82
CA HIS C 437 7.16 18.22 50.77
C HIS C 437 6.65 17.12 49.86
N GLN C 438 5.99 16.11 50.42
CA GLN C 438 5.45 15.04 49.59
C GLN C 438 4.44 15.60 48.60
N VAL C 439 3.51 16.44 49.08
CA VAL C 439 2.48 16.98 48.20
C VAL C 439 3.09 17.89 47.14
N PHE C 440 3.94 18.82 47.57
CA PHE C 440 4.55 19.76 46.62
C PHE C 440 5.45 19.05 45.64
N GLY C 441 6.16 18.01 46.10
CA GLY C 441 7.00 17.25 45.21
C GLY C 441 6.22 16.44 44.20
N ALA C 442 5.07 15.90 44.61
CA ALA C 442 4.19 15.25 43.65
C ALA C 442 3.77 16.23 42.57
N ILE C 443 3.31 17.42 42.97
CA ILE C 443 2.90 18.42 41.99
C ILE C 443 4.04 18.79 41.06
N TYR C 444 5.22 19.03 41.65
CA TYR C 444 6.38 19.43 40.85
C TYR C 444 6.82 18.34 39.89
N GLY C 445 6.92 17.10 40.37
CA GLY C 445 7.34 16.01 39.51
C GLY C 445 6.36 15.78 38.38
N ALA C 446 5.06 15.95 38.66
CA ALA C 446 4.08 15.87 37.58
C ALA C 446 4.29 16.98 36.57
N ALA C 447 4.52 18.20 37.04
CA ALA C 447 4.60 19.36 36.15
C ALA C 447 5.95 19.49 35.44
N PHE C 448 6.96 18.72 35.83
CA PHE C 448 8.30 18.90 35.27
C PHE C 448 8.97 17.60 34.83
N SER C 449 8.27 16.47 34.89
CA SER C 449 8.87 15.22 34.44
C SER C 449 9.23 15.31 32.96
N GLY C 450 10.33 14.67 32.59
CA GLY C 450 10.73 14.61 31.20
C GLY C 450 11.13 15.94 30.60
N VAL C 451 11.79 16.80 31.37
CA VAL C 451 12.25 18.10 30.92
C VAL C 451 13.71 18.25 31.27
N SER C 452 14.47 18.92 30.41
CA SER C 452 15.88 19.14 30.65
C SER C 452 16.09 20.38 31.52
N TRP C 453 17.31 20.52 32.03
CA TRP C 453 17.60 21.62 32.95
C TRP C 453 17.42 22.97 32.28
N THR C 454 17.74 23.08 31.00
CA THR C 454 17.55 24.35 30.30
C THR C 454 16.08 24.73 30.26
N MET C 455 15.20 23.76 30.00
CA MET C 455 13.77 24.06 30.01
C MET C 455 13.29 24.43 31.41
N LYS C 456 13.84 23.77 32.44
CA LYS C 456 13.49 24.14 33.80
C LYS C 456 13.93 25.57 34.11
N ILE C 457 15.11 25.96 33.65
CA ILE C 457 15.57 27.33 33.87
C ILE C 457 14.68 28.32 33.15
N LEU C 458 14.31 28.03 31.90
CA LEU C 458 13.42 28.91 31.16
C LEU C 458 12.07 29.04 31.85
N ILE C 459 11.50 27.91 32.31
CA ILE C 459 10.21 27.95 32.99
C ILE C 459 10.33 28.73 34.29
N GLY C 460 11.42 28.54 35.03
CA GLY C 460 11.60 29.27 36.26
C GLY C 460 11.70 30.77 36.03
N VAL C 461 12.42 31.17 34.98
CA VAL C 461 12.51 32.59 34.65
C VAL C 461 11.14 33.14 34.29
N VAL C 462 10.38 32.39 33.49
CA VAL C 462 9.06 32.86 33.08
C VAL C 462 8.16 33.02 34.29
N ILE C 463 8.16 32.03 35.19
CA ILE C 463 7.29 32.08 36.35
C ILE C 463 7.71 33.21 37.29
N THR C 464 9.02 33.41 37.46
CA THR C 464 9.49 34.51 38.29
C THR C 464 9.05 35.86 37.72
N TRP C 465 9.16 36.03 36.41
CA TRP C 465 8.68 37.28 35.80
C TRP C 465 7.18 37.44 35.98
N ILE C 466 6.42 36.35 35.80
CA ILE C 466 4.98 36.43 35.96
C ILE C 466 4.63 36.86 37.38
N GLY C 467 5.29 36.28 38.37
CA GLY C 467 5.08 36.71 39.75
C GLY C 467 5.47 38.16 39.97
N MET C 468 6.60 38.57 39.41
CA MET C 468 7.05 39.95 39.56
C MET C 468 6.05 40.93 38.97
N ASN C 469 5.30 40.51 37.96
CA ASN C 469 4.34 41.40 37.33
C ASN C 469 2.91 41.04 37.68
N SER C 470 2.71 40.52 38.90
CA SER C 470 1.38 40.22 39.41
C SER C 470 0.96 41.31 40.39
N ARG C 471 -0.30 41.74 40.27
CA ARG C 471 -0.83 42.76 41.16
C ARG C 471 -1.49 42.17 42.40
N SER C 472 -1.43 40.87 42.58
CA SER C 472 -1.87 40.21 43.81
C SER C 472 -0.64 39.81 44.62
N THR C 473 -0.50 40.38 45.82
CA THR C 473 0.70 40.18 46.60
C THR C 473 0.90 38.71 46.93
N SER C 474 -0.17 38.02 47.36
CA SER C 474 -0.05 36.60 47.69
C SER C 474 0.42 35.79 46.48
N LEU C 475 -0.28 35.97 45.35
CA LEU C 475 0.10 35.25 44.14
C LEU C 475 1.49 35.66 43.66
N SER C 476 1.83 36.95 43.79
CA SER C 476 3.14 37.40 43.35
C SER C 476 4.25 36.69 44.12
N VAL C 477 4.12 36.63 45.45
CA VAL C 477 5.13 35.99 46.28
C VAL C 477 5.17 34.49 45.99
N SER C 478 4.01 33.86 45.87
CA SER C 478 3.98 32.43 45.58
C SER C 478 4.65 32.12 44.24
N LEU C 479 4.33 32.89 43.20
CA LEU C 479 4.93 32.66 41.89
C LEU C 479 6.43 32.92 41.91
N VAL C 480 6.88 33.96 42.60
CA VAL C 480 8.31 34.21 42.68
C VAL C 480 9.03 33.08 43.40
N LEU C 481 8.43 32.57 44.48
CA LEU C 481 9.02 31.44 45.19
C LEU C 481 9.12 30.22 44.28
N VAL C 482 8.03 29.90 43.59
CA VAL C 482 8.04 28.73 42.71
C VAL C 482 9.08 28.89 41.62
N GLY C 483 9.17 30.08 41.02
CA GLY C 483 10.14 30.30 39.98
C GLY C 483 11.57 30.20 40.46
N VAL C 484 11.85 30.74 41.65
CA VAL C 484 13.20 30.66 42.19
C VAL C 484 13.58 29.22 42.52
N VAL C 485 12.63 28.46 43.08
CA VAL C 485 12.91 27.05 43.35
C VAL C 485 13.16 26.30 42.06
N THR C 486 12.38 26.59 41.03
CA THR C 486 12.56 25.93 39.74
C THR C 486 13.92 26.28 39.14
N LEU C 487 14.34 27.54 39.25
CA LEU C 487 15.65 27.93 38.78
C LEU C 487 16.74 27.20 39.53
N TYR C 488 16.62 27.12 40.85
CA TYR C 488 17.62 26.43 41.65
C TYR C 488 17.71 24.96 41.25
N LEU C 489 16.57 24.31 41.08
CA LEU C 489 16.57 22.90 40.69
C LEU C 489 17.20 22.71 39.31
N GLY C 490 16.81 23.56 38.35
CA GLY C 490 17.42 23.47 37.03
C GLY C 490 18.92 23.66 37.07
N VAL C 491 19.39 24.54 37.94
CA VAL C 491 20.83 24.72 38.10
C VAL C 491 21.46 23.49 38.73
N MET C 492 20.74 22.82 39.63
CA MET C 492 21.31 21.72 40.40
C MET C 492 21.04 20.35 39.79
N VAL C 493 20.21 20.25 38.76
CA VAL C 493 19.90 18.96 38.17
C VAL C 493 21.05 18.47 37.31
N GLN C 494 20.96 17.21 36.90
CA GLN C 494 21.93 16.56 36.02
C GLN C 494 23.08 15.99 36.82
N ALA C 495 23.48 14.77 36.49
CA ALA C 495 24.54 14.08 37.20
C ALA C 495 24.11 13.78 38.62
N SER D 1 15.62 8.17 15.42
CA SER D 1 16.78 7.76 16.20
C SER D 1 16.47 7.73 17.68
N VAL D 2 17.09 6.77 18.39
CA VAL D 2 17.02 6.76 19.84
C VAL D 2 17.67 8.01 20.41
N ALA D 3 18.68 8.54 19.72
CA ALA D 3 19.45 9.67 20.26
C ALA D 3 18.59 10.90 20.46
N LEU D 4 17.41 10.96 19.85
CA LEU D 4 16.50 12.08 20.03
C LEU D 4 15.60 11.92 21.24
N VAL D 5 15.68 10.79 21.93
CA VAL D 5 14.86 10.54 23.12
C VAL D 5 15.77 10.16 24.28
N PRO D 6 16.58 11.08 24.80
CA PRO D 6 17.49 10.73 25.88
C PRO D 6 16.75 10.50 27.19
N HIS D 7 17.52 10.07 28.19
CA HIS D 7 17.01 9.66 29.50
C HIS D 7 17.15 10.75 30.55
N VAL D 8 16.95 12.00 30.15
CA VAL D 8 17.34 13.10 31.03
C VAL D 8 16.31 13.34 32.12
N GLY D 9 15.06 13.58 31.75
CA GLY D 9 14.08 14.04 32.72
C GLY D 9 13.32 12.95 33.43
N MET D 10 13.89 11.74 33.46
CA MET D 10 13.19 10.60 34.02
C MET D 10 13.03 10.67 35.54
N GLY D 11 13.71 11.61 36.21
CA GLY D 11 13.52 11.79 37.64
C GLY D 11 14.12 10.71 38.51
N LEU D 12 15.13 9.99 38.02
CA LEU D 12 15.82 8.98 38.80
C LEU D 12 17.19 9.44 39.29
N GLU D 13 17.53 10.71 39.10
CA GLU D 13 18.89 11.16 39.35
C GLU D 13 19.21 11.11 40.83
N THR D 14 20.42 10.62 41.13
CA THR D 14 20.96 10.55 42.49
C THR D 14 22.14 11.50 42.57
N ARG D 15 22.84 11.46 43.69
CA ARG D 15 24.05 12.25 43.82
C ARG D 15 25.17 11.72 42.92
N THR D 16 25.09 10.44 42.55
CA THR D 16 26.07 9.85 41.65
C THR D 16 26.00 10.51 40.27
N GLU D 17 27.16 10.65 39.63
CA GLU D 17 27.22 11.25 38.30
C GLU D 17 26.57 10.34 37.26
N THR D 18 25.95 10.97 36.27
CA THR D 18 25.19 10.26 35.25
C THR D 18 26.09 9.93 34.06
N TRP D 19 25.49 9.36 33.00
CA TRP D 19 26.28 8.73 31.95
C TRP D 19 27.17 9.73 31.23
N MET D 20 26.61 10.85 30.80
CA MET D 20 27.36 11.84 30.06
C MET D 20 27.02 13.24 30.55
N SER D 21 26.92 13.41 31.86
CA SER D 21 26.49 14.68 32.43
C SER D 21 27.43 15.81 32.02
N SER D 22 28.73 15.61 32.20
CA SER D 22 29.68 16.65 31.83
C SER D 22 29.58 16.99 30.34
N GLU D 23 29.62 15.97 29.49
CA GLU D 23 29.52 16.20 28.05
C GLU D 23 28.17 16.79 27.67
N GLY D 24 27.09 16.15 28.08
CA GLY D 24 25.76 16.51 27.65
C GLY D 24 25.10 17.66 28.36
N ALA D 25 25.79 18.30 29.32
CA ALA D 25 25.17 19.41 30.04
C ALA D 25 24.91 20.60 29.12
N TRP D 26 25.83 20.88 28.20
CA TRP D 26 25.74 22.05 27.35
C TRP D 26 25.70 21.71 25.86
N LYS D 27 25.52 20.43 25.52
CA LYS D 27 25.55 20.04 24.11
C LYS D 27 24.43 20.71 23.32
N HIS D 28 23.23 20.74 23.89
CA HIS D 28 22.11 21.35 23.17
C HIS D 28 22.31 22.85 22.96
N ALA D 29 22.80 23.55 23.99
CA ALA D 29 23.05 24.97 23.84
C ALA D 29 24.16 25.23 22.83
N GLN D 30 25.19 24.39 22.81
CA GLN D 30 26.22 24.50 21.79
C GLN D 30 25.64 24.31 20.40
N ARG D 31 24.75 23.33 20.26
CA ARG D 31 24.12 23.08 18.96
C ARG D 31 23.30 24.28 18.52
N ILE D 32 22.54 24.87 19.44
CA ILE D 32 21.74 26.05 19.10
C ILE D 32 22.64 27.20 18.70
N GLU D 33 23.74 27.41 19.42
CA GLU D 33 24.67 28.48 19.07
C GLU D 33 25.26 28.26 17.68
N THR D 34 25.72 27.05 17.39
CA THR D 34 26.31 26.77 16.10
C THR D 34 25.30 26.95 14.97
N TRP D 35 24.09 26.45 15.17
CA TRP D 35 23.06 26.60 14.15
C TRP D 35 22.73 28.07 13.92
N VAL D 36 22.62 28.86 15.00
CA VAL D 36 22.30 30.27 14.85
C VAL D 36 23.42 31.00 14.12
N LEU D 37 24.67 30.59 14.36
CA LEU D 37 25.78 31.20 13.63
C LEU D 37 25.75 30.83 12.16
N ARG D 38 25.50 29.56 11.85
CA ARG D 38 25.54 29.12 10.46
C ARG D 38 24.33 29.57 9.66
N HIS D 39 23.22 29.91 10.32
CA HIS D 39 21.98 30.29 9.65
C HIS D 39 21.49 31.60 10.25
N PRO D 40 22.25 32.68 10.05
CA PRO D 40 21.80 33.98 10.57
C PRO D 40 20.47 34.42 10.01
N GLY D 41 20.20 34.14 8.73
CA GLY D 41 19.00 34.66 8.10
C GLY D 41 17.73 34.28 8.85
N PHE D 42 17.63 33.02 9.27
CA PHE D 42 16.46 32.63 10.04
C PHE D 42 16.41 33.34 11.38
N THR D 43 17.56 33.71 11.94
CA THR D 43 17.57 34.45 13.19
C THR D 43 16.94 35.83 13.03
N ILE D 44 17.31 36.55 11.96
CA ILE D 44 16.73 37.88 11.73
C ILE D 44 15.23 37.78 11.52
N MET D 45 14.80 36.81 10.71
CA MET D 45 13.37 36.71 10.43
C MET D 45 12.59 36.25 11.65
N ALA D 46 13.18 35.39 12.48
CA ALA D 46 12.55 35.01 13.73
C ALA D 46 12.44 36.20 14.66
N ALA D 47 13.47 37.03 14.72
CA ALA D 47 13.39 38.25 15.53
C ALA D 47 12.29 39.16 15.03
N ILE D 48 12.17 39.32 13.71
CA ILE D 48 11.13 40.16 13.14
C ILE D 48 9.75 39.60 13.47
N LEU D 49 9.58 38.29 13.31
CA LEU D 49 8.30 37.66 13.61
C LEU D 49 7.93 37.81 15.07
N ALA D 50 8.89 37.59 15.97
CA ALA D 50 8.62 37.73 17.39
C ALA D 50 8.27 39.17 17.74
N TYR D 51 9.00 40.13 17.18
CA TYR D 51 8.71 41.54 17.43
C TYR D 51 7.31 41.89 16.96
N THR D 52 6.91 41.39 15.79
CA THR D 52 5.56 41.67 15.30
C THR D 52 4.50 41.03 16.18
N ILE D 53 4.64 39.73 16.47
CA ILE D 53 3.60 39.02 17.22
C ILE D 53 3.56 39.50 18.66
N GLY D 54 4.73 39.61 19.30
CA GLY D 54 4.78 39.96 20.71
C GLY D 54 4.38 41.40 20.93
N THR D 55 3.31 41.63 21.69
CA THR D 55 2.90 43.00 22.00
C THR D 55 3.79 43.62 23.07
N THR D 56 4.29 42.83 24.00
CA THR D 56 5.21 43.29 25.03
C THR D 56 6.55 42.59 24.87
N TYR D 57 7.62 43.27 25.28
CA TYR D 57 8.96 42.73 25.10
C TYR D 57 9.11 41.35 25.72
N PHE D 58 8.39 41.08 26.81
CA PHE D 58 8.44 39.74 27.38
C PHE D 58 7.94 38.70 26.39
N GLN D 59 6.77 38.96 25.78
CA GLN D 59 6.24 38.05 24.78
C GLN D 59 7.16 37.96 23.57
N ARG D 60 7.68 39.10 23.10
CA ARG D 60 8.53 39.10 21.93
C ARG D 60 9.81 38.31 22.18
N VAL D 61 10.46 38.56 23.31
CA VAL D 61 11.71 37.87 23.63
C VAL D 61 11.46 36.38 23.82
N LEU D 62 10.38 36.02 24.52
CA LEU D 62 10.07 34.61 24.71
C LEU D 62 9.82 33.92 23.39
N ILE D 63 9.06 34.57 22.50
CA ILE D 63 8.75 33.97 21.21
C ILE D 63 10.02 33.79 20.38
N PHE D 64 10.89 34.80 20.38
CA PHE D 64 12.13 34.70 19.63
C PHE D 64 12.99 33.56 20.16
N ILE D 65 13.11 33.46 21.47
CA ILE D 65 13.92 32.41 22.08
C ILE D 65 13.37 31.04 21.70
N LEU D 66 12.06 30.86 21.81
CA LEU D 66 11.45 29.57 21.52
C LEU D 66 11.60 29.21 20.05
N LEU D 67 11.39 30.17 19.16
CA LEU D 67 11.56 29.92 17.73
C LEU D 67 13.00 29.49 17.42
N THR D 68 13.97 30.23 17.97
CA THR D 68 15.36 29.92 17.69
C THR D 68 15.76 28.58 18.28
N ALA D 69 15.21 28.21 19.43
CA ALA D 69 15.54 26.94 20.03
C ALA D 69 14.88 25.78 19.32
N VAL D 70 13.71 26.01 18.71
CA VAL D 70 12.99 24.92 18.08
C VAL D 70 13.39 24.72 16.61
N ALA D 71 13.86 25.78 15.95
CA ALA D 71 14.23 25.64 14.54
C ALA D 71 15.34 24.63 14.32
N PRO D 72 16.48 24.71 15.00
CA PRO D 72 17.50 23.66 14.83
C PRO D 72 17.02 22.30 15.27
N SER D 73 16.12 22.24 16.26
CA SER D 73 15.70 20.96 16.80
C SER D 73 15.06 20.08 15.75
N MET D 74 14.01 20.58 15.09
CA MET D 74 13.38 19.82 14.03
C MET D 74 14.36 19.58 12.89
N THR D 75 15.17 20.59 12.58
CA THR D 75 16.25 20.50 11.60
C THR D 75 17.13 19.27 11.86
N MET E 1 10.61 5.99 -28.00
CA MET E 1 9.90 5.07 -27.11
C MET E 1 10.58 4.95 -25.76
N ARG E 2 11.85 5.38 -25.69
CA ARG E 2 12.57 5.33 -24.42
C ARG E 2 11.90 6.19 -23.36
N CYS E 3 11.37 7.34 -23.78
CA CYS E 3 10.83 8.31 -22.83
C CYS E 3 9.40 8.02 -22.45
N ILE E 4 8.77 7.03 -23.07
CA ILE E 4 7.43 6.62 -22.72
C ILE E 4 7.52 5.62 -21.58
N GLY E 5 6.49 5.58 -20.75
CA GLY E 5 6.51 4.71 -19.59
C GLY E 5 7.24 5.27 -18.40
N ILE E 6 7.60 6.54 -18.43
CA ILE E 6 8.26 7.22 -17.31
C ILE E 6 7.33 8.33 -16.85
N SER E 7 6.91 8.26 -15.58
CA SER E 7 5.88 9.16 -15.08
C SER E 7 6.36 10.61 -14.94
N ASN E 8 7.66 10.86 -15.02
CA ASN E 8 8.20 12.21 -14.90
C ASN E 8 8.52 12.82 -16.26
N ARG E 9 7.81 12.39 -17.29
CA ARG E 9 8.01 12.92 -18.63
C ARG E 9 7.68 14.40 -18.69
N ASP E 10 8.43 15.13 -19.51
CA ASP E 10 8.16 16.53 -19.80
C ASP E 10 8.10 16.71 -21.31
N PHE E 11 7.13 17.50 -21.76
CA PHE E 11 6.97 17.81 -23.17
C PHE E 11 7.40 19.26 -23.40
N VAL E 12 8.49 19.44 -24.13
CA VAL E 12 8.97 20.77 -24.50
C VAL E 12 8.62 20.98 -25.97
N GLU E 13 7.73 21.93 -26.22
CA GLU E 13 7.22 22.19 -27.56
C GLU E 13 7.64 23.57 -28.03
N GLY E 14 8.26 23.62 -29.19
CA GLY E 14 8.59 24.88 -29.81
C GLY E 14 10.05 25.25 -29.66
N VAL E 15 10.64 25.73 -30.75
CA VAL E 15 11.98 26.29 -30.74
C VAL E 15 11.87 27.71 -31.28
N SER E 16 12.80 28.56 -30.85
CA SER E 16 12.75 29.97 -31.21
C SER E 16 13.43 30.21 -32.55
N GLY E 17 13.43 31.46 -32.99
CA GLY E 17 14.24 31.86 -34.11
C GLY E 17 15.69 31.53 -33.81
N GLY E 18 16.32 30.76 -34.68
CA GLY E 18 17.57 30.11 -34.38
C GLY E 18 17.45 28.63 -34.11
N SER E 19 16.23 28.13 -33.96
CA SER E 19 15.97 26.70 -33.82
C SER E 19 16.69 26.12 -32.60
N TRP E 20 16.63 26.85 -31.48
CA TRP E 20 17.17 26.37 -30.23
C TRP E 20 16.12 26.50 -29.13
N VAL E 21 16.25 25.65 -28.12
CA VAL E 21 15.36 25.65 -26.97
C VAL E 21 16.19 25.30 -25.74
N ASP E 22 15.85 25.93 -24.62
CA ASP E 22 16.51 25.69 -23.34
C ASP E 22 15.72 24.60 -22.62
N ILE E 23 16.39 23.52 -22.25
CA ILE E 23 15.78 22.43 -21.51
C ILE E 23 16.67 22.07 -20.33
N VAL E 24 16.08 21.99 -19.15
CA VAL E 24 16.75 21.43 -17.98
C VAL E 24 16.52 19.93 -17.99
N LEU E 25 17.57 19.17 -17.75
CA LEU E 25 17.50 17.71 -17.70
C LEU E 25 17.72 17.25 -16.26
N GLU E 26 16.79 16.45 -15.76
CA GLU E 26 16.89 15.85 -14.44
C GLU E 26 17.09 14.35 -14.57
N HIS E 27 17.61 13.74 -13.51
CA HIS E 27 17.98 12.33 -13.60
C HIS E 27 16.75 11.43 -13.64
N GLY E 28 15.80 11.66 -12.74
CA GLY E 28 14.62 10.83 -12.70
C GLY E 28 13.63 11.16 -13.79
N SER E 29 13.82 12.32 -14.42
CA SER E 29 12.88 12.81 -15.42
C SER E 29 13.32 12.42 -16.82
N CYS E 30 12.48 12.75 -17.78
CA CYS E 30 12.79 12.63 -19.20
C CYS E 30 12.08 13.74 -19.95
N VAL E 31 12.67 14.16 -21.06
CA VAL E 31 12.14 15.29 -21.84
C VAL E 31 11.88 14.83 -23.25
N THR E 32 10.66 15.05 -23.74
CA THR E 32 10.32 14.85 -25.13
C THR E 32 10.18 16.22 -25.79
N THR E 33 10.99 16.48 -26.81
CA THR E 33 11.02 17.77 -27.48
C THR E 33 10.25 17.67 -28.78
N MET E 34 9.24 18.52 -28.92
CA MET E 34 8.44 18.60 -30.14
C MET E 34 8.67 19.96 -30.78
N ALA E 35 9.16 19.95 -32.01
CA ALA E 35 9.27 21.14 -32.84
C ALA E 35 8.48 20.93 -34.13
N LYS E 36 8.13 22.04 -34.78
CA LYS E 36 7.20 21.98 -35.90
C LYS E 36 7.71 21.08 -37.03
N ASN E 37 8.82 21.47 -37.66
CA ASN E 37 9.31 20.70 -38.79
C ASN E 37 10.29 19.63 -38.34
N LYS E 38 10.76 19.72 -37.11
CA LYS E 38 11.75 18.77 -36.61
C LYS E 38 11.07 17.49 -36.13
N PRO E 39 11.82 16.39 -36.07
CA PRO E 39 11.30 15.19 -35.42
C PRO E 39 11.25 15.34 -33.91
N THR E 40 10.51 14.43 -33.29
CA THR E 40 10.40 14.41 -31.84
C THR E 40 11.55 13.62 -31.23
N LEU E 41 12.18 14.19 -30.20
CA LEU E 41 13.35 13.61 -29.57
C LEU E 41 13.08 13.39 -28.10
N ASP E 42 13.81 12.45 -27.51
CA ASP E 42 13.76 12.16 -26.09
C ASP E 42 15.14 12.37 -25.50
N PHE E 43 15.21 13.16 -24.43
CA PHE E 43 16.47 13.48 -23.77
C PHE E 43 16.40 13.02 -22.32
N GLU E 44 17.38 12.24 -21.90
CA GLU E 44 17.44 11.79 -20.51
C GLU E 44 18.87 11.90 -19.99
N LEU E 45 19.01 12.52 -18.83
CA LEU E 45 20.27 12.48 -18.09
C LEU E 45 20.34 11.14 -17.39
N ILE E 46 21.22 10.25 -17.87
CA ILE E 46 21.31 8.91 -17.32
C ILE E 46 22.50 8.71 -16.39
N LYS E 47 23.38 9.69 -16.25
CA LYS E 47 24.55 9.48 -15.42
C LYS E 47 25.29 10.80 -15.21
N THR E 48 25.73 11.00 -13.97
CA THR E 48 26.68 12.06 -13.62
C THR E 48 27.84 11.39 -12.90
N GLU E 49 29.05 11.61 -13.39
CA GLU E 49 30.25 11.00 -12.83
C GLU E 49 31.20 12.07 -12.33
N ALA E 50 31.66 11.92 -11.10
CA ALA E 50 32.74 12.73 -10.56
C ALA E 50 34.01 11.88 -10.52
N LYS E 51 35.09 12.41 -11.06
CA LYS E 51 36.34 11.68 -11.19
C LYS E 51 37.44 12.36 -10.37
N HIS E 52 38.41 11.54 -9.94
CA HIS E 52 39.56 12.03 -9.19
C HIS E 52 39.13 12.75 -7.91
N PRO E 53 38.34 12.10 -7.05
CA PRO E 53 38.00 12.73 -5.78
C PRO E 53 39.21 12.88 -4.88
N ALA E 54 39.21 13.95 -4.10
CA ALA E 54 40.26 14.22 -3.13
C ALA E 54 39.65 14.29 -1.74
N THR E 55 40.19 13.50 -0.81
CA THR E 55 39.69 13.52 0.55
C THR E 55 40.07 14.83 1.23
N LEU E 56 39.12 15.43 1.95
CA LEU E 56 39.44 16.56 2.80
C LEU E 56 39.28 16.26 4.28
N ARG E 57 38.65 15.14 4.65
CA ARG E 57 38.51 14.81 6.05
C ARG E 57 38.03 13.37 6.18
N LYS E 58 38.62 12.65 7.12
CA LYS E 58 38.29 11.26 7.41
C LYS E 58 37.79 11.20 8.85
N TYR E 59 36.48 11.02 9.02
CA TYR E 59 35.88 11.01 10.34
C TYR E 59 35.93 9.62 10.95
N CYS E 60 35.95 9.57 12.28
CA CYS E 60 35.94 8.31 13.02
C CYS E 60 34.53 8.05 13.53
N ILE E 61 33.94 6.93 13.10
CA ILE E 61 32.64 6.53 13.59
C ILE E 61 32.71 5.43 14.64
N GLU E 62 33.89 4.85 14.85
CA GLU E 62 34.05 3.78 15.84
C GLU E 62 35.52 3.70 16.21
N ALA E 63 35.81 3.76 17.51
CA ALA E 63 37.17 3.80 18.02
C ALA E 63 37.33 2.80 19.15
N LYS E 64 38.52 2.77 19.73
CA LYS E 64 38.78 1.99 20.93
C LYS E 64 39.90 2.65 21.72
N LEU E 65 39.94 2.39 23.02
CA LEU E 65 40.99 2.87 23.90
C LEU E 65 41.74 1.67 24.45
N THR E 66 43.07 1.79 24.51
CA THR E 66 43.90 0.65 24.88
C THR E 66 44.76 0.88 26.11
N ASN E 67 45.51 1.98 26.17
CA ASN E 67 46.55 2.16 27.18
C ASN E 67 46.13 3.27 28.14
N THR E 68 45.33 2.91 29.13
CA THR E 68 44.87 3.89 30.11
C THR E 68 45.91 4.10 31.18
N THR E 69 46.14 5.36 31.53
CA THR E 69 47.10 5.73 32.57
C THR E 69 46.52 6.87 33.38
N THR E 70 46.94 6.96 34.64
CA THR E 70 46.45 7.98 35.55
C THR E 70 47.60 8.58 36.34
N ALA E 71 47.54 9.88 36.56
CA ALA E 71 48.45 10.59 37.44
C ALA E 71 47.61 11.33 38.48
N SER E 72 48.05 11.30 39.73
CA SER E 72 47.32 11.92 40.83
C SER E 72 48.27 12.81 41.62
N ARG E 73 47.73 13.93 42.10
CA ARG E 73 48.50 14.94 42.80
C ARG E 73 47.74 15.39 44.04
N CYS E 74 48.45 15.60 45.13
CA CYS E 74 47.82 16.01 46.39
C CYS E 74 47.29 17.43 46.33
N PRO E 75 46.35 17.77 47.21
CA PRO E 75 45.73 19.09 47.16
C PRO E 75 46.75 20.21 47.34
N THR E 76 46.48 21.31 46.67
CA THR E 76 47.34 22.50 46.67
C THR E 76 48.69 22.24 46.01
N GLN E 77 48.86 21.09 45.35
CA GLN E 77 50.07 20.80 44.60
C GLN E 77 49.90 21.03 43.10
N GLY E 78 48.78 21.59 42.67
CA GLY E 78 48.53 21.81 41.26
C GLY E 78 48.05 20.57 40.55
N GLU E 79 47.64 20.75 39.31
CA GLU E 79 47.20 19.62 38.49
C GLU E 79 48.38 18.73 38.17
N PRO E 80 48.17 17.42 38.06
CA PRO E 80 49.26 16.51 37.73
C PRO E 80 49.62 16.57 36.26
N SER E 81 50.63 15.80 35.85
CA SER E 81 51.00 15.71 34.44
C SER E 81 51.34 14.27 34.11
N LEU E 82 50.85 13.82 32.97
CA LEU E 82 51.27 12.56 32.36
C LEU E 82 52.10 12.87 31.13
N ASN E 83 53.15 12.05 30.92
CA ASN E 83 53.99 12.24 29.74
C ASN E 83 53.21 12.07 28.45
N GLU E 84 52.08 11.37 28.50
CA GLU E 84 51.27 11.09 27.32
C GLU E 84 50.27 12.18 27.00
N GLU E 85 50.23 13.26 27.79
CA GLU E 85 49.39 14.40 27.42
C GLU E 85 49.94 15.11 26.19
N GLN E 86 51.27 15.12 26.04
CA GLN E 86 51.88 15.65 24.82
C GLN E 86 51.54 14.79 23.61
N ASP E 87 51.16 13.54 23.82
CA ASP E 87 50.90 12.63 22.72
C ASP E 87 49.53 12.89 22.11
N LYS E 88 49.51 13.05 20.78
CA LYS E 88 48.28 13.35 20.08
C LYS E 88 47.42 12.13 19.81
N ARG E 89 47.98 10.93 19.94
CA ARG E 89 47.20 9.71 19.81
C ARG E 89 46.57 9.29 21.13
N PHE E 90 46.74 10.09 22.18
CA PHE E 90 46.13 9.85 23.48
C PHE E 90 45.08 10.91 23.74
N VAL E 91 43.99 10.51 24.37
CA VAL E 91 42.94 11.43 24.81
C VAL E 91 42.99 11.52 26.32
N CYS E 92 43.03 12.73 26.84
CA CYS E 92 43.31 12.97 28.26
C CYS E 92 42.25 13.87 28.87
N LYS E 93 42.12 13.78 30.19
CA LYS E 93 41.18 14.61 30.93
C LYS E 93 41.73 14.90 32.33
N HIS E 94 41.45 16.09 32.83
CA HIS E 94 41.84 16.50 34.17
C HIS E 94 40.60 16.58 35.06
N SER E 95 40.65 15.90 36.20
CA SER E 95 39.56 15.92 37.17
C SER E 95 40.14 16.12 38.56
N MET E 96 39.29 16.00 39.57
CA MET E 96 39.72 16.11 40.96
C MET E 96 39.05 15.03 41.79
N VAL E 97 39.80 14.45 42.71
CA VAL E 97 39.31 13.41 43.61
C VAL E 97 39.63 13.81 45.03
N ASP E 98 38.88 13.24 45.97
CA ASP E 98 39.14 13.47 47.38
C ASP E 98 40.44 12.81 47.80
N ARG E 99 41.26 13.55 48.54
CA ARG E 99 42.56 13.07 48.98
C ARG E 99 42.71 13.30 50.48
N GLY E 100 43.50 12.44 51.11
CA GLY E 100 43.74 12.54 52.54
C GLY E 100 44.63 11.40 52.99
N TRP E 101 44.76 11.31 54.32
CA TRP E 101 45.63 10.30 54.93
C TRP E 101 45.29 8.92 54.40
N GLY E 102 44.00 8.63 54.20
CA GLY E 102 43.60 7.33 53.70
C GLY E 102 44.12 7.03 52.32
N ASN E 103 44.34 8.05 51.51
CA ASN E 103 44.91 7.92 50.18
C ASN E 103 46.43 8.05 50.17
N GLY E 104 47.06 8.11 51.33
CA GLY E 104 48.49 8.32 51.40
C GLY E 104 48.91 9.69 50.92
N CYS E 105 48.15 10.72 51.27
CA CYS E 105 48.37 12.08 50.79
C CYS E 105 48.78 13.05 51.89
N GLY E 106 47.98 13.18 52.94
CA GLY E 106 48.37 13.97 54.09
C GLY E 106 47.82 15.38 54.18
N LEU E 107 46.89 15.77 53.31
CA LEU E 107 46.36 17.12 53.35
C LEU E 107 44.85 17.23 53.27
N PHE E 108 44.13 16.13 53.01
CA PHE E 108 42.66 16.17 53.08
C PHE E 108 42.05 17.24 52.20
N GLY E 109 42.19 17.10 50.89
CA GLY E 109 41.52 18.02 49.98
C GLY E 109 41.21 17.39 48.65
N LYS E 110 40.90 18.24 47.68
CA LYS E 110 40.63 17.80 46.31
C LYS E 110 41.94 17.75 45.55
N GLY E 111 42.47 16.55 45.37
CA GLY E 111 43.69 16.39 44.60
C GLY E 111 43.45 16.17 43.13
N GLY E 112 44.00 17.05 42.29
CA GLY E 112 43.79 16.91 40.86
C GLY E 112 44.27 15.56 40.36
N ILE E 113 43.59 15.03 39.35
CA ILE E 113 43.91 13.75 38.75
C ILE E 113 43.80 13.87 37.23
N VAL E 114 44.67 13.17 36.52
CA VAL E 114 44.65 13.15 35.06
C VAL E 114 44.68 11.70 34.60
N THR E 115 43.80 11.37 33.66
CA THR E 115 43.73 10.04 33.06
C THR E 115 43.79 10.15 31.55
N CYS E 116 44.58 9.27 30.94
CA CYS E 116 44.80 9.28 29.50
C CYS E 116 44.63 7.89 28.94
N ALA E 117 44.16 7.81 27.70
CA ALA E 117 44.04 6.56 26.97
C ALA E 117 44.36 6.78 25.50
N MET E 118 44.82 5.73 24.84
CA MET E 118 45.18 5.82 23.43
C MET E 118 43.93 5.65 22.56
N PHE E 119 43.66 6.66 21.73
CA PHE E 119 42.52 6.63 20.83
C PHE E 119 42.92 5.99 19.51
N THR E 120 42.25 4.90 19.15
CA THR E 120 42.50 4.21 17.89
C THR E 120 41.18 4.09 17.14
N CYS E 121 41.19 4.54 15.88
CA CYS E 121 40.01 4.44 15.03
C CYS E 121 39.91 3.04 14.46
N LYS E 122 38.71 2.46 14.54
CA LYS E 122 38.43 1.18 13.90
C LYS E 122 37.58 1.33 12.64
N LYS E 123 36.82 2.41 12.52
CA LYS E 123 35.99 2.65 11.35
C LYS E 123 35.93 4.14 11.09
N ASN E 124 36.07 4.52 9.82
CA ASN E 124 36.05 5.91 9.42
C ASN E 124 35.16 6.07 8.20
N MET E 125 34.70 7.30 7.97
CA MET E 125 33.94 7.66 6.78
C MET E 125 34.68 8.75 6.04
N GLU E 126 35.05 8.47 4.79
CA GLU E 126 35.75 9.43 3.97
C GLU E 126 34.83 10.58 3.59
N GLY E 127 35.44 11.73 3.28
CA GLY E 127 34.67 12.88 2.87
C GLY E 127 35.13 13.46 1.54
N LYS E 128 35.46 12.59 0.58
CA LYS E 128 36.10 13.03 -0.65
C LYS E 128 35.39 14.22 -1.27
N ILE E 129 36.17 15.08 -1.93
CA ILE E 129 35.64 16.20 -2.70
C ILE E 129 36.11 16.03 -4.14
N VAL E 130 35.40 16.69 -5.05
CA VAL E 130 35.70 16.64 -6.47
C VAL E 130 35.69 18.05 -7.04
N GLN E 131 36.64 18.33 -7.93
CA GLN E 131 36.67 19.61 -8.61
C GLN E 131 35.54 19.70 -9.63
N PRO E 132 34.89 20.86 -9.73
CA PRO E 132 33.77 20.99 -10.67
C PRO E 132 34.15 20.71 -12.11
N GLU E 133 35.43 20.81 -12.47
CA GLU E 133 35.88 20.50 -13.81
C GLU E 133 35.93 19.02 -14.11
N ASN E 134 35.81 18.17 -13.09
CA ASN E 134 35.94 16.73 -13.28
C ASN E 134 34.59 16.03 -13.41
N LEU E 135 33.49 16.76 -13.40
CA LEU E 135 32.20 16.13 -13.61
C LEU E 135 32.01 15.77 -15.09
N GLU E 136 31.20 14.74 -15.32
CA GLU E 136 30.90 14.30 -16.68
C GLU E 136 29.46 13.80 -16.71
N TYR E 137 28.60 14.55 -17.39
CA TYR E 137 27.20 14.17 -17.52
C TYR E 137 26.99 13.37 -18.80
N THR E 138 26.41 12.19 -18.66
CA THR E 138 26.07 11.35 -19.80
C THR E 138 24.60 11.51 -20.12
N ILE E 139 24.29 11.75 -21.41
CA ILE E 139 22.94 11.98 -21.87
C ILE E 139 22.67 11.06 -23.04
N VAL E 140 21.44 10.54 -23.12
CA VAL E 140 20.99 9.71 -24.22
C VAL E 140 19.94 10.49 -24.99
N ILE E 141 20.17 10.66 -26.29
CA ILE E 141 19.21 11.30 -27.18
C ILE E 141 18.63 10.20 -28.06
N THR E 142 17.32 9.97 -27.95
CA THR E 142 16.63 8.95 -28.73
C THR E 142 15.47 9.62 -29.44
N PRO E 143 15.37 9.51 -30.76
CA PRO E 143 14.24 10.09 -31.47
C PRO E 143 13.06 9.13 -31.55
N HIS E 144 11.86 9.71 -31.68
CA HIS E 144 10.64 8.95 -31.93
C HIS E 144 10.61 8.48 -33.38
N SER E 145 11.44 7.47 -33.66
CA SER E 145 11.42 6.84 -34.97
C SER E 145 10.24 5.89 -35.13
N GLY E 146 9.58 5.53 -34.03
CA GLY E 146 8.55 4.52 -34.07
C GLY E 146 9.07 3.12 -34.30
N GLU E 147 10.37 2.93 -34.33
CA GLU E 147 10.98 1.63 -34.58
C GLU E 147 11.73 1.16 -33.34
N GLU E 148 12.39 0.01 -33.46
CA GLU E 148 13.14 -0.60 -32.38
C GLU E 148 14.58 -0.80 -32.82
N ASN E 149 15.46 -0.98 -31.83
CA ASN E 149 16.87 -1.19 -32.13
C ASN E 149 17.09 -2.47 -32.93
N ALA E 150 16.20 -3.45 -32.76
CA ALA E 150 16.33 -4.74 -33.41
C ALA E 150 17.34 -5.58 -32.66
N VAL E 151 17.03 -6.86 -32.41
CA VAL E 151 17.89 -7.67 -31.57
C VAL E 151 19.18 -8.03 -32.27
N GLY E 152 19.14 -8.17 -33.61
CA GLY E 152 20.36 -8.46 -34.34
C GLY E 152 21.40 -7.40 -34.08
N ASN E 153 22.41 -7.73 -33.28
CA ASN E 153 23.38 -6.76 -32.81
C ASN E 153 24.54 -6.55 -33.78
N ASP E 154 24.54 -7.26 -34.91
CA ASP E 154 25.55 -6.98 -35.94
C ASP E 154 25.46 -5.53 -36.38
N THR E 155 24.27 -4.95 -36.33
CA THR E 155 24.05 -3.53 -36.54
C THR E 155 23.32 -2.97 -35.32
N GLY E 156 23.92 -1.99 -34.67
CA GLY E 156 23.32 -1.38 -33.49
C GLY E 156 23.09 0.10 -33.65
N LYS E 157 21.82 0.51 -33.66
CA LYS E 157 21.47 1.90 -33.95
C LYS E 157 20.50 2.41 -32.89
N HIS E 158 20.11 3.67 -33.04
CA HIS E 158 19.09 4.30 -32.19
C HIS E 158 19.55 4.44 -30.74
N GLY E 159 20.86 4.51 -30.53
CA GLY E 159 21.40 4.53 -29.17
C GLY E 159 22.42 5.60 -28.87
N LYS E 160 22.26 6.80 -29.43
CA LYS E 160 23.25 7.86 -29.33
C LYS E 160 23.29 8.41 -27.91
N GLU E 161 24.45 8.30 -27.27
CA GLU E 161 24.71 8.87 -25.95
C GLU E 161 25.83 9.90 -26.08
N ILE E 162 25.65 11.07 -25.48
CA ILE E 162 26.63 12.15 -25.52
C ILE E 162 27.12 12.43 -24.12
N LYS E 163 28.44 12.52 -23.96
CA LYS E 163 29.04 12.89 -22.70
C LYS E 163 29.31 14.39 -22.70
N VAL E 164 28.92 15.07 -21.64
CA VAL E 164 29.08 16.51 -21.49
C VAL E 164 29.95 16.76 -20.28
N THR E 165 31.06 17.47 -20.48
CA THR E 165 31.99 17.83 -19.43
C THR E 165 32.11 19.34 -19.35
N PRO E 166 32.55 19.89 -18.22
CA PRO E 166 32.70 21.35 -18.14
C PRO E 166 33.65 21.90 -19.19
N GLN E 167 34.69 21.15 -19.56
CA GLN E 167 35.59 21.60 -20.62
C GLN E 167 34.92 21.53 -21.98
N SER E 168 34.28 20.41 -22.28
CA SER E 168 33.55 20.22 -23.54
C SER E 168 32.06 20.20 -23.22
N SER E 169 31.48 21.39 -23.11
CA SER E 169 30.06 21.53 -22.83
C SER E 169 29.22 21.69 -24.08
N ILE E 170 29.83 21.65 -25.26
CA ILE E 170 29.14 21.69 -26.53
C ILE E 170 29.46 20.42 -27.28
N THR E 171 28.43 19.67 -27.66
CA THR E 171 28.61 18.41 -28.35
C THR E 171 27.39 18.17 -29.22
N GLU E 172 27.59 17.44 -30.30
CA GLU E 172 26.52 17.14 -31.23
C GLU E 172 26.32 15.63 -31.32
N ALA E 173 25.06 15.21 -31.32
CA ALA E 173 24.69 13.83 -31.57
C ALA E 173 24.38 13.66 -33.05
N GLU E 174 24.84 12.55 -33.62
CA GLU E 174 24.56 12.23 -35.02
C GLU E 174 23.51 11.13 -35.02
N LEU E 175 22.24 11.54 -34.97
CA LEU E 175 21.12 10.61 -35.03
C LEU E 175 20.93 10.18 -36.47
N THR E 176 21.21 8.92 -36.76
CA THR E 176 21.19 8.45 -38.14
C THR E 176 19.83 8.69 -38.77
N GLY E 177 19.83 9.29 -39.96
CA GLY E 177 18.62 9.55 -40.69
C GLY E 177 17.92 10.84 -40.33
N TYR E 178 18.24 11.44 -39.20
CA TYR E 178 17.58 12.66 -38.73
C TYR E 178 18.53 13.85 -38.70
N GLY E 179 19.70 13.74 -39.33
CA GLY E 179 20.68 14.80 -39.26
C GLY E 179 21.53 14.72 -38.01
N THR E 180 21.67 15.85 -37.32
CA THR E 180 22.45 15.89 -36.09
C THR E 180 21.82 16.92 -35.15
N VAL E 181 22.00 16.70 -33.85
CA VAL E 181 21.48 17.61 -32.83
C VAL E 181 22.66 18.13 -32.03
N THR E 182 22.59 19.42 -31.67
CA THR E 182 23.65 20.07 -30.92
C THR E 182 23.13 20.47 -29.55
N MET E 183 23.85 20.06 -28.50
CA MET E 183 23.51 20.39 -27.13
C MET E 183 24.58 21.33 -26.59
N GLU E 184 24.16 22.50 -26.15
CA GLU E 184 25.06 23.51 -25.60
C GLU E 184 24.76 23.61 -24.11
N CYS E 185 25.42 22.76 -23.35
CA CYS E 185 25.12 22.56 -21.94
C CYS E 185 26.00 23.44 -21.05
N SER E 186 25.55 23.64 -19.82
CA SER E 186 26.27 24.44 -18.83
C SER E 186 26.43 23.61 -17.57
N PRO E 187 27.33 22.62 -17.59
CA PRO E 187 27.53 21.79 -16.40
C PRO E 187 28.02 22.57 -15.19
N ARG E 188 28.71 23.69 -15.39
CA ARG E 188 29.27 24.43 -14.27
C ARG E 188 28.21 25.06 -13.38
N THR E 189 26.94 25.10 -13.82
CA THR E 189 25.88 25.68 -13.04
C THR E 189 24.87 24.66 -12.51
N GLY E 190 24.97 23.40 -12.91
CA GLY E 190 24.01 22.42 -12.46
C GLY E 190 24.10 22.14 -10.97
N LEU E 191 25.33 22.05 -10.46
CA LEU E 191 25.57 21.71 -9.06
C LEU E 191 26.87 22.33 -8.62
N ASP E 192 26.89 22.93 -7.43
CA ASP E 192 28.08 23.61 -6.92
C ASP E 192 28.91 22.62 -6.14
N PHE E 193 29.74 21.87 -6.86
CA PHE E 193 30.55 20.81 -6.24
C PHE E 193 31.70 21.36 -5.41
N ASN E 194 31.85 22.68 -5.32
CA ASN E 194 32.77 23.27 -4.36
C ASN E 194 32.14 23.44 -2.98
N GLU E 195 30.83 23.17 -2.86
CA GLU E 195 30.14 23.19 -1.58
C GLU E 195 29.48 21.85 -1.31
N MET E 196 30.08 20.77 -1.78
CA MET E 196 29.54 19.43 -1.61
C MET E 196 30.67 18.45 -1.34
N VAL E 197 30.38 17.45 -0.53
CA VAL E 197 31.32 16.39 -0.20
C VAL E 197 30.71 15.05 -0.59
N LEU E 198 31.53 14.18 -1.16
CA LEU E 198 31.11 12.82 -1.49
C LEU E 198 31.36 11.95 -0.26
N LEU E 199 30.39 11.92 0.63
CA LEU E 199 30.54 11.24 1.91
C LEU E 199 30.34 9.75 1.72
N GLN E 200 31.40 8.98 1.93
CA GLN E 200 31.37 7.53 1.77
C GLN E 200 31.57 6.87 3.12
N MET E 201 30.65 5.96 3.48
CA MET E 201 30.67 5.33 4.80
C MET E 201 30.26 3.86 4.64
N GLU E 202 31.24 2.97 4.68
CA GLU E 202 31.00 1.53 4.70
C GLU E 202 30.13 1.09 3.52
N ASN E 203 30.67 1.27 2.32
CA ASN E 203 30.01 0.82 1.09
C ASN E 203 28.66 1.51 0.89
N LYS E 204 28.52 2.73 1.40
CA LYS E 204 27.36 3.56 1.13
C LYS E 204 27.82 5.00 1.08
N ALA E 205 27.40 5.73 0.06
CA ALA E 205 27.88 7.08 -0.18
C ALA E 205 26.70 8.03 -0.29
N TRP E 206 26.88 9.24 0.24
CA TRP E 206 25.88 10.28 0.17
C TRP E 206 26.52 11.54 -0.38
N LEU E 207 25.71 12.41 -0.96
CA LEU E 207 26.13 13.74 -1.34
C LEU E 207 25.61 14.72 -0.31
N VAL E 208 26.53 15.48 0.31
CA VAL E 208 26.20 16.30 1.47
C VAL E 208 26.82 17.68 1.32
N HIS E 209 26.25 18.63 2.06
CA HIS E 209 26.79 19.98 2.12
C HIS E 209 28.16 19.96 2.79
N ARG E 210 29.06 20.83 2.32
CA ARG E 210 30.43 20.81 2.82
C ARG E 210 30.54 21.41 4.21
N GLN E 211 29.81 22.50 4.47
CA GLN E 211 29.82 23.07 5.83
C GLN E 211 29.21 22.10 6.83
N TRP E 212 28.12 21.43 6.44
CA TRP E 212 27.56 20.39 7.29
C TRP E 212 28.59 19.31 7.58
N PHE E 213 29.31 18.86 6.55
CA PHE E 213 30.30 17.83 6.73
C PHE E 213 31.41 18.28 7.67
N LEU E 214 31.84 19.54 7.53
CA LEU E 214 32.91 20.05 8.38
C LEU E 214 32.43 20.34 9.79
N ASP E 215 31.12 20.41 10.00
CA ASP E 215 30.56 20.66 11.32
C ASP E 215 30.25 19.40 12.10
N LEU E 216 30.50 18.22 11.54
CA LEU E 216 30.13 17.00 12.23
C LEU E 216 30.90 16.88 13.54
N PRO E 217 30.25 16.44 14.61
CA PRO E 217 30.91 16.41 15.92
C PRO E 217 31.81 15.20 16.16
N LEU E 218 32.20 14.48 15.12
CA LEU E 218 33.05 13.32 15.30
C LEU E 218 34.52 13.68 15.14
N PRO E 219 35.43 12.88 15.68
CA PRO E 219 36.85 13.11 15.44
C PRO E 219 37.19 12.94 13.97
N TRP E 220 38.13 13.76 13.49
CA TRP E 220 38.47 13.75 12.08
C TRP E 220 39.98 13.83 11.90
N LEU E 221 40.43 13.33 10.76
CA LEU E 221 41.79 13.51 10.30
C LEU E 221 41.83 14.53 9.17
N PRO E 222 42.99 15.15 8.93
CA PRO E 222 43.06 16.18 7.88
C PRO E 222 42.67 15.67 6.50
N GLY E 223 42.94 14.41 6.19
CA GLY E 223 42.63 13.89 4.87
C GLY E 223 43.87 13.41 4.15
N ALA E 224 44.96 14.16 4.26
CA ALA E 224 46.25 13.68 3.82
C ALA E 224 46.91 12.77 4.84
N ASP E 225 46.41 12.76 6.07
CA ASP E 225 46.96 11.89 7.10
C ASP E 225 46.89 10.44 6.66
N THR E 226 48.02 9.75 6.75
CA THR E 226 48.14 8.38 6.26
C THR E 226 48.38 7.38 7.37
N GLN E 227 48.32 7.80 8.64
CA GLN E 227 48.56 6.91 9.75
C GLN E 227 47.62 7.13 10.93
N GLY E 228 46.54 7.88 10.75
CA GLY E 228 45.73 8.25 11.90
C GLY E 228 46.59 8.98 12.91
N SER E 229 46.41 8.61 14.18
CA SER E 229 47.30 9.01 15.27
C SER E 229 47.31 10.50 15.53
N ASN E 230 46.50 11.30 14.83
CA ASN E 230 46.34 12.71 15.15
C ASN E 230 44.89 13.13 15.03
N TRP E 231 43.98 12.30 15.53
CA TRP E 231 42.56 12.64 15.47
C TRP E 231 42.30 13.90 16.29
N ILE E 232 41.39 14.74 15.80
CA ILE E 232 41.24 16.08 16.34
C ILE E 232 40.27 16.10 17.51
N GLN E 233 39.01 15.78 17.25
CA GLN E 233 37.97 15.81 18.29
C GLN E 233 37.80 14.43 18.93
N LYS E 234 38.89 13.90 19.47
CA LYS E 234 38.81 12.60 20.14
C LYS E 234 37.89 12.63 21.35
N GLU E 235 37.64 13.80 21.91
CA GLU E 235 36.79 13.92 23.09
C GLU E 235 35.32 13.68 22.76
N THR E 236 34.94 13.86 21.50
CA THR E 236 33.56 13.64 21.09
C THR E 236 33.22 12.15 21.01
N LEU E 237 34.22 11.28 20.93
CA LEU E 237 33.99 9.84 20.82
C LEU E 237 34.39 9.10 22.08
N VAL E 238 34.63 9.80 23.18
CA VAL E 238 34.96 9.19 24.46
C VAL E 238 34.18 9.90 25.55
N THR E 239 34.08 9.26 26.70
CA THR E 239 33.46 9.86 27.88
C THR E 239 34.34 9.59 29.08
N PHE E 240 34.59 10.63 29.87
CA PHE E 240 35.34 10.53 31.11
C PHE E 240 34.35 10.52 32.27
N LYS E 241 34.39 9.46 33.07
CA LYS E 241 33.42 9.25 34.14
C LYS E 241 34.13 9.30 35.47
N ASN E 242 33.68 10.20 36.34
CA ASN E 242 34.20 10.36 37.69
C ASN E 242 33.03 10.29 38.66
N PRO E 243 32.49 9.10 38.91
CA PRO E 243 31.37 8.99 39.85
C PRO E 243 31.83 9.30 41.26
N HIS E 244 31.20 10.30 41.87
CA HIS E 244 31.62 10.79 43.18
C HIS E 244 32.99 11.46 42.97
N ALA E 245 34.00 11.14 43.76
CA ALA E 245 35.34 11.66 43.55
C ALA E 245 36.40 10.60 43.85
N LYS E 246 36.09 9.34 43.59
CA LYS E 246 37.02 8.26 43.91
C LYS E 246 38.03 8.05 42.79
N LYS E 247 37.55 7.73 41.59
CA LYS E 247 38.39 7.46 40.44
C LYS E 247 37.86 8.21 39.23
N GLN E 248 38.73 8.40 38.25
CA GLN E 248 38.33 8.84 36.92
C GLN E 248 38.62 7.73 35.92
N ASP E 249 37.74 7.60 34.94
CA ASP E 249 37.90 6.60 33.89
C ASP E 249 37.46 7.19 32.55
N VAL E 250 37.81 6.49 31.48
CA VAL E 250 37.48 6.91 30.12
C VAL E 250 37.05 5.69 29.34
N VAL E 251 35.93 5.80 28.62
CA VAL E 251 35.41 4.74 27.79
C VAL E 251 34.98 5.32 26.45
N VAL E 252 34.94 4.46 25.43
CA VAL E 252 34.50 4.87 24.10
C VAL E 252 32.98 4.89 24.02
N LEU E 253 32.47 5.50 22.96
CA LEU E 253 31.04 5.76 22.82
C LEU E 253 30.40 4.93 21.71
N GLY E 254 30.88 3.71 21.48
CA GLY E 254 30.21 2.80 20.57
C GLY E 254 30.18 3.26 19.13
N SER E 255 29.86 2.35 18.21
CA SER E 255 29.86 2.69 16.80
C SER E 255 28.85 3.80 16.52
N GLN E 256 29.29 4.81 15.78
CA GLN E 256 28.45 5.94 15.42
C GLN E 256 27.81 5.77 14.05
N GLU E 257 27.81 4.55 13.50
CA GLU E 257 27.29 4.35 12.16
C GLU E 257 25.79 4.65 12.08
N GLY E 258 25.02 4.12 13.03
CA GLY E 258 23.59 4.38 13.01
C GLY E 258 23.24 5.84 13.29
N ALA E 259 23.97 6.47 14.21
CA ALA E 259 23.78 7.89 14.44
C ALA E 259 24.12 8.69 13.20
N MET E 260 25.14 8.26 12.44
CA MET E 260 25.44 8.89 11.17
C MET E 260 24.31 8.72 10.18
N HIS E 261 23.76 7.52 10.10
CA HIS E 261 22.63 7.28 9.20
C HIS E 261 21.46 8.19 9.54
N THR E 262 21.20 8.38 10.84
CA THR E 262 20.16 9.31 11.24
C THR E 262 20.52 10.74 10.85
N ALA E 263 21.79 11.11 11.01
CA ALA E 263 22.24 12.45 10.64
C ALA E 263 22.13 12.70 9.14
N LEU E 264 22.20 11.66 8.33
CA LEU E 264 22.23 11.78 6.87
C LEU E 264 20.85 11.95 6.25
N THR E 265 19.79 11.93 7.06
CA THR E 265 18.45 12.13 6.51
C THR E 265 18.38 13.47 5.80
N GLY E 266 17.80 13.47 4.60
CA GLY E 266 17.79 14.65 3.76
C GLY E 266 18.99 14.79 2.85
N ALA E 267 19.91 13.85 2.88
CA ALA E 267 21.05 13.82 1.98
C ALA E 267 20.79 12.77 0.90
N THR E 268 21.04 13.13 -0.34
CA THR E 268 20.81 12.21 -1.45
C THR E 268 21.91 11.17 -1.50
N GLU E 269 21.51 9.91 -1.61
CA GLU E 269 22.48 8.82 -1.64
C GLU E 269 23.04 8.67 -3.05
N ILE E 270 24.35 8.48 -3.14
CA ILE E 270 25.03 8.29 -4.42
C ILE E 270 25.74 6.95 -4.41
N GLN E 271 26.45 6.64 -5.49
CA GLN E 271 27.25 5.43 -5.59
C GLN E 271 28.72 5.82 -5.66
N MET E 272 29.56 5.12 -4.90
CA MET E 272 30.99 5.41 -4.87
C MET E 272 31.84 4.16 -4.89
N SER E 273 31.29 3.01 -5.26
CA SER E 273 32.08 1.78 -5.31
C SER E 273 32.87 1.68 -6.60
N SER E 274 32.17 1.54 -7.73
CA SER E 274 32.80 1.53 -9.04
C SER E 274 32.70 2.92 -9.67
N GLY E 275 33.53 3.83 -9.16
CA GLY E 275 33.45 5.21 -9.54
C GLY E 275 32.41 5.97 -8.74
N ASN E 276 32.51 7.29 -8.78
CA ASN E 276 31.60 8.17 -8.06
C ASN E 276 30.49 8.59 -9.01
N LEU E 277 29.35 7.90 -8.93
CA LEU E 277 28.22 8.11 -9.81
C LEU E 277 27.09 8.78 -9.05
N LEU E 278 26.61 9.89 -9.56
CA LEU E 278 25.54 10.67 -8.93
C LEU E 278 24.31 10.62 -9.81
N PHE E 279 23.32 9.83 -9.41
CA PHE E 279 22.05 9.76 -10.12
C PHE E 279 21.05 10.74 -9.54
N THR E 280 21.49 11.98 -9.39
CA THR E 280 20.69 13.05 -8.83
C THR E 280 21.17 14.37 -9.41
N GLY E 281 20.24 15.31 -9.53
CA GLY E 281 20.57 16.63 -10.02
C GLY E 281 20.11 16.85 -11.45
N HIS E 282 20.44 18.05 -11.95
CA HIS E 282 19.92 18.53 -13.21
C HIS E 282 21.05 19.05 -14.08
N LEU E 283 20.75 19.19 -15.37
CA LEU E 283 21.62 19.84 -16.33
C LEU E 283 20.81 20.83 -17.14
N LYS E 284 21.35 22.04 -17.30
CA LYS E 284 20.76 23.05 -18.18
C LYS E 284 21.49 23.02 -19.50
N CYS E 285 20.75 22.76 -20.58
CA CYS E 285 21.32 22.65 -21.92
C CYS E 285 20.49 23.47 -22.90
N ARG E 286 21.14 23.85 -23.99
CA ARG E 286 20.47 24.50 -25.12
C ARG E 286 20.45 23.50 -26.27
N LEU E 287 19.27 23.30 -26.84
CA LEU E 287 19.08 22.33 -27.91
C LEU E 287 19.13 23.03 -29.26
N ARG E 288 20.08 22.62 -30.10
CA ARG E 288 20.26 23.21 -31.42
C ARG E 288 19.64 22.26 -32.44
N MET E 289 18.40 22.53 -32.82
CA MET E 289 17.67 21.69 -33.76
C MET E 289 17.78 22.18 -35.19
N ASP E 290 18.64 23.17 -35.46
CA ASP E 290 18.72 23.73 -36.80
C ASP E 290 19.10 22.68 -37.84
N LYS E 291 20.10 21.86 -37.53
CA LYS E 291 20.47 20.76 -38.42
C LYS E 291 19.78 19.46 -38.03
N LEU E 292 18.47 19.54 -37.81
CA LEU E 292 17.66 18.39 -37.42
C LEU E 292 16.50 18.30 -38.39
N GLN E 293 16.41 17.17 -39.09
CA GLN E 293 15.47 17.03 -40.19
C GLN E 293 14.64 15.77 -40.01
N LEU E 294 13.36 15.86 -40.34
CA LEU E 294 12.49 14.69 -40.32
C LEU E 294 12.98 13.67 -41.34
N LYS E 295 12.78 12.40 -41.02
CA LYS E 295 13.26 11.29 -41.84
C LYS E 295 12.14 10.81 -42.75
N GLY E 296 12.46 10.69 -44.04
CA GLY E 296 11.49 10.17 -44.99
C GLY E 296 10.36 11.09 -45.35
N MET E 297 10.60 12.41 -45.35
CA MET E 297 9.54 13.34 -45.74
C MET E 297 9.31 13.39 -47.24
N SER E 298 10.17 12.75 -48.03
CA SER E 298 9.97 12.63 -49.46
C SER E 298 9.13 11.42 -49.83
N TYR E 299 8.74 10.61 -48.86
CA TYR E 299 8.00 9.39 -49.12
C TYR E 299 6.54 9.71 -49.44
N SER E 300 5.83 8.68 -49.89
CA SER E 300 4.42 8.77 -50.24
C SER E 300 3.58 7.94 -49.28
N MET E 301 2.31 8.30 -49.17
CA MET E 301 1.38 7.54 -48.35
C MET E 301 1.44 6.06 -48.71
N CYS E 302 1.08 5.22 -47.74
CA CYS E 302 1.20 3.78 -47.94
C CYS E 302 0.14 3.24 -48.89
N THR E 303 -1.09 3.71 -48.76
CA THR E 303 -2.20 3.22 -49.59
C THR E 303 -2.35 1.70 -49.45
N GLY E 304 -2.09 1.18 -48.26
CA GLY E 304 -2.20 -0.24 -48.01
C GLY E 304 -2.95 -0.53 -46.72
N LYS E 305 -2.95 -1.78 -46.29
CA LYS E 305 -3.65 -2.21 -45.09
C LYS E 305 -2.68 -2.35 -43.93
N PHE E 306 -3.08 -1.83 -42.77
CA PHE E 306 -2.32 -1.95 -41.54
C PHE E 306 -3.06 -2.88 -40.58
N LYS E 307 -2.31 -3.62 -39.79
CA LYS E 307 -2.87 -4.42 -38.71
C LYS E 307 -2.26 -3.98 -37.39
N VAL E 308 -3.09 -3.91 -36.36
CA VAL E 308 -2.62 -3.57 -35.02
C VAL E 308 -1.99 -4.82 -34.42
N VAL E 309 -0.67 -4.77 -34.18
CA VAL E 309 0.02 -5.90 -33.57
C VAL E 309 0.27 -5.69 -32.08
N LYS E 310 0.22 -4.45 -31.60
CA LYS E 310 0.22 -4.16 -30.17
C LYS E 310 -0.97 -3.26 -29.91
N GLU E 311 -1.89 -3.71 -29.06
CA GLU E 311 -3.16 -3.04 -28.91
C GLU E 311 -2.97 -1.69 -28.24
N ILE E 312 -3.80 -0.73 -28.64
CA ILE E 312 -3.59 0.66 -28.23
C ILE E 312 -3.67 0.79 -26.72
N ALA E 313 -2.68 1.45 -26.15
CA ALA E 313 -2.59 1.67 -24.71
C ALA E 313 -2.43 3.15 -24.42
N GLU E 314 -2.81 3.55 -23.22
CA GLU E 314 -2.73 4.94 -22.78
C GLU E 314 -1.58 5.08 -21.79
N THR E 315 -0.62 5.95 -22.10
CA THR E 315 0.49 6.20 -21.21
C THR E 315 0.04 7.08 -20.05
N GLN E 316 0.95 7.28 -19.09
CA GLN E 316 0.62 8.05 -17.89
C GLN E 316 0.48 9.54 -18.15
N HIS E 317 0.58 10.00 -19.40
CA HIS E 317 0.64 11.43 -19.68
C HIS E 317 -0.50 11.92 -20.56
N GLY E 318 -1.52 11.10 -20.79
CA GLY E 318 -2.65 11.49 -21.58
C GLY E 318 -2.52 11.22 -23.07
N THR E 319 -1.42 10.61 -23.50
CA THR E 319 -1.25 10.21 -24.89
C THR E 319 -1.52 8.73 -25.02
N ILE E 320 -1.59 8.26 -26.27
CA ILE E 320 -1.87 6.88 -26.59
C ILE E 320 -0.78 6.37 -27.52
N VAL E 321 -0.27 5.18 -27.24
CA VAL E 321 0.75 4.54 -28.05
C VAL E 321 0.13 3.27 -28.64
N ILE E 322 0.30 3.08 -29.94
CA ILE E 322 -0.17 1.90 -30.62
C ILE E 322 0.93 1.39 -31.53
N ARG E 323 0.90 0.11 -31.83
CA ARG E 323 1.87 -0.51 -32.72
C ARG E 323 1.13 -1.15 -33.87
N VAL E 324 1.41 -0.70 -35.09
CA VAL E 324 0.75 -1.18 -36.29
C VAL E 324 1.81 -1.79 -37.20
N GLN E 325 1.40 -2.81 -37.95
CA GLN E 325 2.25 -3.40 -38.98
C GLN E 325 1.62 -3.15 -40.34
N TYR E 326 2.47 -2.83 -41.32
CA TYR E 326 2.01 -2.56 -42.67
C TYR E 326 2.06 -3.83 -43.50
N GLU E 327 0.97 -4.10 -44.21
CA GLU E 327 0.87 -5.25 -45.10
C GLU E 327 0.38 -4.73 -46.44
N GLY E 328 1.31 -4.27 -47.26
CA GLY E 328 0.97 -3.67 -48.54
C GLY E 328 2.20 -3.51 -49.40
N ASP E 329 2.10 -2.62 -50.37
CA ASP E 329 3.16 -2.36 -51.33
C ASP E 329 3.71 -0.95 -51.16
N GLY E 330 4.95 -0.76 -51.60
CA GLY E 330 5.62 0.50 -51.41
C GLY E 330 6.14 0.64 -49.99
N SER E 331 7.06 -0.23 -49.61
CA SER E 331 7.45 -0.37 -48.22
C SER E 331 7.82 0.95 -47.55
N PRO E 332 8.70 1.77 -48.13
CA PRO E 332 9.03 3.08 -47.51
C PRO E 332 7.95 4.12 -47.79
N CYS E 333 6.91 4.10 -46.98
CA CYS E 333 5.77 4.99 -47.18
C CYS E 333 5.41 5.68 -45.87
N LYS E 334 4.92 6.91 -46.00
CA LYS E 334 4.31 7.58 -44.86
C LYS E 334 3.05 6.84 -44.44
N ILE E 335 2.84 6.74 -43.12
CA ILE E 335 1.68 6.06 -42.57
C ILE E 335 0.56 7.09 -42.40
N PRO E 336 -0.60 6.91 -43.04
CA PRO E 336 -1.72 7.82 -42.81
C PRO E 336 -2.30 7.63 -41.42
N PHE E 337 -2.08 8.59 -40.54
CA PHE E 337 -2.51 8.50 -39.15
C PHE E 337 -3.19 9.79 -38.76
N GLU E 338 -4.48 9.72 -38.46
CA GLU E 338 -5.25 10.89 -38.05
C GLU E 338 -6.07 10.55 -36.81
N ILE E 339 -6.26 11.53 -35.95
CA ILE E 339 -7.15 11.43 -34.80
C ILE E 339 -8.34 12.33 -35.11
N MET E 340 -9.38 11.75 -35.67
CA MET E 340 -10.54 12.47 -36.14
C MET E 340 -11.68 12.33 -35.13
N ASP E 341 -12.86 12.82 -35.49
CA ASP E 341 -14.08 12.53 -34.76
C ASP E 341 -14.81 11.37 -35.44
N LEU E 342 -16.00 11.05 -34.93
CA LEU E 342 -16.72 9.88 -35.44
C LEU E 342 -17.07 10.03 -36.91
N GLU E 343 -17.54 11.21 -37.31
CA GLU E 343 -17.82 11.49 -38.71
C GLU E 343 -16.57 11.85 -39.50
N LYS E 344 -15.44 12.03 -38.83
CA LYS E 344 -14.17 12.35 -39.48
C LYS E 344 -14.20 13.73 -40.12
N ARG E 345 -14.95 14.65 -39.53
CA ARG E 345 -15.04 16.02 -40.03
C ARG E 345 -13.97 16.93 -39.45
N HIS E 346 -13.45 16.61 -38.26
CA HIS E 346 -12.50 17.48 -37.58
C HIS E 346 -11.31 16.67 -37.11
N VAL E 347 -10.14 17.31 -37.12
CA VAL E 347 -8.92 16.70 -36.60
C VAL E 347 -8.82 17.10 -35.13
N LEU E 348 -8.88 16.11 -34.26
CA LEU E 348 -9.01 16.36 -32.83
C LEU E 348 -7.72 16.21 -32.05
N GLY E 349 -6.82 15.31 -32.49
CA GLY E 349 -5.59 15.08 -31.77
C GLY E 349 -4.39 15.20 -32.69
N ARG E 350 -3.25 15.48 -32.08
CA ARG E 350 -1.98 15.63 -32.79
C ARG E 350 -1.06 14.50 -32.37
N LEU E 351 -0.53 13.78 -33.35
CA LEU E 351 0.35 12.67 -33.03
C LEU E 351 1.69 13.19 -32.54
N ILE E 352 2.36 12.38 -31.72
CA ILE E 352 3.63 12.74 -31.11
C ILE E 352 4.80 12.12 -31.86
N THR E 353 4.68 10.88 -32.30
CA THR E 353 5.67 10.26 -33.17
C THR E 353 5.47 10.86 -34.56
N VAL E 354 6.01 12.08 -34.73
CA VAL E 354 5.71 12.85 -35.94
C VAL E 354 6.29 12.15 -37.15
N ASN E 355 5.57 12.26 -38.27
CA ASN E 355 5.96 11.63 -39.52
C ASN E 355 6.24 10.13 -39.34
N PRO E 356 5.26 9.36 -38.88
CA PRO E 356 5.45 7.90 -38.81
C PRO E 356 5.56 7.34 -40.22
N ILE E 357 6.61 6.55 -40.45
CA ILE E 357 6.87 5.96 -41.76
C ILE E 357 7.14 4.48 -41.58
N VAL E 358 7.00 3.74 -42.67
CA VAL E 358 7.31 2.32 -42.71
C VAL E 358 8.57 2.15 -43.54
N THR E 359 9.60 1.56 -42.94
CA THR E 359 10.85 1.31 -43.66
C THR E 359 10.89 -0.07 -44.27
N GLU E 360 10.42 -1.08 -43.54
CA GLU E 360 10.33 -2.44 -44.04
C GLU E 360 8.91 -2.94 -43.84
N LYS E 361 8.47 -3.81 -44.76
CA LYS E 361 7.11 -4.34 -44.69
C LYS E 361 6.89 -5.13 -43.40
N ASP E 362 7.76 -6.10 -43.14
CA ASP E 362 7.65 -6.95 -41.95
C ASP E 362 8.35 -6.33 -40.75
N SER E 363 8.02 -5.07 -40.44
CA SER E 363 8.68 -4.32 -39.38
C SER E 363 7.65 -3.43 -38.71
N PRO E 364 7.08 -3.86 -37.59
CA PRO E 364 6.06 -3.04 -36.93
C PRO E 364 6.61 -1.70 -36.51
N VAL E 365 5.76 -0.68 -36.60
CA VAL E 365 6.09 0.67 -36.16
C VAL E 365 5.02 1.09 -35.16
N ASN E 366 5.47 1.61 -34.02
CA ASN E 366 4.56 2.01 -32.95
C ASN E 366 4.45 3.52 -32.91
N ILE E 367 3.22 4.01 -32.97
CA ILE E 367 2.93 5.44 -33.04
C ILE E 367 2.43 5.90 -31.68
N GLU E 368 2.93 7.04 -31.22
CA GLU E 368 2.42 7.71 -30.04
C GLU E 368 1.70 8.98 -30.49
N ALA E 369 0.50 9.20 -29.97
CA ALA E 369 -0.30 10.35 -30.34
C ALA E 369 -1.02 10.87 -29.11
N GLU E 370 -1.41 12.15 -29.16
CA GLU E 370 -2.14 12.76 -28.07
C GLU E 370 -3.59 12.98 -28.48
N PRO E 371 -4.52 12.18 -28.00
CA PRO E 371 -5.92 12.37 -28.36
C PRO E 371 -6.55 13.46 -27.51
N PRO E 372 -7.75 13.89 -27.86
CA PRO E 372 -8.47 14.85 -27.03
C PRO E 372 -9.13 14.16 -25.84
N PHE E 373 -9.56 14.98 -24.89
CA PHE E 373 -10.34 14.44 -23.78
C PHE E 373 -11.71 14.04 -24.27
N GLY E 374 -12.12 12.81 -23.96
CA GLY E 374 -13.41 12.33 -24.37
C GLY E 374 -13.34 11.34 -25.51
N ASP E 375 -14.40 11.28 -26.32
CA ASP E 375 -14.41 10.37 -27.46
C ASP E 375 -13.49 10.86 -28.57
N SER E 376 -12.77 9.93 -29.16
CA SER E 376 -11.90 10.23 -30.29
C SER E 376 -11.68 8.93 -31.05
N TYR E 377 -11.32 9.04 -32.33
CA TYR E 377 -11.15 7.88 -33.19
C TYR E 377 -9.81 7.96 -33.87
N ILE E 378 -9.04 6.88 -33.77
CA ILE E 378 -7.73 6.78 -34.40
C ILE E 378 -7.89 6.08 -35.74
N ILE E 379 -7.55 6.78 -36.81
CA ILE E 379 -7.70 6.28 -38.17
C ILE E 379 -6.31 6.00 -38.73
N ILE E 380 -6.11 4.80 -39.27
CA ILE E 380 -4.83 4.37 -39.78
C ILE E 380 -5.06 3.76 -41.15
N GLY E 381 -4.37 4.27 -42.15
CA GLY E 381 -4.52 3.76 -43.50
C GLY E 381 -5.55 4.54 -44.31
N VAL E 382 -5.80 4.03 -45.51
CA VAL E 382 -6.69 4.69 -46.45
C VAL E 382 -7.90 3.81 -46.73
N GLU E 383 -8.79 4.28 -47.60
CA GLU E 383 -10.14 3.75 -47.70
C GLU E 383 -10.22 2.22 -47.74
N PRO E 384 -9.46 1.52 -48.56
CA PRO E 384 -9.58 0.05 -48.58
C PRO E 384 -9.00 -0.58 -47.33
N GLY E 385 -9.86 -1.12 -46.46
CA GLY E 385 -9.39 -1.76 -45.26
C GLY E 385 -8.85 -0.82 -44.22
N GLN E 386 -9.15 0.47 -44.31
CA GLN E 386 -8.72 1.42 -43.30
C GLN E 386 -9.23 0.98 -41.94
N LEU E 387 -8.35 0.99 -40.95
CA LEU E 387 -8.68 0.50 -39.62
C LEU E 387 -8.94 1.69 -38.70
N LYS E 388 -10.17 1.81 -38.23
CA LYS E 388 -10.63 2.92 -37.41
C LYS E 388 -10.71 2.46 -35.95
N LEU E 389 -9.95 3.11 -35.08
CA LEU E 389 -9.85 2.73 -33.69
C LEU E 389 -10.51 3.79 -32.83
N SER E 390 -11.37 3.36 -31.91
CA SER E 390 -12.02 4.27 -30.99
C SER E 390 -11.22 4.41 -29.71
N TRP E 391 -11.42 5.53 -29.02
CA TRP E 391 -10.70 5.80 -27.78
C TRP E 391 -11.46 6.85 -26.99
N PHE E 392 -11.40 6.74 -25.66
CA PHE E 392 -11.99 7.74 -24.77
C PHE E 392 -10.96 8.16 -23.74
N LYS E 393 -10.65 9.46 -23.71
CA LYS E 393 -9.69 10.02 -22.79
C LYS E 393 -10.43 10.62 -21.60
N LYS E 394 -10.19 10.08 -20.41
CA LYS E 394 -11.08 10.27 -19.27
C LYS E 394 -10.93 11.62 -18.59
N GLY E 395 -9.88 12.38 -18.86
CA GLY E 395 -9.64 13.58 -18.10
C GLY E 395 -10.55 14.75 -18.41
N SER E 396 -10.09 15.95 -18.05
CA SER E 396 -10.74 17.18 -18.44
C SER E 396 -9.67 18.20 -18.80
N SER E 397 -10.04 19.17 -19.63
CA SER E 397 -9.10 20.21 -20.00
C SER E 397 -8.73 21.07 -18.80
N ILE E 398 -9.69 21.40 -17.95
CA ILE E 398 -9.42 22.13 -16.72
C ILE E 398 -8.50 21.30 -15.83
N GLY E 399 -8.73 20.00 -15.75
CA GLY E 399 -7.85 19.14 -14.97
C GLY E 399 -6.44 19.14 -15.50
N GLN E 400 -6.28 19.12 -16.83
CA GLN E 400 -4.94 19.16 -17.41
C GLN E 400 -4.26 20.49 -17.11
N MET E 401 -5.01 21.60 -17.18
CA MET E 401 -4.44 22.89 -16.83
C MET E 401 -3.97 22.91 -15.39
N PHE E 402 -4.79 22.37 -14.48
CA PHE E 402 -4.39 22.31 -13.08
C PHE E 402 -3.14 21.46 -12.91
N GLU E 403 -3.09 20.30 -13.57
CA GLU E 403 -1.93 19.43 -13.44
C GLU E 403 -0.68 20.10 -13.96
N THR E 404 -0.78 20.84 -15.06
CA THR E 404 0.39 21.50 -15.61
C THR E 404 0.84 22.65 -14.72
N THR E 405 -0.10 23.40 -14.13
CA THR E 405 0.31 24.43 -13.18
C THR E 405 1.00 23.80 -11.98
N MET E 406 0.49 22.67 -11.49
CA MET E 406 1.13 21.98 -10.39
C MET E 406 2.53 21.51 -10.76
N ARG E 407 2.68 20.95 -11.96
CA ARG E 407 4.00 20.48 -12.40
C ARG E 407 4.98 21.63 -12.53
N GLY E 408 4.53 22.76 -13.08
CA GLY E 408 5.40 23.93 -13.17
C GLY E 408 5.81 24.45 -11.81
N ALA E 409 4.86 24.53 -10.88
CA ALA E 409 5.19 24.98 -9.53
C ALA E 409 6.18 24.02 -8.86
N LYS E 410 5.96 22.72 -9.02
CA LYS E 410 6.89 21.74 -8.45
C LYS E 410 8.27 21.88 -9.05
N ARG E 411 8.35 22.10 -10.36
CA ARG E 411 9.64 22.34 -11.00
C ARG E 411 10.32 23.57 -10.43
N MET E 412 9.54 24.63 -10.19
CA MET E 412 10.11 25.82 -9.55
C MET E 412 10.61 25.49 -8.15
N ALA E 413 9.89 24.64 -7.42
CA ALA E 413 10.28 24.28 -6.07
C ALA E 413 11.62 23.55 -6.07
N ILE E 414 11.86 22.70 -7.06
CA ILE E 414 13.10 21.93 -7.11
C ILE E 414 14.21 22.74 -7.77
N LEU E 415 13.98 23.18 -9.01
CA LEU E 415 14.96 23.98 -9.75
C LEU E 415 14.66 25.47 -9.62
N GLY E 416 14.67 25.97 -8.39
CA GLY E 416 14.36 27.36 -8.14
C GLY E 416 15.21 28.28 -8.99
N ASP E 417 14.58 29.12 -9.82
CA ASP E 417 15.17 30.11 -10.72
C ASP E 417 15.80 29.43 -11.94
N THR E 418 15.89 28.11 -11.92
CA THR E 418 16.30 27.35 -13.10
C THR E 418 15.10 26.76 -13.84
N ALA E 419 13.93 26.76 -13.20
CA ALA E 419 12.70 26.36 -13.87
C ALA E 419 12.33 27.30 -15.00
N TRP E 420 12.85 28.52 -14.98
CA TRP E 420 12.63 29.47 -16.06
C TRP E 420 13.39 29.12 -17.32
N ASP E 421 14.32 28.16 -17.26
CA ASP E 421 15.08 27.74 -18.42
C ASP E 421 14.64 26.40 -18.97
N PHE E 422 13.65 25.75 -18.36
CA PHE E 422 13.33 24.38 -18.77
C PHE E 422 12.81 24.34 -20.20
N GLY E 423 12.01 25.31 -20.59
CA GLY E 423 11.50 25.34 -21.94
C GLY E 423 11.62 26.71 -22.57
N SER E 424 12.44 27.56 -21.96
CA SER E 424 12.51 28.95 -22.40
C SER E 424 13.06 29.05 -23.81
N LEU E 425 12.46 29.93 -24.60
CA LEU E 425 12.86 30.22 -25.97
C LEU E 425 13.49 31.61 -26.06
N GLY E 426 14.13 32.03 -25.00
CA GLY E 426 14.58 33.41 -24.87
C GLY E 426 13.44 34.30 -24.37
N GLY E 427 13.28 35.47 -24.97
CA GLY E 427 12.19 36.34 -24.62
C GLY E 427 12.49 37.25 -23.44
N VAL E 428 11.71 38.31 -23.29
CA VAL E 428 11.93 39.27 -22.23
C VAL E 428 11.18 38.90 -20.96
N PHE E 429 9.96 38.37 -21.10
CA PHE E 429 9.20 37.97 -19.93
C PHE E 429 9.91 36.87 -19.15
N THR E 430 10.48 35.90 -19.87
CA THR E 430 11.23 34.83 -19.20
C THR E 430 12.43 35.39 -18.46
N SER E 431 13.15 36.33 -19.07
CA SER E 431 14.31 36.91 -18.39
C SER E 431 13.91 37.69 -17.16
N ILE E 432 12.84 38.48 -17.26
CA ILE E 432 12.38 39.26 -16.10
C ILE E 432 11.93 38.32 -14.99
N GLY E 433 11.16 37.29 -15.33
CA GLY E 433 10.73 36.33 -14.35
C GLY E 433 11.90 35.62 -13.68
N LYS E 434 12.90 35.23 -14.47
CA LYS E 434 14.06 34.56 -13.91
C LYS E 434 14.86 35.47 -12.99
N ALA E 435 15.03 36.74 -13.37
CA ALA E 435 15.75 37.67 -12.51
C ALA E 435 15.01 37.92 -11.21
N LEU E 436 13.69 38.09 -11.29
CA LEU E 436 12.90 38.26 -10.07
C LEU E 436 12.97 37.02 -9.21
N HIS E 437 12.92 35.83 -9.82
CA HIS E 437 13.03 34.60 -9.05
C HIS E 437 14.40 34.50 -8.39
N GLN E 438 15.45 34.90 -9.09
CA GLN E 438 16.78 34.87 -8.48
C GLN E 438 16.85 35.80 -7.28
N VAL E 439 16.35 37.02 -7.43
CA VAL E 439 16.41 37.98 -6.32
C VAL E 439 15.58 37.49 -5.15
N PHE E 440 14.39 36.94 -5.41
CA PHE E 440 13.53 36.48 -4.32
C PHE E 440 14.09 35.22 -3.68
N GLY E 441 14.61 34.29 -4.49
CA GLY E 441 15.16 33.06 -3.96
C GLY E 441 16.40 33.28 -3.14
N ALA E 442 17.22 34.27 -3.49
CA ALA E 442 18.35 34.61 -2.63
C ALA E 442 17.89 34.89 -1.21
N ILE E 443 16.89 35.77 -1.08
CA ILE E 443 16.36 36.13 0.24
C ILE E 443 15.72 34.93 0.91
N TYR E 444 14.93 34.16 0.15
CA TYR E 444 14.24 33.01 0.73
C TYR E 444 15.21 31.97 1.25
N GLY E 445 16.23 31.63 0.47
CA GLY E 445 17.22 30.68 0.91
C GLY E 445 18.05 31.20 2.08
N ALA E 446 18.32 32.51 2.10
CA ALA E 446 19.00 33.08 3.24
C ALA E 446 18.18 32.95 4.50
N ALA E 447 16.88 33.19 4.41
CA ALA E 447 16.02 33.23 5.58
C ALA E 447 15.45 31.87 5.97
N PHE E 448 15.61 30.85 5.14
CA PHE E 448 15.00 29.54 5.41
C PHE E 448 15.99 28.40 5.34
N SER E 449 17.30 28.67 5.33
CA SER E 449 18.27 27.58 5.30
C SER E 449 18.33 26.90 6.65
N GLY E 450 18.47 25.58 6.63
CA GLY E 450 18.59 24.82 7.86
C GLY E 450 17.30 24.69 8.65
N VAL E 451 16.15 24.79 7.99
CA VAL E 451 14.85 24.72 8.65
C VAL E 451 14.11 23.50 8.13
N SER E 452 13.59 22.70 9.05
CA SER E 452 12.84 21.51 8.67
C SER E 452 11.48 21.90 8.09
N TRP E 453 10.84 20.93 7.43
CA TRP E 453 9.59 21.20 6.75
C TRP E 453 8.49 21.59 7.73
N THR E 454 8.50 21.01 8.92
CA THR E 454 7.52 21.39 9.93
C THR E 454 7.69 22.85 10.33
N MET E 455 8.94 23.29 10.51
CA MET E 455 9.17 24.69 10.82
C MET E 455 8.76 25.59 9.66
N LYS E 456 8.98 25.14 8.43
CA LYS E 456 8.54 25.91 7.28
C LYS E 456 7.02 26.08 7.28
N ILE E 457 6.29 25.01 7.58
CA ILE E 457 4.83 25.11 7.64
C ILE E 457 4.39 26.04 8.75
N LEU E 458 5.03 25.93 9.92
CA LEU E 458 4.68 26.81 11.03
C LEU E 458 4.91 28.27 10.65
N ILE E 459 6.07 28.56 10.05
CA ILE E 459 6.39 29.94 9.69
C ILE E 459 5.46 30.44 8.60
N GLY E 460 5.10 29.58 7.65
CA GLY E 460 4.15 29.97 6.63
C GLY E 460 2.80 30.31 7.21
N VAL E 461 2.32 29.50 8.16
CA VAL E 461 1.05 29.79 8.83
C VAL E 461 1.13 31.12 9.58
N VAL E 462 2.23 31.34 10.30
CA VAL E 462 2.38 32.58 11.06
C VAL E 462 2.38 33.78 10.13
N ILE E 463 3.12 33.70 9.02
CA ILE E 463 3.20 34.83 8.10
C ILE E 463 1.85 35.05 7.42
N THR E 464 1.15 33.98 7.06
CA THR E 464 -0.17 34.14 6.47
C THR E 464 -1.13 34.81 7.43
N TRP E 465 -1.10 34.43 8.71
CA TRP E 465 -1.96 35.08 9.69
C TRP E 465 -1.59 36.54 9.88
N ILE E 466 -0.29 36.84 9.91
CA ILE E 466 0.14 38.23 10.05
C ILE E 466 -0.36 39.06 8.87
N GLY E 467 -0.23 38.53 7.66
CA GLY E 467 -0.73 39.24 6.50
C GLY E 467 -2.23 39.43 6.54
N MET E 468 -2.96 38.40 6.96
CA MET E 468 -4.40 38.51 7.08
C MET E 468 -4.78 39.62 8.06
N ASN E 469 -4.11 39.67 9.20
CA ASN E 469 -4.40 40.69 10.22
C ASN E 469 -3.47 41.90 10.03
N SER E 470 -3.54 42.48 8.84
CA SER E 470 -2.73 43.63 8.49
C SER E 470 -3.64 44.73 7.95
N ARG E 471 -3.46 45.94 8.48
CA ARG E 471 -4.30 47.06 8.03
C ARG E 471 -3.98 47.43 6.59
N SER E 472 -2.70 47.44 6.22
CA SER E 472 -2.29 47.86 4.89
C SER E 472 -2.56 46.76 3.88
N THR E 473 -3.27 47.11 2.79
CA THR E 473 -3.51 46.15 1.73
C THR E 473 -2.21 45.77 1.02
N SER E 474 -1.33 46.75 0.80
CA SER E 474 -0.08 46.47 0.11
C SER E 474 0.77 45.47 0.89
N LEU E 475 0.82 45.62 2.21
CA LEU E 475 1.51 44.66 3.06
C LEU E 475 0.74 43.36 3.22
N SER E 476 -0.58 43.42 3.34
CA SER E 476 -1.37 42.21 3.56
C SER E 476 -1.23 41.25 2.40
N VAL E 477 -1.35 41.74 1.17
CA VAL E 477 -1.28 40.84 0.01
C VAL E 477 0.11 40.22 -0.10
N SER E 478 1.16 41.03 0.06
CA SER E 478 2.51 40.48 -0.03
C SER E 478 2.75 39.44 1.05
N LEU E 479 2.31 39.72 2.29
CA LEU E 479 2.50 38.76 3.36
C LEU E 479 1.73 37.48 3.12
N VAL E 480 0.51 37.58 2.56
CA VAL E 480 -0.27 36.39 2.30
C VAL E 480 0.36 35.55 1.20
N LEU E 481 0.87 36.20 0.16
CA LEU E 481 1.60 35.47 -0.87
C LEU E 481 2.82 34.78 -0.30
N VAL E 482 3.59 35.49 0.53
CA VAL E 482 4.79 34.89 1.12
C VAL E 482 4.40 33.70 1.98
N GLY E 483 3.34 33.84 2.78
CA GLY E 483 2.90 32.75 3.62
C GLY E 483 2.43 31.54 2.84
N VAL E 484 1.67 31.77 1.77
CA VAL E 484 1.18 30.65 0.98
C VAL E 484 2.31 29.95 0.25
N VAL E 485 3.25 30.72 -0.29
CA VAL E 485 4.40 30.11 -0.95
C VAL E 485 5.24 29.32 0.05
N THR E 486 5.42 29.87 1.26
CA THR E 486 6.16 29.16 2.30
C THR E 486 5.45 27.87 2.68
N LEU E 487 4.12 27.92 2.83
CA LEU E 487 3.36 26.72 3.14
C LEU E 487 3.51 25.67 2.05
N TYR E 488 3.43 26.10 0.78
CA TYR E 488 3.58 25.16 -0.33
C TYR E 488 4.96 24.52 -0.32
N LEU E 489 6.01 25.33 -0.18
CA LEU E 489 7.36 24.80 -0.19
C LEU E 489 7.60 23.86 0.98
N GLY E 490 7.04 24.19 2.15
CA GLY E 490 7.15 23.30 3.29
C GLY E 490 6.39 22.01 3.10
N VAL E 491 5.24 22.06 2.41
CA VAL E 491 4.47 20.86 2.15
C VAL E 491 5.08 20.02 1.03
N MET E 492 6.00 20.57 0.25
CA MET E 492 6.65 19.84 -0.83
C MET E 492 8.15 20.04 -0.80
N VAL E 493 8.75 19.98 0.39
CA VAL E 493 10.17 20.25 0.55
C VAL E 493 11.00 18.97 0.59
N GLN E 494 10.70 18.06 1.52
CA GLN E 494 11.50 16.84 1.61
C GLN E 494 11.31 16.02 0.34
N ALA E 495 12.40 15.44 -0.14
CA ALA E 495 12.37 14.74 -1.41
C ALA E 495 13.09 13.41 -1.31
N SER F 1 25.04 14.51 19.52
CA SER F 1 25.72 13.59 18.61
C SER F 1 25.52 14.02 17.16
N VAL F 2 25.99 13.18 16.24
CA VAL F 2 25.79 13.45 14.82
C VAL F 2 24.31 13.40 14.48
N ALA F 3 23.57 12.49 15.12
CA ALA F 3 22.15 12.34 14.82
C ALA F 3 21.36 13.60 15.10
N LEU F 4 21.89 14.52 15.90
CA LEU F 4 21.17 15.74 16.26
C LEU F 4 21.34 16.84 15.24
N VAL F 5 22.10 16.63 14.18
CA VAL F 5 22.30 17.61 13.13
C VAL F 5 22.02 16.92 11.79
N PRO F 6 20.75 16.63 11.47
CA PRO F 6 20.42 15.69 10.39
C PRO F 6 20.20 16.31 9.00
N HIS F 7 21.16 17.12 8.55
CA HIS F 7 21.32 17.46 7.13
C HIS F 7 19.98 17.61 6.40
N VAL F 8 19.16 18.55 6.86
CA VAL F 8 17.80 18.73 6.34
C VAL F 8 17.69 19.98 5.47
N GLY F 9 17.93 21.15 6.06
CA GLY F 9 17.69 22.39 5.34
C GLY F 9 18.90 22.92 4.60
N MET F 10 19.68 22.04 3.98
CA MET F 10 20.93 22.39 3.35
C MET F 10 20.79 22.72 1.87
N GLY F 11 19.57 22.84 1.37
CA GLY F 11 19.39 22.88 -0.08
C GLY F 11 19.78 21.54 -0.67
N LEU F 12 20.43 21.58 -1.82
CA LEU F 12 21.00 20.39 -2.46
C LEU F 12 19.95 19.33 -2.79
N GLU F 13 18.68 19.65 -2.65
CA GLU F 13 17.61 18.67 -2.78
C GLU F 13 17.10 18.65 -4.21
N THR F 14 16.63 17.47 -4.64
CA THR F 14 16.25 17.27 -6.03
C THR F 14 14.98 16.43 -6.11
N ARG F 15 14.66 15.92 -7.31
CA ARG F 15 13.52 15.03 -7.43
C ARG F 15 13.81 13.67 -6.80
N THR F 16 15.06 13.20 -6.91
CA THR F 16 15.41 11.91 -6.38
C THR F 16 15.16 11.84 -4.88
N GLU F 17 14.54 10.74 -4.45
CA GLU F 17 14.28 10.54 -3.04
C GLU F 17 15.57 10.60 -2.23
N THR F 18 15.53 11.32 -1.12
CA THR F 18 16.69 11.45 -0.26
C THR F 18 16.80 10.21 0.63
N TRP F 19 17.75 10.24 1.56
CA TRP F 19 17.98 9.12 2.45
C TRP F 19 17.04 9.21 3.65
N MET F 20 16.33 8.13 3.93
CA MET F 20 15.41 8.08 5.07
C MET F 20 14.39 9.20 5.01
N SER F 21 13.85 9.45 3.82
CA SER F 21 12.89 10.53 3.64
C SER F 21 11.47 10.12 3.97
N SER F 22 11.16 8.82 3.88
CA SER F 22 9.84 8.35 4.25
C SER F 22 9.57 8.51 5.74
N GLU F 23 10.59 8.23 6.56
CA GLU F 23 10.38 8.19 8.01
C GLU F 23 10.67 9.54 8.65
N GLY F 24 11.81 10.13 8.34
CA GLY F 24 12.20 11.37 8.99
C GLY F 24 11.21 12.49 8.75
N ALA F 25 10.33 12.33 7.75
CA ALA F 25 9.34 13.35 7.47
C ALA F 25 8.43 13.57 8.66
N TRP F 26 7.99 12.49 9.32
CA TRP F 26 7.04 12.58 10.40
C TRP F 26 7.55 12.05 11.72
N LYS F 27 8.78 11.51 11.78
CA LYS F 27 9.23 10.91 13.03
C LYS F 27 9.39 11.96 14.14
N HIS F 28 9.74 13.20 13.79
CA HIS F 28 9.83 14.23 14.80
C HIS F 28 8.47 14.53 15.44
N ALA F 29 7.43 14.66 14.61
CA ALA F 29 6.10 14.90 15.13
C ALA F 29 5.60 13.71 15.93
N GLN F 30 5.92 12.49 15.49
CA GLN F 30 5.57 11.31 16.26
C GLN F 30 6.23 11.34 17.63
N ARG F 31 7.51 11.73 17.67
CA ARG F 31 8.22 11.81 18.93
C ARG F 31 7.60 12.86 19.85
N ILE F 32 7.23 14.01 19.30
CA ILE F 32 6.61 15.05 20.14
C ILE F 32 5.26 14.57 20.67
N GLU F 33 4.49 13.87 19.83
CA GLU F 33 3.23 13.33 20.30
C GLU F 33 3.43 12.32 21.42
N THR F 34 4.39 11.42 21.26
CA THR F 34 4.66 10.43 22.31
C THR F 34 5.09 11.11 23.59
N TRP F 35 5.93 12.13 23.50
CA TRP F 35 6.35 12.86 24.68
C TRP F 35 5.16 13.53 25.37
N VAL F 36 4.30 14.18 24.59
CA VAL F 36 3.15 14.87 25.18
C VAL F 36 2.21 13.86 25.84
N LEU F 37 2.08 12.67 25.26
CA LEU F 37 1.24 11.66 25.89
C LEU F 37 1.88 11.10 27.15
N ARG F 38 3.20 10.95 27.16
CA ARG F 38 3.89 10.36 28.29
C ARG F 38 4.12 11.36 29.43
N HIS F 39 3.95 12.65 29.17
CA HIS F 39 4.20 13.70 30.16
C HIS F 39 3.07 14.70 30.12
N PRO F 40 1.86 14.28 30.51
CA PRO F 40 0.72 15.21 30.50
C PRO F 40 0.91 16.40 31.42
N GLY F 41 1.63 16.22 32.53
CA GLY F 41 1.75 17.29 33.50
C GLY F 41 2.36 18.55 32.91
N PHE F 42 3.44 18.40 32.14
CA PHE F 42 4.08 19.58 31.59
C PHE F 42 3.20 20.31 30.59
N THR F 43 2.46 19.55 29.77
CA THR F 43 1.63 20.20 28.75
C THR F 43 0.57 21.09 29.39
N ILE F 44 -0.02 20.66 30.50
CA ILE F 44 -0.98 21.50 31.21
C ILE F 44 -0.32 22.79 31.68
N MET F 45 0.89 22.68 32.25
CA MET F 45 1.59 23.88 32.69
C MET F 45 1.92 24.79 31.52
N ALA F 46 2.31 24.21 30.38
CA ALA F 46 2.60 25.01 29.20
C ALA F 46 1.38 25.75 28.72
N ALA F 47 0.22 25.08 28.69
CA ALA F 47 -1.01 25.75 28.31
C ALA F 47 -1.33 26.89 29.26
N ILE F 48 -1.19 26.65 30.57
CA ILE F 48 -1.50 27.69 31.55
C ILE F 48 -0.56 28.88 31.38
N LEU F 49 0.73 28.62 31.20
CA LEU F 49 1.70 29.69 31.04
C LEU F 49 1.46 30.47 29.75
N ALA F 50 1.15 29.76 28.66
CA ALA F 50 0.86 30.45 27.41
C ALA F 50 -0.37 31.33 27.52
N TYR F 51 -1.41 30.81 28.18
CA TYR F 51 -2.60 31.63 28.41
C TYR F 51 -2.26 32.87 29.22
N THR F 52 -1.43 32.72 30.26
CA THR F 52 -1.06 33.86 31.08
C THR F 52 -0.27 34.89 30.27
N ILE F 53 0.65 34.42 29.43
CA ILE F 53 1.54 35.32 28.71
C ILE F 53 0.88 35.88 27.46
N GLY F 54 0.16 35.05 26.72
CA GLY F 54 -0.39 35.47 25.44
C GLY F 54 -1.57 36.40 25.63
N THR F 55 -1.45 37.65 25.17
CA THR F 55 -2.56 38.59 25.22
C THR F 55 -3.71 38.09 24.34
N THR F 56 -3.45 37.94 23.04
CA THR F 56 -4.47 37.43 22.13
C THR F 56 -4.42 35.91 22.09
N TYR F 57 -5.40 35.32 21.40
CA TYR F 57 -5.42 33.87 21.27
C TYR F 57 -4.39 33.38 20.26
N PHE F 58 -3.98 34.24 19.33
CA PHE F 58 -2.91 33.88 18.42
C PHE F 58 -1.58 33.74 19.15
N GLN F 59 -1.26 34.74 19.99
CA GLN F 59 -0.02 34.67 20.76
C GLN F 59 -0.02 33.48 21.71
N ARG F 60 -1.15 33.21 22.36
CA ARG F 60 -1.21 32.10 23.31
C ARG F 60 -0.98 30.77 22.61
N VAL F 61 -1.65 30.54 21.48
CA VAL F 61 -1.48 29.29 20.76
C VAL F 61 -0.05 29.16 20.24
N LEU F 62 0.51 30.25 19.71
CA LEU F 62 1.88 30.19 19.21
C LEU F 62 2.85 29.85 20.34
N ILE F 63 2.71 30.50 21.49
CA ILE F 63 3.60 30.26 22.61
C ILE F 63 3.45 28.82 23.11
N PHE F 64 2.21 28.34 23.21
CA PHE F 64 1.99 26.98 23.67
C PHE F 64 2.62 25.96 22.72
N ILE F 65 2.44 26.17 21.41
CA ILE F 65 3.01 25.24 20.44
C ILE F 65 4.53 25.26 20.53
N LEU F 66 5.13 26.45 20.62
CA LEU F 66 6.58 26.54 20.72
C LEU F 66 7.08 25.86 21.98
N LEU F 67 6.41 26.09 23.12
CA LEU F 67 6.82 25.50 24.38
C LEU F 67 6.74 23.98 24.33
N THR F 68 5.62 23.44 23.84
CA THR F 68 5.46 21.99 23.83
C THR F 68 6.35 21.34 22.79
N ALA F 69 6.71 22.06 21.73
CA ALA F 69 7.63 21.51 20.74
C ALA F 69 9.07 21.54 21.23
N VAL F 70 9.45 22.55 22.01
CA VAL F 70 10.82 22.65 22.48
C VAL F 70 11.08 21.89 23.78
N ALA F 71 10.03 21.57 24.55
CA ALA F 71 10.24 20.87 25.82
C ALA F 71 10.94 19.54 25.66
N PRO F 72 10.46 18.62 24.81
CA PRO F 72 11.16 17.33 24.68
C PRO F 72 12.48 17.46 23.93
N SER F 73 12.50 18.25 22.85
CA SER F 73 13.67 18.34 21.99
C SER F 73 14.84 19.02 22.70
N MET F 74 14.55 20.04 23.50
CA MET F 74 15.61 20.73 24.22
C MET F 74 16.35 19.77 25.16
N THR F 75 15.70 18.68 25.53
CA THR F 75 16.32 17.65 26.36
C THR F 75 17.60 17.11 25.73
N GLU G 1 -28.02 -29.73 -42.96
CA GLU G 1 -28.13 -31.17 -42.74
C GLU G 1 -27.87 -31.53 -41.29
N VAL G 2 -28.93 -31.56 -40.50
CA VAL G 2 -28.87 -31.90 -39.07
C VAL G 2 -29.36 -33.32 -38.91
N GLN G 3 -28.47 -34.21 -38.49
CA GLN G 3 -28.80 -35.61 -38.27
C GLN G 3 -28.50 -35.98 -36.83
N LEU G 4 -29.47 -36.61 -36.17
CA LEU G 4 -29.31 -37.12 -34.82
C LEU G 4 -29.18 -38.63 -34.89
N VAL G 5 -28.01 -39.13 -34.51
CA VAL G 5 -27.71 -40.56 -34.55
C VAL G 5 -27.84 -41.12 -33.14
N GLU G 6 -28.57 -42.21 -33.00
CA GLU G 6 -28.80 -42.85 -31.72
C GLU G 6 -28.09 -44.19 -31.65
N SER G 7 -27.89 -44.67 -30.43
CA SER G 7 -27.21 -45.93 -30.23
C SER G 7 -28.02 -47.09 -30.80
N GLY G 8 -27.33 -48.20 -31.05
CA GLY G 8 -28.01 -49.37 -31.57
C GLY G 8 -29.05 -49.92 -30.62
N ALA G 9 -29.96 -50.72 -31.17
CA ALA G 9 -31.01 -51.30 -30.36
C ALA G 9 -30.43 -52.21 -29.28
N GLU G 10 -31.10 -52.24 -28.13
CA GLU G 10 -30.62 -53.00 -26.98
C GLU G 10 -31.78 -53.79 -26.36
N VAL G 11 -31.42 -54.89 -25.72
CA VAL G 11 -32.37 -55.72 -24.97
C VAL G 11 -31.75 -56.03 -23.62
N LYS G 12 -32.48 -55.75 -22.55
CA LYS G 12 -31.93 -55.93 -21.21
C LYS G 12 -33.04 -56.37 -20.26
N LYS G 13 -32.62 -56.93 -19.13
CA LYS G 13 -33.55 -57.48 -18.15
C LYS G 13 -34.21 -56.36 -17.36
N PRO G 14 -35.36 -56.66 -16.72
CA PRO G 14 -36.07 -55.59 -15.98
C PRO G 14 -35.22 -54.92 -14.92
N GLY G 15 -34.35 -55.67 -14.26
CA GLY G 15 -33.53 -55.08 -13.20
C GLY G 15 -32.34 -54.29 -13.67
N ALA G 16 -32.14 -54.18 -14.99
CA ALA G 16 -30.98 -53.49 -15.53
C ALA G 16 -31.32 -52.04 -15.88
N SER G 17 -30.30 -51.31 -16.31
CA SER G 17 -30.43 -49.94 -16.78
C SER G 17 -29.81 -49.83 -18.17
N VAL G 18 -30.47 -49.07 -19.05
CA VAL G 18 -30.01 -48.89 -20.43
C VAL G 18 -29.71 -47.42 -20.64
N LYS G 19 -28.54 -47.14 -21.19
CA LYS G 19 -28.12 -45.78 -21.53
C LYS G 19 -28.07 -45.66 -23.05
N VAL G 20 -28.85 -44.73 -23.59
CA VAL G 20 -28.92 -44.49 -25.03
C VAL G 20 -28.42 -43.09 -25.32
N SER G 21 -27.49 -42.98 -26.26
CA SER G 21 -26.93 -41.70 -26.68
C SER G 21 -27.62 -41.20 -27.94
N CYS G 22 -27.50 -39.88 -28.17
CA CYS G 22 -28.04 -39.25 -29.37
C CYS G 22 -27.02 -38.19 -29.82
N LYS G 23 -26.12 -38.60 -30.71
CA LYS G 23 -25.11 -37.69 -31.22
C LYS G 23 -25.74 -36.62 -32.09
N ALA G 24 -25.30 -35.38 -31.90
CA ALA G 24 -25.82 -34.24 -32.63
C ALA G 24 -24.73 -33.69 -33.55
N SER G 25 -25.05 -33.61 -34.84
CA SER G 25 -24.12 -33.09 -35.84
C SER G 25 -24.89 -32.29 -36.88
N GLY G 26 -24.30 -31.18 -37.31
CA GLY G 26 -24.93 -30.29 -38.27
C GLY G 26 -25.45 -29.00 -37.68
N TYR G 27 -25.55 -28.90 -36.36
CA TYR G 27 -25.97 -27.68 -35.70
C TYR G 27 -25.17 -27.52 -34.42
N THR G 28 -25.17 -26.31 -33.88
CA THR G 28 -24.46 -26.04 -32.64
C THR G 28 -25.14 -26.81 -31.52
N PHE G 29 -24.48 -27.87 -31.04
CA PHE G 29 -25.11 -28.75 -30.06
C PHE G 29 -25.39 -28.02 -28.76
N THR G 30 -24.59 -27.02 -28.41
CA THR G 30 -24.73 -26.34 -27.14
C THR G 30 -25.82 -25.28 -27.14
N SER G 31 -26.42 -24.99 -28.30
CA SER G 31 -27.48 -24.00 -28.40
C SER G 31 -28.87 -24.63 -28.51
N TYR G 32 -28.97 -25.94 -28.36
CA TYR G 32 -30.23 -26.64 -28.52
C TYR G 32 -30.47 -27.54 -27.32
N ALA G 33 -31.74 -27.70 -26.96
CA ALA G 33 -32.16 -28.56 -25.87
C ALA G 33 -32.57 -29.92 -26.44
N MET G 34 -31.93 -30.98 -25.96
CA MET G 34 -32.18 -32.33 -26.44
C MET G 34 -33.31 -32.95 -25.62
N HIS G 35 -34.43 -33.21 -26.28
CA HIS G 35 -35.57 -33.87 -25.65
C HIS G 35 -35.48 -35.37 -25.87
N TRP G 36 -36.25 -36.12 -25.09
CA TRP G 36 -36.34 -37.57 -25.21
C TRP G 36 -37.79 -37.97 -25.20
N VAL G 37 -38.25 -38.60 -26.29
CA VAL G 37 -39.63 -39.02 -26.45
C VAL G 37 -39.67 -40.53 -26.55
N ARG G 38 -40.49 -41.15 -25.71
CA ARG G 38 -40.65 -42.61 -25.68
C ARG G 38 -41.96 -43.01 -26.33
N GLN G 39 -41.90 -43.99 -27.23
CA GLN G 39 -43.09 -44.51 -27.89
C GLN G 39 -43.06 -46.03 -27.78
N ALA G 40 -43.96 -46.58 -26.98
CA ALA G 40 -44.07 -48.03 -26.88
C ALA G 40 -44.54 -48.59 -28.22
N PRO G 41 -44.05 -49.77 -28.62
CA PRO G 41 -44.46 -50.34 -29.91
C PRO G 41 -45.97 -50.46 -30.03
N GLY G 42 -46.56 -49.69 -30.94
CA GLY G 42 -48.00 -49.69 -31.11
C GLY G 42 -48.78 -48.83 -30.14
N GLN G 43 -48.15 -47.81 -29.56
CA GLN G 43 -48.82 -46.93 -28.61
C GLN G 43 -48.46 -45.50 -28.92
N ARG G 44 -48.94 -44.59 -28.08
CA ARG G 44 -48.74 -43.17 -28.29
C ARG G 44 -47.37 -42.73 -27.78
N LEU G 45 -46.88 -41.62 -28.33
CA LEU G 45 -45.60 -41.06 -27.93
C LEU G 45 -45.67 -40.56 -26.49
N GLU G 46 -44.51 -40.55 -25.82
CA GLU G 46 -44.43 -40.11 -24.44
C GLU G 46 -43.19 -39.23 -24.26
N TRP G 47 -43.40 -38.02 -23.76
CA TRP G 47 -42.32 -37.08 -23.51
C TRP G 47 -41.70 -37.37 -22.15
N MET G 48 -40.39 -37.62 -22.12
CA MET G 48 -39.70 -37.92 -20.88
C MET G 48 -39.09 -36.67 -20.26
N GLY G 49 -38.33 -35.91 -21.03
CA GLY G 49 -37.74 -34.68 -20.54
C GLY G 49 -36.76 -34.14 -21.54
N TRP G 50 -36.15 -33.02 -21.17
CA TRP G 50 -35.17 -32.35 -22.00
C TRP G 50 -33.94 -31.97 -21.18
N ILE G 51 -32.80 -31.90 -21.85
CA ILE G 51 -31.56 -31.45 -21.24
C ILE G 51 -31.03 -30.26 -22.05
N ASN G 52 -30.74 -29.17 -21.36
CA ASN G 52 -30.14 -28.00 -22.00
C ASN G 52 -28.67 -28.30 -22.21
N ALA G 53 -28.28 -28.61 -23.44
CA ALA G 53 -26.89 -28.89 -23.74
C ALA G 53 -26.01 -27.69 -23.44
N GLY G 54 -26.57 -26.48 -23.53
CA GLY G 54 -25.77 -25.29 -23.27
C GLY G 54 -25.29 -25.19 -21.84
N ASN G 55 -26.17 -25.45 -20.87
CA ASN G 55 -25.82 -25.34 -19.47
C ASN G 55 -26.18 -26.58 -18.66
N GLY G 56 -26.50 -27.69 -19.30
CA GLY G 56 -26.70 -28.95 -18.60
C GLY G 56 -27.95 -29.04 -17.76
N ASN G 57 -28.81 -28.03 -17.77
CA ASN G 57 -30.05 -28.11 -17.02
C ASN G 57 -30.99 -29.12 -17.65
N THR G 58 -31.68 -29.88 -16.80
CA THR G 58 -32.56 -30.95 -17.27
C THR G 58 -33.96 -30.77 -16.72
N LYS G 59 -34.92 -31.38 -17.39
CA LYS G 59 -36.29 -31.48 -16.90
C LYS G 59 -36.80 -32.88 -17.19
N TYR G 60 -37.71 -33.35 -16.36
CA TYR G 60 -38.23 -34.71 -16.45
C TYR G 60 -39.74 -34.70 -16.24
N SER G 61 -40.41 -35.68 -16.83
CA SER G 61 -41.82 -35.88 -16.56
C SER G 61 -41.98 -36.56 -15.21
N GLN G 62 -43.12 -36.29 -14.55
CA GLN G 62 -43.36 -36.92 -13.27
C GLN G 62 -43.38 -38.43 -13.39
N LYS G 63 -43.64 -38.96 -14.59
CA LYS G 63 -43.59 -40.40 -14.80
C LYS G 63 -42.16 -40.93 -14.67
N PHE G 64 -41.19 -40.19 -15.20
CA PHE G 64 -39.79 -40.63 -15.19
C PHE G 64 -38.90 -39.72 -14.34
N GLN G 65 -39.49 -38.85 -13.51
CA GLN G 65 -38.69 -37.90 -12.76
C GLN G 65 -37.65 -38.60 -11.89
N ASP G 66 -37.96 -39.79 -11.37
CA ASP G 66 -37.06 -40.51 -10.48
C ASP G 66 -36.27 -41.63 -11.16
N ARG G 67 -36.76 -42.16 -12.28
CA ARG G 67 -36.13 -43.30 -12.92
C ARG G 67 -35.38 -42.93 -14.20
N VAL G 68 -35.19 -41.65 -14.46
CA VAL G 68 -34.59 -41.19 -15.71
C VAL G 68 -33.55 -40.12 -15.41
N THR G 69 -32.42 -40.19 -16.12
CA THR G 69 -31.37 -39.19 -16.03
C THR G 69 -30.87 -38.88 -17.44
N ILE G 70 -30.78 -37.59 -17.76
CA ILE G 70 -30.33 -37.14 -19.07
C ILE G 70 -29.05 -36.33 -18.88
N THR G 71 -28.02 -36.68 -19.65
CA THR G 71 -26.75 -35.99 -19.62
C THR G 71 -26.28 -35.73 -21.04
N ARG G 72 -25.52 -34.65 -21.22
CA ARG G 72 -24.98 -34.29 -22.52
C ARG G 72 -23.48 -34.08 -22.41
N ASP G 73 -22.76 -34.45 -23.47
CA ASP G 73 -21.32 -34.20 -23.60
C ASP G 73 -21.15 -33.00 -24.52
N THR G 74 -20.81 -31.85 -23.94
CA THR G 74 -20.60 -30.66 -24.76
C THR G 74 -19.46 -30.88 -25.75
N SER G 75 -18.35 -31.48 -25.30
CA SER G 75 -17.25 -31.77 -26.20
C SER G 75 -17.60 -32.87 -27.18
N ALA G 76 -18.30 -33.91 -26.71
CA ALA G 76 -18.69 -35.02 -27.57
C ALA G 76 -19.91 -34.71 -28.41
N SER G 77 -20.62 -33.62 -28.13
CA SER G 77 -21.80 -33.22 -28.91
C SER G 77 -22.84 -34.33 -28.93
N THR G 78 -22.99 -35.03 -27.81
CA THR G 78 -23.98 -36.08 -27.66
C THR G 78 -24.72 -35.90 -26.34
N ALA G 79 -26.00 -36.27 -26.34
CA ALA G 79 -26.83 -36.21 -25.15
C ALA G 79 -27.24 -37.64 -24.78
N TYR G 80 -27.06 -37.97 -23.50
CA TYR G 80 -27.32 -39.31 -22.99
C TYR G 80 -28.64 -39.34 -22.23
N MET G 81 -29.28 -40.50 -22.24
CA MET G 81 -30.48 -40.73 -21.45
C MET G 81 -30.42 -42.16 -20.95
N GLU G 82 -30.24 -42.35 -19.65
CA GLU G 82 -30.22 -43.67 -19.04
C GLU G 82 -31.51 -43.88 -18.25
N LEU G 83 -32.10 -45.06 -18.40
CA LEU G 83 -33.33 -45.43 -17.70
C LEU G 83 -33.03 -46.66 -16.86
N SER G 84 -33.14 -46.52 -15.54
CA SER G 84 -32.88 -47.60 -14.62
C SER G 84 -34.19 -48.28 -14.22
N SER G 85 -34.09 -49.32 -13.40
CA SER G 85 -35.25 -50.05 -12.88
C SER G 85 -36.22 -50.38 -14.00
N LEU G 86 -35.70 -51.09 -15.00
CA LEU G 86 -36.47 -51.37 -16.20
C LEU G 86 -37.65 -52.29 -15.88
N ARG G 87 -38.58 -52.37 -16.84
CA ARG G 87 -39.74 -53.23 -16.71
C ARG G 87 -40.16 -53.66 -18.11
N SER G 88 -40.91 -54.76 -18.17
CA SER G 88 -41.41 -55.22 -19.46
C SER G 88 -42.29 -54.17 -20.11
N GLU G 89 -43.14 -53.51 -19.31
CA GLU G 89 -43.94 -52.40 -19.81
C GLU G 89 -43.08 -51.25 -20.29
N ASP G 90 -41.81 -51.22 -19.89
CA ASP G 90 -40.90 -50.15 -20.29
C ASP G 90 -40.38 -50.29 -21.71
N THR G 91 -40.66 -51.41 -22.38
CA THR G 91 -40.19 -51.60 -23.75
C THR G 91 -40.85 -50.60 -24.68
N ALA G 92 -40.04 -49.91 -25.47
CA ALA G 92 -40.54 -48.88 -26.38
C ALA G 92 -39.37 -48.35 -27.20
N ILE G 93 -39.70 -47.56 -28.21
CA ILE G 93 -38.71 -46.88 -29.03
C ILE G 93 -38.44 -45.51 -28.43
N TYR G 94 -37.18 -45.19 -28.22
CA TYR G 94 -36.76 -43.93 -27.61
C TYR G 94 -36.14 -43.04 -28.68
N TYR G 95 -36.80 -41.94 -29.00
CA TYR G 95 -36.30 -40.94 -29.92
C TYR G 95 -35.69 -39.77 -29.16
N CYS G 96 -34.92 -38.95 -29.88
CA CYS G 96 -34.34 -37.73 -29.33
C CYS G 96 -34.74 -36.57 -30.24
N ALA G 97 -35.74 -35.81 -29.81
CA ALA G 97 -36.18 -34.63 -30.55
C ALA G 97 -35.32 -33.42 -30.16
N ARG G 98 -35.42 -32.36 -30.96
CA ARG G 98 -34.54 -31.21 -30.81
C ARG G 98 -35.36 -29.93 -30.70
N ASP G 99 -34.89 -29.00 -29.87
CA ASP G 99 -35.49 -27.68 -29.76
C ASP G 99 -34.41 -26.69 -29.37
N LYS G 100 -34.63 -25.43 -29.70
CA LYS G 100 -33.63 -24.38 -29.55
C LYS G 100 -33.93 -23.49 -28.35
N VAL G 101 -32.90 -23.19 -27.57
CA VAL G 101 -33.00 -22.28 -26.43
C VAL G 101 -32.88 -20.85 -26.94
N ASP G 102 -33.19 -19.87 -26.08
CA ASP G 102 -33.21 -18.47 -26.48
C ASP G 102 -31.79 -17.91 -26.56
N ASP G 103 -31.68 -16.61 -26.80
CA ASP G 103 -30.38 -15.96 -26.96
C ASP G 103 -29.64 -15.76 -25.64
N TYR G 104 -30.30 -15.97 -24.51
CA TYR G 104 -29.64 -15.88 -23.21
C TYR G 104 -29.21 -17.24 -22.69
N GLY G 105 -29.35 -18.29 -23.48
CA GLY G 105 -28.86 -19.61 -23.13
C GLY G 105 -29.74 -20.42 -22.22
N ASP G 106 -30.87 -19.88 -21.77
CA ASP G 106 -31.77 -20.59 -20.88
C ASP G 106 -32.95 -21.14 -21.66
N TYR G 107 -33.42 -22.32 -21.27
CA TYR G 107 -34.52 -22.99 -21.96
C TYR G 107 -35.80 -22.80 -21.16
N TRP G 108 -36.43 -21.64 -21.35
CA TRP G 108 -37.65 -21.28 -20.64
C TRP G 108 -38.89 -21.54 -21.49
N PHE G 109 -38.96 -20.91 -22.66
CA PHE G 109 -40.07 -21.07 -23.59
C PHE G 109 -39.60 -21.78 -24.83
N PRO G 110 -40.12 -22.96 -25.15
CA PRO G 110 -39.69 -23.64 -26.38
C PRO G 110 -40.10 -22.87 -27.62
N THR G 111 -39.33 -23.04 -28.68
CA THR G 111 -39.73 -22.51 -29.97
C THR G 111 -40.98 -23.24 -30.46
N LEU G 112 -41.79 -22.53 -31.25
CA LEU G 112 -43.01 -23.14 -31.73
C LEU G 112 -42.74 -24.31 -32.65
N TRP G 113 -41.59 -24.31 -33.33
CA TRP G 113 -41.17 -25.43 -34.17
C TRP G 113 -40.28 -26.41 -33.41
N TYR G 114 -40.75 -26.87 -32.25
CA TYR G 114 -39.99 -27.85 -31.49
C TYR G 114 -40.14 -29.24 -32.10
N PHE G 115 -39.16 -30.10 -31.82
CA PHE G 115 -39.16 -31.48 -32.27
C PHE G 115 -39.17 -31.56 -33.80
N ASP G 116 -38.64 -30.53 -34.46
CA ASP G 116 -38.59 -30.55 -35.92
C ASP G 116 -37.71 -31.67 -36.44
N TYR G 117 -36.66 -32.00 -35.69
CA TYR G 117 -35.74 -33.07 -36.05
C TYR G 117 -35.71 -34.10 -34.94
N TRP G 118 -35.95 -35.37 -35.30
CA TRP G 118 -35.96 -36.48 -34.36
C TRP G 118 -34.76 -37.37 -34.64
N GLY G 119 -34.55 -38.34 -33.75
CA GLY G 119 -33.62 -39.40 -34.01
C GLY G 119 -34.25 -40.52 -34.81
N GLN G 120 -33.43 -41.49 -35.21
CA GLN G 120 -33.94 -42.63 -35.96
C GLN G 120 -34.74 -43.57 -35.07
N GLY G 121 -34.73 -43.35 -33.76
CA GLY G 121 -35.44 -44.22 -32.84
C GLY G 121 -34.59 -45.36 -32.36
N THR G 122 -34.44 -45.50 -31.04
CA THR G 122 -33.67 -46.58 -30.45
C THR G 122 -34.63 -47.55 -29.78
N LEU G 123 -34.45 -48.84 -30.03
CA LEU G 123 -35.35 -49.85 -29.51
C LEU G 123 -34.80 -50.44 -28.22
N VAL G 124 -35.63 -50.47 -27.19
CA VAL G 124 -35.29 -51.04 -25.90
C VAL G 124 -36.30 -52.12 -25.57
N THR G 125 -35.80 -53.32 -25.23
CA THR G 125 -36.64 -54.45 -24.88
C THR G 125 -36.36 -54.86 -23.44
N VAL G 126 -37.39 -55.38 -22.78
CA VAL G 126 -37.24 -55.88 -21.41
C VAL G 126 -38.09 -57.13 -21.23
N SER H 1 -46.30 -36.06 -19.07
CA SER H 1 -47.29 -36.38 -18.06
C SER H 1 -48.65 -35.76 -18.40
N GLN H 2 -49.23 -35.07 -17.42
CA GLN H 2 -50.53 -34.41 -17.60
C GLN H 2 -51.52 -35.46 -18.10
N SER H 3 -52.47 -35.10 -18.96
CA SER H 3 -53.38 -36.05 -19.57
C SER H 3 -53.20 -35.99 -21.08
N ALA H 4 -52.91 -37.13 -21.69
CA ALA H 4 -52.67 -37.17 -23.12
C ALA H 4 -53.86 -36.60 -23.89
N LEU H 5 -53.56 -35.82 -24.92
CA LEU H 5 -54.61 -35.29 -25.77
C LEU H 5 -55.38 -36.43 -26.42
N THR H 6 -56.70 -36.26 -26.52
CA THR H 6 -57.58 -37.30 -27.03
C THR H 6 -57.97 -37.00 -28.47
N GLN H 7 -57.57 -37.88 -29.37
CA GLN H 7 -57.93 -37.81 -30.79
C GLN H 7 -58.51 -39.15 -31.22
N PRO H 8 -59.24 -39.17 -32.34
CA PRO H 8 -59.87 -40.42 -32.77
C PRO H 8 -58.83 -41.51 -33.01
N ALA H 9 -59.20 -42.75 -32.69
CA ALA H 9 -58.27 -43.86 -32.83
C ALA H 9 -57.80 -44.02 -34.27
N SER H 10 -58.72 -43.89 -35.23
CA SER H 10 -58.39 -44.05 -36.63
C SER H 10 -59.27 -43.14 -37.47
N VAL H 11 -58.81 -42.86 -38.68
CA VAL H 11 -59.55 -42.04 -39.63
C VAL H 11 -59.31 -42.60 -41.03
N SER H 12 -60.35 -42.58 -41.86
CA SER H 12 -60.26 -43.02 -43.24
C SER H 12 -61.01 -42.05 -44.14
N GLY H 13 -60.56 -41.96 -45.39
CA GLY H 13 -61.18 -41.05 -46.34
C GLY H 13 -60.79 -41.35 -47.77
N SER H 14 -61.75 -41.30 -48.68
CA SER H 14 -61.50 -41.64 -50.06
C SER H 14 -60.40 -40.74 -50.63
N PRO H 15 -59.56 -41.27 -51.52
CA PRO H 15 -58.43 -40.48 -52.03
C PRO H 15 -58.91 -39.19 -52.69
N GLY H 16 -58.16 -38.12 -52.44
CA GLY H 16 -58.48 -36.82 -52.98
C GLY H 16 -59.48 -36.01 -52.17
N GLN H 17 -60.08 -36.60 -51.14
CA GLN H 17 -61.08 -35.92 -50.34
C GLN H 17 -60.43 -35.11 -49.22
N SER H 18 -61.27 -34.41 -48.46
CA SER H 18 -60.82 -33.61 -47.32
C SER H 18 -61.18 -34.34 -46.04
N ILE H 19 -60.18 -34.63 -45.21
CA ILE H 19 -60.38 -35.33 -43.96
C ILE H 19 -59.67 -34.57 -42.85
N THR H 20 -60.36 -34.38 -41.73
CA THR H 20 -59.85 -33.62 -40.60
C THR H 20 -59.66 -34.53 -39.40
N ILE H 21 -58.70 -34.18 -38.55
CA ILE H 21 -58.43 -34.91 -37.31
C ILE H 21 -58.50 -33.94 -36.15
N SER H 22 -59.22 -34.32 -35.10
CA SER H 22 -59.35 -33.50 -33.91
C SER H 22 -58.25 -33.81 -32.91
N CYS H 23 -58.05 -32.86 -31.99
CA CYS H 23 -57.04 -33.01 -30.94
C CYS H 23 -57.55 -32.23 -29.74
N THR H 24 -58.12 -32.94 -28.76
CA THR H 24 -58.80 -32.31 -27.63
C THR H 24 -57.87 -32.27 -26.44
N GLY H 25 -57.67 -31.07 -25.89
CA GLY H 25 -56.88 -30.90 -24.69
C GLY H 25 -57.59 -29.97 -23.71
N THR H 26 -56.98 -29.83 -22.54
CA THR H 26 -57.53 -28.98 -21.50
C THR H 26 -57.22 -27.52 -21.82
N SER H 27 -57.51 -26.64 -20.87
CA SER H 27 -57.22 -25.22 -21.01
C SER H 27 -55.78 -24.88 -20.65
N SER H 28 -54.98 -25.86 -20.25
CA SER H 28 -53.60 -25.63 -19.85
C SER H 28 -52.59 -26.00 -20.92
N ASP H 29 -52.94 -26.90 -21.85
CA ASP H 29 -52.02 -27.33 -22.89
C ASP H 29 -52.47 -26.90 -24.28
N VAL H 30 -53.67 -27.27 -24.69
CA VAL H 30 -54.15 -26.95 -26.03
C VAL H 30 -54.95 -25.65 -26.03
N GLY H 31 -55.88 -25.52 -25.10
CA GLY H 31 -56.65 -24.29 -25.03
C GLY H 31 -55.81 -23.09 -24.60
N GLY H 32 -54.88 -23.31 -23.67
CA GLY H 32 -54.15 -22.20 -23.08
C GLY H 32 -53.26 -21.47 -24.07
N PHE H 33 -52.50 -22.22 -24.87
CA PHE H 33 -51.47 -21.59 -25.70
C PHE H 33 -51.54 -22.07 -27.15
N ASN H 34 -50.55 -21.70 -27.94
CA ASN H 34 -50.48 -22.04 -29.35
C ASN H 34 -49.33 -23.00 -29.65
N TYR H 35 -48.85 -23.72 -28.64
CA TYR H 35 -47.80 -24.72 -28.85
C TYR H 35 -48.39 -26.04 -29.32
N VAL H 36 -49.22 -25.99 -30.36
CA VAL H 36 -49.90 -27.18 -30.86
C VAL H 36 -49.23 -27.57 -32.17
N SER H 37 -48.56 -28.72 -32.17
CA SER H 37 -47.81 -29.20 -33.31
C SER H 37 -48.29 -30.59 -33.69
N TRP H 38 -48.38 -30.86 -34.98
CA TRP H 38 -48.81 -32.14 -35.50
C TRP H 38 -47.60 -32.88 -36.08
N PHE H 39 -47.56 -34.19 -35.84
CA PHE H 39 -46.47 -35.04 -36.29
C PHE H 39 -47.03 -36.19 -37.12
N GLN H 40 -46.32 -36.52 -38.20
CA GLN H 40 -46.69 -37.63 -39.06
C GLN H 40 -45.71 -38.77 -38.82
N GLN H 41 -46.23 -39.92 -38.39
CA GLN H 41 -45.40 -41.07 -38.01
C GLN H 41 -45.68 -42.21 -38.98
N HIS H 42 -44.77 -42.42 -39.92
CA HIS H 42 -44.83 -43.62 -40.75
C HIS H 42 -44.25 -44.80 -39.98
N PRO H 43 -44.67 -46.03 -40.32
CA PRO H 43 -44.17 -47.19 -39.59
C PRO H 43 -42.65 -47.30 -39.69
N GLY H 44 -42.01 -47.57 -38.57
CA GLY H 44 -40.58 -47.74 -38.53
C GLY H 44 -39.76 -46.48 -38.77
N LYS H 45 -40.41 -45.31 -38.83
CA LYS H 45 -39.71 -44.07 -39.07
C LYS H 45 -40.03 -43.07 -37.96
N ALA H 46 -39.08 -42.18 -37.71
CA ALA H 46 -39.25 -41.17 -36.68
C ALA H 46 -40.37 -40.21 -37.06
N PRO H 47 -41.08 -39.67 -36.08
CA PRO H 47 -42.15 -38.71 -36.38
C PRO H 47 -41.60 -37.50 -37.13
N LYS H 48 -42.41 -36.99 -38.06
CA LYS H 48 -42.07 -35.81 -38.84
C LYS H 48 -43.02 -34.68 -38.48
N LEU H 49 -42.47 -33.51 -38.19
CA LEU H 49 -43.30 -32.36 -37.85
C LEU H 49 -44.01 -31.86 -39.09
N MET H 50 -45.34 -31.86 -39.06
CA MET H 50 -46.14 -31.37 -40.18
C MET H 50 -46.74 -29.99 -39.92
N LEU H 51 -47.15 -29.72 -38.69
CA LEU H 51 -47.74 -28.43 -38.33
C LEU H 51 -47.21 -27.96 -36.99
N TYR H 52 -46.94 -26.68 -36.88
CA TYR H 52 -46.55 -26.06 -35.62
C TYR H 52 -47.23 -24.70 -35.52
N ASP H 53 -47.37 -24.20 -34.29
CA ASP H 53 -48.12 -22.97 -34.04
C ASP H 53 -49.56 -23.10 -34.50
N VAL H 54 -50.10 -24.32 -34.43
CA VAL H 54 -51.47 -24.62 -34.82
C VAL H 54 -51.55 -24.75 -36.34
N THR H 55 -51.30 -23.67 -37.06
CA THR H 55 -51.48 -23.63 -38.50
C THR H 55 -50.18 -23.69 -39.29
N SER H 56 -49.08 -23.21 -38.72
CA SER H 56 -47.82 -23.19 -39.44
C SER H 56 -47.35 -24.61 -39.76
N ARG H 57 -46.59 -24.73 -40.84
CA ARG H 57 -45.97 -25.98 -41.22
C ARG H 57 -44.52 -25.77 -41.60
N PRO H 58 -43.66 -26.71 -41.29
CA PRO H 58 -42.23 -26.55 -41.59
C PRO H 58 -41.96 -26.58 -43.08
N SER H 59 -40.83 -25.97 -43.45
CA SER H 59 -40.42 -25.95 -44.85
C SER H 59 -40.31 -27.37 -45.40
N GLY H 60 -40.88 -27.58 -46.58
CA GLY H 60 -40.87 -28.88 -47.21
C GLY H 60 -42.10 -29.72 -46.95
N VAL H 61 -43.13 -29.18 -46.32
CA VAL H 61 -44.37 -29.89 -46.03
C VAL H 61 -45.44 -29.36 -46.97
N SER H 62 -46.23 -30.28 -47.52
CA SER H 62 -47.25 -29.90 -48.50
C SER H 62 -48.29 -28.99 -47.87
N SER H 63 -48.82 -28.07 -48.67
CA SER H 63 -49.86 -27.17 -48.21
C SER H 63 -51.18 -27.89 -47.97
N ARG H 64 -51.31 -29.14 -48.41
CA ARG H 64 -52.53 -29.89 -48.12
C ARG H 64 -52.73 -30.09 -46.63
N PHE H 65 -51.64 -30.04 -45.85
CA PHE H 65 -51.73 -30.16 -44.41
C PHE H 65 -51.96 -28.78 -43.81
N SER H 66 -53.13 -28.58 -43.22
CA SER H 66 -53.49 -27.30 -42.60
C SER H 66 -54.02 -27.57 -41.20
N GLY H 67 -53.83 -26.59 -40.31
CA GLY H 67 -54.24 -26.73 -38.93
C GLY H 67 -55.14 -25.59 -38.51
N SER H 68 -55.96 -25.88 -37.50
CA SER H 68 -56.85 -24.89 -36.92
C SER H 68 -57.09 -25.24 -35.46
N LYS H 69 -57.50 -24.23 -34.70
CA LYS H 69 -57.78 -24.39 -33.28
C LYS H 69 -59.11 -23.75 -32.95
N SER H 70 -59.81 -24.31 -31.96
CA SER H 70 -61.09 -23.77 -31.49
C SER H 70 -61.24 -24.14 -30.02
N GLY H 71 -61.14 -23.15 -29.14
CA GLY H 71 -61.27 -23.42 -27.72
C GLY H 71 -60.21 -24.39 -27.26
N ASN H 72 -60.63 -25.53 -26.72
CA ASN H 72 -59.73 -26.55 -26.22
C ASN H 72 -59.47 -27.67 -27.22
N THR H 73 -59.92 -27.50 -28.47
CA THR H 73 -59.81 -28.54 -29.48
C THR H 73 -58.99 -28.02 -30.65
N ALA H 74 -58.05 -28.83 -31.12
CA ALA H 74 -57.25 -28.54 -32.29
C ALA H 74 -57.57 -29.54 -33.39
N SER H 75 -57.70 -29.04 -34.61
CA SER H 75 -58.09 -29.86 -35.75
C SER H 75 -56.98 -29.84 -36.81
N LEU H 76 -56.70 -31.02 -37.37
CA LEU H 76 -55.75 -31.17 -38.45
C LEU H 76 -56.51 -31.56 -39.71
N THR H 77 -56.32 -30.79 -40.78
CA THR H 77 -57.00 -31.03 -42.05
C THR H 77 -56.00 -31.38 -43.12
N ILE H 78 -56.36 -32.34 -43.98
CA ILE H 78 -55.58 -32.72 -45.14
C ILE H 78 -56.45 -32.56 -46.37
N SER H 79 -55.93 -31.89 -47.39
CA SER H 79 -56.61 -31.73 -48.66
C SER H 79 -56.02 -32.70 -49.68
N GLY H 80 -56.88 -33.33 -50.46
CA GLY H 80 -56.44 -34.27 -51.46
C GLY H 80 -55.69 -35.46 -50.89
N LEU H 81 -56.40 -36.32 -50.16
CA LEU H 81 -55.76 -37.48 -49.55
C LEU H 81 -55.04 -38.30 -50.62
N GLN H 82 -53.79 -38.64 -50.34
CA GLN H 82 -52.95 -39.38 -51.27
C GLN H 82 -52.54 -40.72 -50.65
N ALA H 83 -51.83 -41.51 -51.43
CA ALA H 83 -51.33 -42.80 -50.94
C ALA H 83 -50.20 -42.63 -49.92
N GLU H 84 -49.53 -41.48 -49.92
CA GLU H 84 -48.47 -41.25 -48.94
C GLU H 84 -49.02 -40.93 -47.56
N ASP H 85 -50.29 -40.55 -47.48
CA ASP H 85 -50.89 -40.09 -46.23
C ASP H 85 -51.50 -41.27 -45.45
N GLU H 86 -50.67 -42.28 -45.23
CA GLU H 86 -51.07 -43.51 -44.54
C GLU H 86 -50.18 -43.75 -43.33
N ALA H 87 -49.92 -42.70 -42.56
CA ALA H 87 -49.12 -42.79 -41.35
C ALA H 87 -49.96 -42.45 -40.13
N ASP H 88 -49.35 -42.60 -38.96
CA ASP H 88 -50.01 -42.24 -37.72
C ASP H 88 -49.80 -40.76 -37.43
N TYR H 89 -50.88 -40.05 -37.15
CA TYR H 89 -50.84 -38.62 -36.88
C TYR H 89 -51.00 -38.40 -35.38
N TYR H 90 -50.02 -37.74 -34.78
CA TYR H 90 -50.00 -37.46 -33.35
C TYR H 90 -49.97 -35.96 -33.13
N CYS H 91 -50.84 -35.47 -32.25
CA CYS H 91 -50.85 -34.07 -31.87
C CYS H 91 -50.17 -33.91 -30.52
N SER H 92 -49.30 -32.92 -30.41
CA SER H 92 -48.58 -32.63 -29.19
C SER H 92 -48.84 -31.20 -28.78
N SER H 93 -48.64 -30.92 -27.49
CA SER H 93 -48.80 -29.57 -26.98
C SER H 93 -47.76 -29.33 -25.89
N HIS H 94 -47.43 -28.05 -25.70
CA HIS H 94 -46.58 -27.63 -24.59
C HIS H 94 -47.48 -27.12 -23.48
N THR H 95 -47.54 -27.87 -22.38
CA THR H 95 -48.42 -27.52 -21.28
C THR H 95 -47.93 -26.28 -20.56
N SER H 96 -48.86 -25.56 -19.94
CA SER H 96 -48.49 -24.40 -19.15
C SER H 96 -47.58 -24.79 -18.00
N ARG H 97 -47.69 -26.02 -17.52
CA ARG H 97 -46.86 -26.54 -16.45
C ARG H 97 -45.42 -26.75 -16.87
N GLY H 98 -45.11 -26.65 -18.16
CA GLY H 98 -43.75 -26.74 -18.64
C GLY H 98 -43.33 -28.08 -19.20
N THR H 99 -44.28 -28.95 -19.55
CA THR H 99 -43.98 -30.25 -20.11
C THR H 99 -44.59 -30.37 -21.50
N TRP H 100 -44.51 -31.58 -22.07
CA TRP H 100 -45.08 -31.86 -23.39
C TRP H 100 -46.02 -33.05 -23.28
N VAL H 101 -47.15 -32.96 -23.98
CA VAL H 101 -48.17 -33.99 -23.98
C VAL H 101 -48.48 -34.35 -25.43
N PHE H 102 -48.60 -35.64 -25.70
CA PHE H 102 -48.88 -36.14 -27.04
C PHE H 102 -50.27 -36.77 -27.07
N GLY H 103 -50.95 -36.61 -28.19
CA GLY H 103 -52.25 -37.22 -28.37
C GLY H 103 -52.15 -38.72 -28.51
N GLY H 104 -53.30 -39.38 -28.40
CA GLY H 104 -53.32 -40.83 -28.49
C GLY H 104 -52.77 -41.35 -29.80
N GLY H 105 -53.15 -40.72 -30.91
CA GLY H 105 -52.66 -41.14 -32.21
C GLY H 105 -53.77 -41.57 -33.14
N THR H 106 -53.96 -40.85 -34.23
CA THR H 106 -54.97 -41.16 -35.23
C THR H 106 -54.29 -41.77 -36.45
N LYS H 107 -54.76 -42.93 -36.87
CA LYS H 107 -54.21 -43.63 -38.03
C LYS H 107 -55.13 -43.37 -39.22
N LEU H 108 -54.69 -42.50 -40.13
CA LEU H 108 -55.48 -42.18 -41.29
C LEU H 108 -55.29 -43.23 -42.38
N THR H 109 -56.40 -43.76 -42.89
CA THR H 109 -56.39 -44.77 -43.94
C THR H 109 -56.98 -44.17 -45.21
N VAL H 110 -56.21 -44.22 -46.30
CA VAL H 110 -56.69 -43.64 -47.56
C VAL H 110 -57.84 -44.45 -48.12
N LEU H 111 -57.70 -45.78 -48.15
CA LEU H 111 -58.78 -46.63 -48.63
C LEU H 111 -58.53 -48.09 -48.28
N GLU I 1 30.74 -8.56 -33.21
CA GLU I 1 29.95 -9.69 -33.67
C GLU I 1 29.05 -10.23 -32.56
N VAL I 2 29.44 -9.94 -31.31
CA VAL I 2 28.69 -10.40 -30.15
C VAL I 2 28.63 -11.92 -30.14
N GLN I 3 29.77 -12.54 -29.85
CA GLN I 3 29.86 -13.99 -29.73
C GLN I 3 30.12 -14.38 -28.29
N LEU I 4 29.41 -15.41 -27.83
CA LEU I 4 29.58 -15.94 -26.48
C LEU I 4 30.15 -17.34 -26.57
N VAL I 5 31.28 -17.56 -25.89
CA VAL I 5 32.00 -18.82 -25.95
C VAL I 5 32.16 -19.36 -24.54
N GLU I 6 31.89 -20.65 -24.37
CA GLU I 6 31.97 -21.32 -23.07
C GLU I 6 33.06 -22.37 -23.09
N SER I 7 33.50 -22.75 -21.89
CA SER I 7 34.54 -23.76 -21.76
C SER I 7 34.08 -25.07 -22.41
N GLY I 8 35.03 -25.99 -22.57
CA GLY I 8 34.74 -27.25 -23.21
C GLY I 8 34.02 -28.22 -22.30
N ALA I 9 33.58 -29.33 -22.90
CA ALA I 9 32.88 -30.36 -22.15
C ALA I 9 33.80 -30.96 -21.10
N GLU I 10 33.20 -31.46 -20.01
CA GLU I 10 33.95 -32.01 -18.91
C GLU I 10 33.22 -33.23 -18.35
N VAL I 11 33.99 -34.15 -17.79
CA VAL I 11 33.47 -35.35 -17.16
C VAL I 11 33.82 -35.30 -15.68
N LYS I 12 32.80 -35.39 -14.84
CA LYS I 12 32.97 -35.33 -13.39
C LYS I 12 32.25 -36.51 -12.75
N LYS I 13 32.59 -36.79 -11.50
CA LYS I 13 31.94 -37.90 -10.82
C LYS I 13 30.95 -37.38 -9.79
N PRO I 14 29.92 -38.16 -9.47
CA PRO I 14 28.92 -37.69 -8.51
C PRO I 14 29.56 -37.32 -7.18
N GLY I 15 29.11 -36.21 -6.61
CA GLY I 15 29.70 -35.65 -5.42
C GLY I 15 30.80 -34.66 -5.66
N ALA I 16 31.23 -34.47 -6.91
CA ALA I 16 32.28 -33.51 -7.23
C ALA I 16 31.64 -32.15 -7.53
N SER I 17 32.45 -31.22 -8.04
CA SER I 17 31.98 -29.90 -8.43
C SER I 17 32.57 -29.55 -9.79
N VAL I 18 31.83 -28.75 -10.56
CA VAL I 18 32.22 -28.37 -11.90
C VAL I 18 32.07 -26.85 -12.06
N LYS I 19 33.07 -26.23 -12.66
CA LYS I 19 33.02 -24.81 -13.00
C LYS I 19 33.00 -24.66 -14.51
N VAL I 20 32.03 -23.88 -15.01
CA VAL I 20 31.89 -23.62 -16.44
C VAL I 20 32.02 -22.12 -16.65
N SER I 21 32.70 -21.73 -17.72
CA SER I 21 32.94 -20.34 -18.03
C SER I 21 32.28 -19.98 -19.37
N CYS I 22 31.96 -18.69 -19.52
CA CYS I 22 31.36 -18.17 -20.74
C CYS I 22 32.05 -16.85 -21.06
N LYS I 23 32.86 -16.84 -22.11
CA LYS I 23 33.62 -15.65 -22.50
C LYS I 23 32.78 -14.80 -23.45
N ALA I 24 32.59 -13.53 -23.09
CA ALA I 24 31.78 -12.61 -23.87
C ALA I 24 32.67 -11.64 -24.62
N SER I 25 32.41 -11.49 -25.91
CA SER I 25 33.16 -10.55 -26.74
C SER I 25 32.20 -9.83 -27.68
N GLY I 26 32.69 -8.74 -28.27
CA GLY I 26 31.89 -7.98 -29.20
C GLY I 26 30.95 -6.98 -28.56
N TYR I 27 30.86 -6.94 -27.24
CA TYR I 27 30.00 -6.00 -26.55
C TYR I 27 30.58 -5.68 -25.19
N THR I 28 30.14 -4.58 -24.62
CA THR I 28 30.56 -4.20 -23.27
C THR I 28 30.10 -5.27 -22.28
N PHE I 29 31.04 -6.02 -21.71
CA PHE I 29 30.68 -7.11 -20.81
C PHE I 29 29.93 -6.59 -19.60
N THR I 30 30.33 -5.43 -19.08
CA THR I 30 29.72 -4.89 -17.86
C THR I 30 28.29 -4.40 -18.09
N SER I 31 27.90 -4.14 -19.33
CA SER I 31 26.58 -3.59 -19.61
C SER I 31 25.48 -4.64 -19.62
N TYR I 32 25.81 -5.92 -19.64
CA TYR I 32 24.83 -6.99 -19.73
C TYR I 32 24.94 -7.92 -18.55
N ALA I 33 23.81 -8.52 -18.19
CA ALA I 33 23.78 -9.58 -17.20
C ALA I 33 23.90 -10.93 -17.87
N MET I 34 24.56 -11.86 -17.19
CA MET I 34 24.83 -13.18 -17.74
C MET I 34 23.92 -14.20 -17.08
N HIS I 35 23.18 -14.94 -17.91
CA HIS I 35 22.28 -15.97 -17.42
C HIS I 35 22.84 -17.35 -17.74
N TRP I 36 22.61 -18.29 -16.83
CA TRP I 36 23.00 -19.67 -17.00
C TRP I 36 21.75 -20.52 -17.15
N VAL I 37 21.68 -21.28 -18.23
CA VAL I 37 20.53 -22.11 -18.56
C VAL I 37 21.04 -23.49 -18.95
N ARG I 38 20.58 -24.51 -18.24
CA ARG I 38 21.03 -25.87 -18.47
C ARG I 38 19.91 -26.70 -19.07
N GLN I 39 20.29 -27.66 -19.92
CA GLN I 39 19.34 -28.52 -20.59
C GLN I 39 19.83 -29.96 -20.52
N ALA I 40 19.09 -30.80 -19.83
CA ALA I 40 19.45 -32.21 -19.74
C ALA I 40 19.30 -32.88 -21.10
N PRO I 41 20.07 -33.94 -21.37
CA PRO I 41 20.01 -34.58 -22.68
C PRO I 41 18.60 -34.92 -23.11
N GLY I 42 18.12 -34.27 -24.16
CA GLY I 42 16.77 -34.51 -24.65
C GLY I 42 15.68 -34.12 -23.67
N GLN I 43 15.81 -32.95 -23.05
CA GLN I 43 14.81 -32.46 -22.12
C GLN I 43 14.72 -30.95 -22.23
N ARG I 44 13.86 -30.36 -21.41
CA ARG I 44 13.52 -28.95 -21.52
C ARG I 44 14.66 -28.07 -20.99
N LEU I 45 14.69 -26.85 -21.49
CA LEU I 45 15.63 -25.85 -20.99
C LEU I 45 15.24 -25.44 -19.57
N GLU I 46 16.24 -25.26 -18.72
CA GLU I 46 16.02 -24.92 -17.33
C GLU I 46 16.87 -23.73 -16.94
N TRP I 47 16.23 -22.71 -16.36
CA TRP I 47 16.94 -21.51 -15.94
C TRP I 47 17.53 -21.71 -14.55
N MET I 48 18.77 -21.27 -14.37
CA MET I 48 19.49 -21.43 -13.11
C MET I 48 19.64 -20.12 -12.36
N GLY I 49 20.11 -19.08 -13.03
CA GLY I 49 20.30 -17.79 -12.40
C GLY I 49 21.03 -16.86 -13.34
N TRP I 50 21.27 -15.65 -12.84
CA TRP I 50 22.00 -14.65 -13.62
C TRP I 50 23.01 -13.94 -12.73
N ILE I 51 24.01 -13.38 -13.39
CA ILE I 51 25.04 -12.56 -12.75
C ILE I 51 25.04 -11.21 -13.44
N ASN I 52 25.02 -10.14 -12.66
CA ASN I 52 25.11 -8.78 -13.20
C ASN I 52 26.57 -8.40 -13.23
N ALA I 53 27.16 -8.41 -14.43
CA ALA I 53 28.59 -8.10 -14.56
C ALA I 53 28.93 -6.70 -14.08
N GLY I 54 27.96 -5.78 -14.08
CA GLY I 54 28.25 -4.42 -13.64
C GLY I 54 28.64 -4.35 -12.18
N ASN I 55 27.92 -5.08 -11.32
CA ASN I 55 28.18 -5.01 -9.90
C ASN I 55 28.31 -6.37 -9.23
N GLY I 56 28.28 -7.46 -9.97
CA GLY I 56 28.43 -8.76 -9.39
C GLY I 56 27.21 -9.30 -8.67
N ASN I 57 26.09 -8.60 -8.76
CA ASN I 57 24.85 -9.08 -8.16
C ASN I 57 24.39 -10.36 -8.86
N THR I 58 23.63 -11.17 -8.13
CA THR I 58 23.19 -12.45 -8.65
C THR I 58 21.77 -12.75 -8.20
N LYS I 59 21.09 -13.60 -8.97
CA LYS I 59 19.82 -14.16 -8.55
C LYS I 59 19.76 -15.59 -9.07
N TYR I 60 19.54 -16.54 -8.17
CA TYR I 60 19.49 -17.94 -8.52
C TYR I 60 18.04 -18.45 -8.46
N SER I 61 17.80 -19.52 -9.19
CA SER I 61 16.54 -20.24 -9.05
C SER I 61 16.46 -20.86 -7.66
N GLN I 62 15.24 -20.93 -7.12
CA GLN I 62 15.05 -21.59 -5.83
C GLN I 62 15.69 -22.98 -5.86
N LYS I 63 15.47 -23.71 -6.93
CA LYS I 63 16.31 -24.85 -7.26
C LYS I 63 17.66 -24.34 -7.77
N PHE I 64 18.73 -25.02 -7.39
CA PHE I 64 20.12 -24.63 -7.60
C PHE I 64 20.57 -23.54 -6.64
N GLN I 65 19.68 -22.98 -5.82
CA GLN I 65 20.06 -21.83 -5.00
C GLN I 65 21.22 -22.15 -4.08
N ASP I 66 21.26 -23.36 -3.53
CA ASP I 66 22.27 -23.73 -2.54
C ASP I 66 23.51 -24.36 -3.16
N ARG I 67 23.45 -24.80 -4.41
CA ARG I 67 24.56 -25.47 -5.06
C ARG I 67 25.29 -24.61 -6.08
N VAL I 68 24.58 -23.73 -6.78
CA VAL I 68 25.15 -22.96 -7.88
C VAL I 68 25.74 -21.68 -7.35
N THR I 69 26.94 -21.33 -7.83
CA THR I 69 27.55 -20.05 -7.58
C THR I 69 27.94 -19.45 -8.92
N ILE I 70 27.59 -18.19 -9.13
CA ILE I 70 27.87 -17.49 -10.38
C ILE I 70 28.82 -16.34 -10.06
N THR I 71 29.88 -16.22 -10.85
CA THR I 71 30.88 -15.17 -10.68
C THR I 71 31.27 -14.63 -12.04
N ARG I 72 31.76 -13.39 -12.05
CA ARG I 72 32.22 -12.77 -13.29
C ARG I 72 33.63 -12.24 -13.08
N ASP I 73 34.33 -12.06 -14.20
CA ASP I 73 35.69 -11.53 -14.22
C ASP I 73 35.70 -10.33 -15.17
N THR I 74 35.49 -9.13 -14.62
CA THR I 74 35.40 -7.94 -15.46
C THR I 74 36.63 -7.80 -16.34
N SER I 75 37.81 -8.17 -15.82
CA SER I 75 39.04 -8.02 -16.60
C SER I 75 38.99 -8.86 -17.87
N ALA I 76 38.57 -10.12 -17.76
CA ALA I 76 38.53 -11.02 -18.90
C ALA I 76 37.21 -10.99 -19.65
N SER I 77 36.22 -10.25 -19.15
CA SER I 77 34.87 -10.29 -19.72
C SER I 77 34.34 -11.73 -19.74
N THR I 78 34.56 -12.44 -18.64
CA THR I 78 34.21 -13.84 -18.53
C THR I 78 33.27 -14.04 -17.34
N ALA I 79 32.35 -14.99 -17.49
CA ALA I 79 31.43 -15.37 -16.44
C ALA I 79 31.64 -16.84 -16.08
N TYR I 80 31.40 -17.17 -14.83
CA TYR I 80 31.61 -18.53 -14.34
C TYR I 80 30.36 -19.02 -13.64
N MET I 81 30.10 -20.33 -13.75
CA MET I 81 28.98 -20.96 -13.11
C MET I 81 29.49 -22.19 -12.36
N GLU I 82 29.59 -22.08 -11.04
CA GLU I 82 30.09 -23.16 -10.20
C GLU I 82 28.90 -23.97 -9.68
N LEU I 83 28.89 -25.26 -9.99
CA LEU I 83 27.88 -26.18 -9.47
C LEU I 83 28.59 -27.19 -8.58
N SER I 84 28.21 -27.22 -7.31
CA SER I 84 28.87 -28.05 -6.32
C SER I 84 27.99 -29.24 -5.96
N SER I 85 28.66 -30.34 -5.59
CA SER I 85 27.97 -31.58 -5.24
C SER I 85 27.14 -32.11 -6.40
N LEU I 86 27.83 -32.37 -7.51
CA LEU I 86 27.16 -32.88 -8.69
C LEU I 86 26.48 -34.22 -8.41
N ARG I 87 25.30 -34.41 -8.98
CA ARG I 87 24.59 -35.67 -8.91
C ARG I 87 24.31 -36.17 -10.32
N SER I 88 23.79 -37.39 -10.41
CA SER I 88 23.53 -37.99 -11.72
C SER I 88 22.57 -37.14 -12.55
N GLU I 89 21.70 -36.37 -11.89
CA GLU I 89 20.73 -35.54 -12.58
C GLU I 89 21.34 -34.26 -13.15
N ASP I 90 22.59 -33.95 -12.82
CA ASP I 90 23.21 -32.71 -13.24
C ASP I 90 23.90 -32.80 -14.60
N THR I 91 23.88 -33.97 -15.24
CA THR I 91 24.45 -34.09 -16.58
C THR I 91 23.57 -33.36 -17.58
N ALA I 92 24.11 -32.34 -18.22
CA ALA I 92 23.33 -31.55 -19.16
C ALA I 92 24.24 -30.49 -19.77
N ILE I 93 23.77 -29.89 -20.85
CA ILE I 93 24.45 -28.76 -21.46
C ILE I 93 24.13 -27.51 -20.68
N TYR I 94 25.14 -26.70 -20.40
CA TYR I 94 24.98 -25.47 -19.62
C TYR I 94 25.24 -24.28 -20.53
N TYR I 95 24.17 -23.60 -20.91
CA TYR I 95 24.23 -22.44 -21.80
C TYR I 95 24.35 -21.15 -21.00
N CYS I 96 24.95 -20.15 -21.63
CA CYS I 96 25.01 -18.80 -21.09
C CYS I 96 24.28 -17.87 -22.06
N ALA I 97 23.37 -17.07 -21.53
CA ALA I 97 22.63 -16.10 -22.33
C ALA I 97 22.68 -14.76 -21.64
N ARG I 98 22.75 -13.71 -22.44
CA ARG I 98 22.92 -12.35 -21.94
C ARG I 98 21.60 -11.60 -21.93
N ASP I 99 21.54 -10.57 -21.11
CA ASP I 99 20.43 -9.61 -21.13
C ASP I 99 20.95 -8.29 -20.62
N LYS I 100 20.75 -7.23 -21.39
CA LYS I 100 21.28 -5.92 -21.01
C LYS I 100 20.63 -5.43 -19.73
N VAL I 101 21.44 -4.80 -18.88
CA VAL I 101 20.94 -4.13 -17.67
C VAL I 101 20.55 -2.71 -18.05
N ASP I 102 19.82 -2.03 -17.18
CA ASP I 102 19.41 -0.67 -17.48
C ASP I 102 20.59 0.28 -17.37
N ASP I 103 20.34 1.55 -17.69
CA ASP I 103 21.41 2.55 -17.68
C ASP I 103 21.92 2.84 -16.28
N TYR I 104 21.13 2.59 -15.25
CA TYR I 104 21.60 2.75 -13.88
C TYR I 104 22.66 1.73 -13.51
N GLY I 105 22.78 0.63 -14.27
CA GLY I 105 23.58 -0.49 -13.88
C GLY I 105 22.83 -1.56 -13.10
N ASP I 106 21.59 -1.27 -12.69
CA ASP I 106 20.77 -2.23 -11.98
C ASP I 106 20.07 -3.15 -12.97
N TYR I 107 20.16 -4.46 -12.73
CA TYR I 107 19.49 -5.44 -13.57
C TYR I 107 18.39 -6.10 -12.75
N TRP I 108 17.19 -5.52 -12.78
CA TRP I 108 16.07 -6.18 -12.15
C TRP I 108 14.95 -6.42 -13.17
N PHE I 109 14.59 -5.41 -13.94
CA PHE I 109 13.70 -5.64 -15.08
C PHE I 109 14.52 -6.00 -16.30
N PRO I 110 14.28 -7.15 -16.92
CA PRO I 110 15.02 -7.52 -18.12
C PRO I 110 14.57 -6.69 -19.32
N THR I 111 15.20 -6.94 -20.45
CA THR I 111 14.73 -6.43 -21.73
C THR I 111 13.83 -7.47 -22.38
N LEU I 112 12.90 -7.00 -23.21
CA LEU I 112 11.96 -7.92 -23.83
C LEU I 112 12.68 -9.00 -24.61
N TRP I 113 13.79 -8.65 -25.24
CA TRP I 113 14.60 -9.59 -26.01
C TRP I 113 15.72 -10.21 -25.16
N TYR I 114 15.35 -10.74 -23.99
CA TYR I 114 16.34 -11.43 -23.18
C TYR I 114 16.77 -12.73 -23.86
N PHE I 115 18.00 -13.15 -23.58
CA PHE I 115 18.56 -14.36 -24.14
C PHE I 115 18.67 -14.29 -25.66
N ASP I 116 18.92 -13.09 -26.20
CA ASP I 116 19.02 -12.96 -27.64
C ASP I 116 20.27 -13.65 -28.17
N TYR I 117 21.35 -13.67 -27.40
CA TYR I 117 22.59 -14.31 -27.77
C TYR I 117 22.93 -15.39 -26.75
N TRP I 118 23.28 -16.58 -27.24
CA TRP I 118 23.62 -17.71 -26.40
C TRP I 118 25.04 -18.17 -26.67
N GLY I 119 25.66 -18.75 -25.65
CA GLY I 119 26.89 -19.49 -25.86
C GLY I 119 26.63 -20.80 -26.56
N GLN I 120 27.69 -21.42 -27.06
CA GLN I 120 27.53 -22.66 -27.81
C GLN I 120 26.96 -23.77 -26.94
N GLY I 121 27.25 -23.76 -25.65
CA GLY I 121 26.76 -24.79 -24.75
C GLY I 121 27.86 -25.71 -24.26
N THR I 122 28.00 -25.83 -22.94
CA THR I 122 29.01 -26.68 -22.34
C THR I 122 28.35 -27.92 -21.76
N LEU I 123 28.90 -29.09 -22.09
CA LEU I 123 28.36 -30.37 -21.65
C LEU I 123 29.08 -30.83 -20.40
N VAL I 124 28.32 -31.26 -19.40
CA VAL I 124 28.86 -31.76 -18.15
C VAL I 124 28.19 -33.11 -17.86
N THR I 125 29.00 -34.12 -17.55
CA THR I 125 28.50 -35.45 -17.27
C THR I 125 29.05 -35.92 -15.92
N VAL I 126 28.24 -36.71 -15.22
CA VAL I 126 28.63 -37.24 -13.93
C VAL I 126 28.50 -38.76 -13.91
N SER J 3 6.00 -25.26 -12.19
CA SER J 3 5.80 -23.91 -12.70
C SER J 3 6.19 -23.81 -14.16
N ALA J 4 6.78 -24.88 -14.69
CA ALA J 4 7.19 -24.89 -16.08
C ALA J 4 6.00 -24.60 -17.00
N LEU J 5 6.22 -23.72 -17.96
CA LEU J 5 5.17 -23.45 -18.95
C LEU J 5 4.84 -24.74 -19.69
N THR J 6 3.54 -24.98 -19.86
CA THR J 6 3.07 -26.22 -20.46
C THR J 6 2.93 -26.06 -21.96
N GLN J 7 3.59 -26.93 -22.71
CA GLN J 7 3.47 -26.98 -24.17
C GLN J 7 3.16 -28.40 -24.59
N PRO J 8 2.53 -28.56 -25.76
CA PRO J 8 2.32 -29.91 -26.28
C PRO J 8 3.65 -30.62 -26.48
N ALA J 9 3.66 -31.92 -26.20
CA ALA J 9 4.90 -32.69 -26.31
C ALA J 9 5.44 -32.65 -27.74
N SER J 10 4.55 -32.77 -28.72
CA SER J 10 4.97 -32.83 -30.12
C SER J 10 3.94 -32.13 -30.99
N VAL J 11 4.37 -31.75 -32.19
CA VAL J 11 3.52 -31.11 -33.17
C VAL J 11 4.04 -31.42 -34.56
N SER J 12 3.14 -31.64 -35.50
CA SER J 12 3.51 -31.95 -36.87
C SER J 12 2.58 -31.23 -37.83
N GLY J 13 3.14 -30.74 -38.93
CA GLY J 13 2.37 -30.06 -39.94
C GLY J 13 2.91 -30.26 -41.34
N SER J 14 2.03 -30.45 -42.31
CA SER J 14 2.47 -30.68 -43.67
C SER J 14 3.18 -29.43 -44.21
N PRO J 15 4.19 -29.61 -45.06
CA PRO J 15 4.93 -28.44 -45.57
C PRO J 15 4.01 -27.49 -46.30
N GLY J 16 4.27 -26.19 -46.12
CA GLY J 16 3.47 -25.15 -46.73
C GLY J 16 2.21 -24.79 -45.96
N GLN J 17 1.91 -25.47 -44.87
CA GLN J 17 0.73 -25.20 -44.06
C GLN J 17 1.09 -24.26 -42.91
N SER J 18 0.14 -24.06 -42.01
CA SER J 18 0.34 -23.26 -40.82
C SER J 18 0.08 -24.13 -39.59
N ILE J 19 0.99 -24.07 -38.63
CA ILE J 19 0.92 -24.87 -37.41
C ILE J 19 1.09 -23.94 -36.21
N THR J 20 0.35 -24.23 -35.14
CA THR J 20 0.32 -23.38 -33.96
C THR J 20 0.80 -24.17 -32.74
N ILE J 21 1.51 -23.49 -31.84
CA ILE J 21 2.01 -24.07 -30.61
C ILE J 21 1.48 -23.25 -29.44
N SER J 22 1.13 -23.93 -28.36
CA SER J 22 0.56 -23.28 -27.18
C SER J 22 1.54 -23.33 -26.02
N CYS J 23 1.51 -22.27 -25.20
CA CYS J 23 2.35 -22.15 -24.01
C CYS J 23 1.45 -21.64 -22.87
N THR J 24 0.83 -22.56 -22.16
CA THR J 24 -0.08 -22.20 -21.07
C THR J 24 0.70 -22.03 -19.78
N GLY J 25 0.54 -20.88 -19.14
CA GLY J 25 1.19 -20.62 -17.87
C GLY J 25 0.23 -20.17 -16.80
N THR J 26 0.74 -19.50 -15.78
CA THR J 26 -0.09 -18.97 -14.70
C THR J 26 -0.26 -17.47 -14.88
N SER J 27 -0.95 -16.86 -13.92
CA SER J 27 -1.18 -15.42 -13.95
C SER J 27 0.11 -14.62 -13.75
N SER J 28 1.19 -15.27 -13.34
CA SER J 28 2.45 -14.59 -13.08
C SER J 28 3.43 -14.69 -14.24
N ASP J 29 3.55 -15.86 -14.87
CA ASP J 29 4.57 -16.05 -15.89
C ASP J 29 4.12 -15.54 -17.26
N VAL J 30 3.09 -16.15 -17.84
CA VAL J 30 2.66 -15.82 -19.19
C VAL J 30 1.26 -15.22 -19.24
N GLY J 31 0.58 -15.12 -18.11
CA GLY J 31 -0.73 -14.50 -18.08
C GLY J 31 -0.70 -13.11 -17.48
N GLY J 32 0.45 -12.72 -16.93
CA GLY J 32 0.55 -11.44 -16.24
C GLY J 32 1.43 -10.43 -16.93
N PHE J 33 2.44 -10.89 -17.67
CA PHE J 33 3.42 -10.01 -18.27
C PHE J 33 3.65 -10.39 -19.72
N ASN J 34 4.14 -9.42 -20.49
CA ASN J 34 4.49 -9.62 -21.89
C ASN J 34 5.93 -10.08 -22.07
N TYR J 35 6.52 -10.71 -21.06
CA TYR J 35 7.86 -11.25 -21.17
C TYR J 35 7.84 -12.66 -21.77
N VAL J 36 7.14 -12.82 -22.87
CA VAL J 36 6.97 -14.12 -23.52
C VAL J 36 7.93 -14.20 -24.69
N SER J 37 8.75 -15.24 -24.71
CA SER J 37 9.75 -15.43 -25.75
C SER J 37 9.69 -16.86 -26.24
N TRP J 38 9.90 -17.04 -27.54
CA TRP J 38 9.92 -18.35 -28.16
C TRP J 38 11.32 -18.62 -28.68
N PHE J 39 11.87 -19.78 -28.31
CA PHE J 39 13.22 -20.17 -28.68
C PHE J 39 13.16 -21.41 -29.56
N GLN J 40 13.88 -21.36 -30.68
CA GLN J 40 13.99 -22.49 -31.59
C GLN J 40 15.38 -23.11 -31.44
N GLN J 41 15.42 -24.42 -31.19
CA GLN J 41 16.68 -25.11 -30.94
C GLN J 41 16.78 -26.29 -31.91
N HIS J 42 17.68 -26.18 -32.87
CA HIS J 42 17.99 -27.31 -33.73
C HIS J 42 18.90 -28.29 -32.99
N PRO J 43 18.88 -29.56 -33.38
CA PRO J 43 19.65 -30.56 -32.63
C PRO J 43 21.13 -30.19 -32.58
N GLY J 44 21.71 -30.32 -31.39
CA GLY J 44 23.12 -30.02 -31.22
C GLY J 44 23.48 -28.55 -31.25
N LYS J 45 22.50 -27.67 -31.11
CA LYS J 45 22.74 -26.23 -31.19
C LYS J 45 22.05 -25.52 -30.03
N ALA J 46 22.55 -24.34 -29.71
CA ALA J 46 21.96 -23.53 -28.67
C ALA J 46 20.61 -22.97 -29.12
N PRO J 47 19.74 -22.62 -28.18
CA PRO J 47 18.44 -22.07 -28.54
C PRO J 47 18.59 -20.74 -29.29
N LYS J 48 17.66 -20.51 -30.21
CA LYS J 48 17.64 -19.30 -31.03
C LYS J 48 16.37 -18.53 -30.73
N LEU J 49 16.52 -17.25 -30.38
CA LEU J 49 15.37 -16.42 -30.05
C LEU J 49 14.54 -16.21 -31.30
N MET J 50 13.32 -16.76 -31.30
CA MET J 50 12.42 -16.64 -32.45
C MET J 50 11.44 -15.50 -32.29
N LEU J 51 10.87 -15.34 -31.10
CA LEU J 51 9.94 -14.26 -30.82
C LEU J 51 10.24 -13.71 -29.43
N TYR J 52 9.83 -12.47 -29.20
CA TYR J 52 9.96 -11.85 -27.90
C TYR J 52 8.87 -10.79 -27.78
N ASP J 53 8.60 -10.37 -26.54
CA ASP J 53 7.47 -9.48 -26.28
C ASP J 53 6.20 -10.06 -26.89
N VAL J 54 6.04 -11.37 -26.74
CA VAL J 54 4.92 -12.11 -27.31
C VAL J 54 5.09 -12.26 -28.81
N THR J 55 5.01 -11.13 -29.53
CA THR J 55 4.91 -11.14 -30.98
C THR J 55 6.16 -10.67 -31.71
N SER J 56 6.92 -9.73 -31.14
CA SER J 56 8.07 -9.18 -31.84
C SER J 56 9.06 -10.28 -32.18
N ARG J 57 9.60 -10.24 -33.40
CA ARG J 57 10.56 -11.25 -33.79
C ARG J 57 11.91 -10.62 -34.05
N PRO J 58 13.00 -11.33 -33.73
CA PRO J 58 14.35 -10.81 -33.95
C PRO J 58 14.56 -10.32 -35.37
N SER J 59 15.65 -9.57 -35.55
CA SER J 59 15.92 -8.95 -36.85
C SER J 59 16.10 -10.00 -37.94
N GLY J 60 16.90 -11.04 -37.66
CA GLY J 60 17.10 -12.08 -38.65
C GLY J 60 15.97 -13.07 -38.76
N VAL J 61 15.10 -13.13 -37.75
CA VAL J 61 14.02 -14.11 -37.74
C VAL J 61 13.04 -13.81 -38.86
N SER J 62 12.64 -14.85 -39.59
CA SER J 62 11.69 -14.69 -40.67
C SER J 62 10.40 -14.03 -40.17
N SER J 63 9.63 -13.49 -41.11
CA SER J 63 8.32 -12.96 -40.79
C SER J 63 7.24 -14.03 -40.83
N ARG J 64 7.59 -15.27 -41.19
CA ARG J 64 6.64 -16.36 -41.14
C ARG J 64 6.23 -16.72 -39.72
N PHE J 65 7.02 -16.31 -38.73
CA PHE J 65 6.76 -16.64 -37.34
C PHE J 65 5.94 -15.52 -36.69
N SER J 66 4.80 -15.89 -36.12
CA SER J 66 3.89 -14.95 -35.49
C SER J 66 3.54 -15.45 -34.10
N GLY J 67 3.46 -14.53 -33.16
CA GLY J 67 3.15 -14.88 -31.77
C GLY J 67 1.86 -14.21 -31.32
N SER J 68 1.10 -14.93 -30.49
CA SER J 68 -0.12 -14.40 -29.92
C SER J 68 -0.19 -14.79 -28.45
N LYS J 69 -0.93 -14.00 -27.67
CA LYS J 69 -1.11 -14.27 -26.26
C LYS J 69 -2.56 -14.00 -25.90
N SER J 70 -3.17 -14.91 -25.15
CA SER J 70 -4.56 -14.77 -24.72
C SER J 70 -4.67 -15.28 -23.29
N GLY J 71 -4.97 -14.38 -22.36
CA GLY J 71 -5.08 -14.79 -20.97
C GLY J 71 -3.76 -15.37 -20.48
N ASN J 72 -3.81 -16.60 -20.00
CA ASN J 72 -2.63 -17.28 -19.49
C ASN J 72 -1.91 -18.10 -20.55
N THR J 73 -2.29 -17.96 -21.81
CA THR J 73 -1.75 -18.78 -22.89
C THR J 73 -1.13 -17.91 -23.97
N ALA J 74 0.08 -18.26 -24.39
CA ALA J 74 0.75 -17.63 -25.51
C ALA J 74 0.95 -18.67 -26.61
N SER J 75 0.74 -18.26 -27.86
CA SER J 75 0.76 -19.17 -29.00
C SER J 75 1.79 -18.70 -30.03
N LEU J 76 2.46 -19.67 -30.64
CA LEU J 76 3.39 -19.44 -31.74
C LEU J 76 2.85 -20.12 -32.98
N THR J 77 2.84 -19.40 -34.10
CA THR J 77 2.32 -19.92 -35.36
C THR J 77 3.39 -19.84 -36.44
N ILE J 78 3.47 -20.87 -37.26
CA ILE J 78 4.38 -20.94 -38.40
C ILE J 78 3.53 -21.07 -39.67
N SER J 79 3.82 -20.23 -40.65
CA SER J 79 2.98 -20.14 -41.84
C SER J 79 3.54 -20.88 -43.05
N GLY J 80 4.85 -20.92 -43.22
CA GLY J 80 5.43 -21.58 -44.38
C GLY J 80 5.64 -23.06 -44.19
N LEU J 81 5.97 -23.47 -42.97
CA LEU J 81 6.25 -24.88 -42.66
C LEU J 81 7.29 -25.45 -43.62
N GLN J 82 8.42 -24.76 -43.72
CA GLN J 82 9.54 -25.27 -44.49
C GLN J 82 10.24 -26.38 -43.72
N ALA J 83 11.05 -27.16 -44.45
CA ALA J 83 11.80 -28.24 -43.81
C ALA J 83 12.77 -27.71 -42.77
N GLU J 84 13.33 -26.53 -43.02
CA GLU J 84 14.24 -25.92 -42.05
C GLU J 84 13.55 -25.50 -40.77
N ASP J 85 12.21 -25.44 -40.77
CA ASP J 85 11.48 -25.06 -39.58
C ASP J 85 11.34 -26.21 -38.59
N GLU J 86 11.57 -27.44 -39.03
CA GLU J 86 11.47 -28.59 -38.14
C GLU J 86 12.55 -28.52 -37.07
N ALA J 87 12.15 -28.24 -35.84
CA ALA J 87 13.07 -28.10 -34.73
C ALA J 87 12.29 -28.27 -33.44
N ASP J 88 12.94 -27.95 -32.33
CA ASP J 88 12.32 -28.01 -31.01
C ASP J 88 12.15 -26.59 -30.49
N TYR J 89 10.92 -26.25 -30.10
CA TYR J 89 10.57 -24.88 -29.77
C TYR J 89 10.24 -24.77 -28.29
N TYR J 90 10.90 -23.83 -27.61
CA TYR J 90 10.75 -23.63 -26.18
C TYR J 90 10.15 -22.26 -25.91
N CYS J 91 9.22 -22.22 -24.96
CA CYS J 91 8.57 -20.98 -24.54
C CYS J 91 9.05 -20.60 -23.15
N SER J 92 9.39 -19.32 -22.97
CA SER J 92 9.90 -18.83 -21.71
C SER J 92 9.19 -17.54 -21.34
N SER J 93 9.14 -17.28 -20.03
CA SER J 93 8.53 -16.06 -19.53
C SER J 93 9.27 -15.60 -18.29
N HIS J 94 9.39 -14.29 -18.13
CA HIS J 94 9.95 -13.71 -16.92
C HIS J 94 8.82 -13.53 -15.92
N THR J 95 8.92 -14.23 -14.79
CA THR J 95 7.83 -14.33 -13.84
C THR J 95 7.79 -13.11 -12.92
N SER J 96 6.71 -13.03 -12.14
CA SER J 96 6.52 -11.91 -11.23
C SER J 96 7.53 -11.90 -10.11
N ARG J 97 8.12 -13.05 -9.78
CA ARG J 97 9.10 -13.14 -8.71
C ARG J 97 10.52 -12.88 -9.19
N GLY J 98 10.71 -12.57 -10.47
CA GLY J 98 12.02 -12.24 -10.99
C GLY J 98 12.82 -13.39 -11.55
N THR J 99 12.20 -14.53 -11.80
CA THR J 99 12.87 -15.69 -12.37
C THR J 99 12.35 -15.95 -13.78
N TRP J 100 13.01 -16.90 -14.45
CA TRP J 100 12.65 -17.29 -15.81
C TRP J 100 12.16 -18.73 -15.79
N VAL J 101 11.02 -18.98 -16.40
CA VAL J 101 10.44 -20.31 -16.52
C VAL J 101 10.39 -20.67 -18.00
N PHE J 102 10.65 -21.92 -18.30
CA PHE J 102 10.70 -22.41 -19.67
C PHE J 102 9.62 -23.45 -19.90
N GLY J 103 9.14 -23.52 -21.13
CA GLY J 103 8.21 -24.56 -21.51
C GLY J 103 8.89 -25.90 -21.62
N GLY J 104 8.06 -26.94 -21.70
CA GLY J 104 8.60 -28.28 -21.89
C GLY J 104 9.14 -28.54 -23.27
N GLY J 105 8.86 -27.65 -24.22
CA GLY J 105 9.36 -27.79 -25.57
C GLY J 105 8.50 -28.69 -26.44
N THR J 106 8.20 -28.24 -27.65
CA THR J 106 7.44 -29.01 -28.61
C THR J 106 8.32 -29.33 -29.81
N LYS J 107 8.29 -30.58 -30.25
CA LYS J 107 9.04 -30.98 -31.43
C LYS J 107 8.14 -30.88 -32.65
N LEU J 108 8.49 -29.99 -33.57
CA LEU J 108 7.72 -29.78 -34.80
C LEU J 108 8.31 -30.64 -35.90
N THR J 109 7.46 -31.41 -36.56
CA THR J 109 7.86 -32.28 -37.67
C THR J 109 7.00 -31.95 -38.88
N VAL J 110 7.64 -31.77 -40.04
CA VAL J 110 6.92 -31.42 -41.25
C VAL J 110 6.11 -32.62 -41.76
N LEU J 111 6.71 -33.80 -41.78
CA LEU J 111 6.04 -34.98 -42.34
C LEU J 111 4.80 -35.33 -41.52
#